data_3R54
# 
_entry.id   3R54 
# 
_audit_conform.dict_name       mmcif_pdbx.dic 
_audit_conform.dict_version    5.387 
_audit_conform.dict_location   http://mmcif.pdb.org/dictionaries/ascii/mmcif_pdbx.dic 
# 
loop_
_database_2.database_id 
_database_2.database_code 
_database_2.pdbx_database_accession 
_database_2.pdbx_DOI 
PDB   3R54         pdb_00003r54 10.2210/pdb3r54/pdb 
RCSB  RCSB064500   ?            ?                   
WWPDB D_1000064500 ?            ?                   
# 
loop_
_pdbx_audit_revision_history.ordinal 
_pdbx_audit_revision_history.data_content_type 
_pdbx_audit_revision_history.major_revision 
_pdbx_audit_revision_history.minor_revision 
_pdbx_audit_revision_history.revision_date 
1 'Structure model' 1 0 2012-03-21 
2 'Structure model' 1 1 2016-10-19 
3 'Structure model' 1 2 2024-02-21 
# 
_pdbx_audit_revision_details.ordinal             1 
_pdbx_audit_revision_details.revision_ordinal    1 
_pdbx_audit_revision_details.data_content_type   'Structure model' 
_pdbx_audit_revision_details.provider            repository 
_pdbx_audit_revision_details.type                'Initial release' 
_pdbx_audit_revision_details.description         ? 
_pdbx_audit_revision_details.details             ? 
# 
loop_
_pdbx_audit_revision_group.ordinal 
_pdbx_audit_revision_group.revision_ordinal 
_pdbx_audit_revision_group.data_content_type 
_pdbx_audit_revision_group.group 
1 2 'Structure model' 'Database references'  
2 3 'Structure model' 'Data collection'      
3 3 'Structure model' 'Database references'  
4 3 'Structure model' 'Derived calculations' 
# 
loop_
_pdbx_audit_revision_category.ordinal 
_pdbx_audit_revision_category.revision_ordinal 
_pdbx_audit_revision_category.data_content_type 
_pdbx_audit_revision_category.category 
1 3 'Structure model' chem_comp_atom               
2 3 'Structure model' chem_comp_bond               
3 3 'Structure model' database_2                   
4 3 'Structure model' pdbx_struct_special_symmetry 
5 3 'Structure model' struct_ref_seq_dif           
6 3 'Structure model' struct_site                  
# 
loop_
_pdbx_audit_revision_item.ordinal 
_pdbx_audit_revision_item.revision_ordinal 
_pdbx_audit_revision_item.data_content_type 
_pdbx_audit_revision_item.item 
1 3 'Structure model' '_database_2.pdbx_DOI'                
2 3 'Structure model' '_database_2.pdbx_database_accession' 
3 3 'Structure model' '_struct_ref_seq_dif.details'         
4 3 'Structure model' '_struct_site.pdbx_auth_asym_id'      
5 3 'Structure model' '_struct_site.pdbx_auth_comp_id'      
6 3 'Structure model' '_struct_site.pdbx_auth_seq_id'       
# 
_pdbx_database_status.status_code                     REL 
_pdbx_database_status.entry_id                        3R54 
_pdbx_database_status.recvd_initial_deposition_date   2011-03-18 
_pdbx_database_status.deposit_site                    RCSB 
_pdbx_database_status.process_site                    RCSB 
_pdbx_database_status.status_code_sf                  REL 
_pdbx_database_status.status_code_mr                  ? 
_pdbx_database_status.SG_entry                        ? 
_pdbx_database_status.status_code_cs                  ? 
_pdbx_database_status.pdb_format_compatible           Y 
_pdbx_database_status.status_code_nmr_data            ? 
_pdbx_database_status.methods_development_category    ? 
# 
loop_
_pdbx_database_related.db_name 
_pdbx_database_related.db_id 
_pdbx_database_related.details 
_pdbx_database_related.content_type 
PDB 3R49 . unspecified 
PDB 3R4G . unspecified 
PDB 3R56 . unspecified 
PDB 3R57 . unspecified 
PDB 3R59 . unspecified 
PDB 3RCF . unspecified 
PDB 3RCG . unspecified 
PDB 3RCI . unspecified 
PDB 3RCK . unspecified 
PDB 3RCL . unspecified 
PDB 3RD9 . unspecified 
PDB 3RDA . unspecified 
PDB 3RDB . unspecified 
PDB 3RDC . unspecified 
PDB 3RDD . unspecified 
# 
loop_
_audit_author.name 
_audit_author.pdbx_ordinal 
'Colliandre, L.'     1 
'Ahmed-Belkacem, H.' 2 
'Bessin, Y.'         3 
'Pawlotsky, J.M.'    4 
'Guichou, J.F.'      5 
# 
_citation.id                        primary 
_citation.title                     
'Fragment-based discovery of a new family of non-peptidic small-molecule cyclophilin inhibitors with potent antiviral activities.' 
_citation.journal_abbrev            'Nat Commun' 
_citation.journal_volume            7 
_citation.page_first                12777 
_citation.page_last                 12777 
_citation.year                      2016 
_citation.journal_id_ASTM           ? 
_citation.country                   UK 
_citation.journal_id_ISSN           2041-1723 
_citation.journal_id_CSD            ? 
_citation.book_publisher            ? 
_citation.pdbx_database_id_PubMed   27652979 
_citation.pdbx_database_id_DOI      10.1038/ncomms12777 
# 
loop_
_citation_author.citation_id 
_citation_author.name 
_citation_author.ordinal 
_citation_author.identifier_ORCID 
primary 'Ahmed-Belkacem, A.' 1  ? 
primary 'Colliandre, L.'     2  ? 
primary 'Ahnou, N.'          3  ? 
primary 'Nevers, Q.'         4  ? 
primary 'Gelin, M.'          5  ? 
primary 'Bessin, Y.'         6  ? 
primary 'Brillet, R.'        7  ? 
primary 'Cala, O.'           8  ? 
primary 'Douguet, D.'        9  ? 
primary 'Bourguet, W.'       10 ? 
primary 'Krimm, I.'          11 ? 
primary 'Pawlotsky, J.M.'    12 ? 
primary 'Guichou, J.F.'      13 ? 
# 
loop_
_entity.id 
_entity.type 
_entity.src_method 
_entity.pdbx_description 
_entity.formula_weight 
_entity.pdbx_number_of_molecules 
_entity.pdbx_ec 
_entity.pdbx_mutation 
_entity.pdbx_fragment 
_entity.details 
1 polymer     man 'Peptidyl-prolyl cis-trans isomerase F, mitochondrial' 17870.400 1   5.2.1.8 K175I 'UNP residues 43-207' ? 
2 non-polymer syn pyrrolidine-1-carbaldehyde                             99.131    1   ?       ?     ?                     ? 
3 water       nat water                                                  18.015    435 ?       ?     ?                     ? 
# 
_entity_name_com.entity_id   1 
_entity_name_com.name        'Cyclophilin F, PPIase F, Rotamase F' 
# 
_entity_poly.entity_id                      1 
_entity_poly.type                           'polypeptide(L)' 
_entity_poly.nstd_linkage                   no 
_entity_poly.nstd_monomer                   no 
_entity_poly.pdbx_seq_one_letter_code       
;MSGNPLVYLDVDANGKPLGRVVLELKADVVPKTAENFRALCTGEKGFGYKGSTFHRVIPSFMCQAGDFTNHNGTGGKSIY
GSRFPDENFTLKHVGPGVLSMANAGPNTNGSQFFICTIKTDWLDGKHVVFGHVIEGMDVVKKIESFGSKSGRTSKKIVIT
DCGQLS
;
_entity_poly.pdbx_seq_one_letter_code_can   
;MSGNPLVYLDVDANGKPLGRVVLELKADVVPKTAENFRALCTGEKGFGYKGSTFHRVIPSFMCQAGDFTNHNGTGGKSIY
GSRFPDENFTLKHVGPGVLSMANAGPNTNGSQFFICTIKTDWLDGKHVVFGHVIEGMDVVKKIESFGSKSGRTSKKIVIT
DCGQLS
;
_entity_poly.pdbx_strand_id                 A 
_entity_poly.pdbx_target_identifier         ? 
# 
loop_
_pdbx_entity_nonpoly.entity_id 
_pdbx_entity_nonpoly.name 
_pdbx_entity_nonpoly.comp_id 
2 pyrrolidine-1-carbaldehyde FP6 
3 water                      HOH 
# 
loop_
_entity_poly_seq.entity_id 
_entity_poly_seq.num 
_entity_poly_seq.mon_id 
_entity_poly_seq.hetero 
1 1   MET n 
1 2   SER n 
1 3   GLY n 
1 4   ASN n 
1 5   PRO n 
1 6   LEU n 
1 7   VAL n 
1 8   TYR n 
1 9   LEU n 
1 10  ASP n 
1 11  VAL n 
1 12  ASP n 
1 13  ALA n 
1 14  ASN n 
1 15  GLY n 
1 16  LYS n 
1 17  PRO n 
1 18  LEU n 
1 19  GLY n 
1 20  ARG n 
1 21  VAL n 
1 22  VAL n 
1 23  LEU n 
1 24  GLU n 
1 25  LEU n 
1 26  LYS n 
1 27  ALA n 
1 28  ASP n 
1 29  VAL n 
1 30  VAL n 
1 31  PRO n 
1 32  LYS n 
1 33  THR n 
1 34  ALA n 
1 35  GLU n 
1 36  ASN n 
1 37  PHE n 
1 38  ARG n 
1 39  ALA n 
1 40  LEU n 
1 41  CYS n 
1 42  THR n 
1 43  GLY n 
1 44  GLU n 
1 45  LYS n 
1 46  GLY n 
1 47  PHE n 
1 48  GLY n 
1 49  TYR n 
1 50  LYS n 
1 51  GLY n 
1 52  SER n 
1 53  THR n 
1 54  PHE n 
1 55  HIS n 
1 56  ARG n 
1 57  VAL n 
1 58  ILE n 
1 59  PRO n 
1 60  SER n 
1 61  PHE n 
1 62  MET n 
1 63  CYS n 
1 64  GLN n 
1 65  ALA n 
1 66  GLY n 
1 67  ASP n 
1 68  PHE n 
1 69  THR n 
1 70  ASN n 
1 71  HIS n 
1 72  ASN n 
1 73  GLY n 
1 74  THR n 
1 75  GLY n 
1 76  GLY n 
1 77  LYS n 
1 78  SER n 
1 79  ILE n 
1 80  TYR n 
1 81  GLY n 
1 82  SER n 
1 83  ARG n 
1 84  PHE n 
1 85  PRO n 
1 86  ASP n 
1 87  GLU n 
1 88  ASN n 
1 89  PHE n 
1 90  THR n 
1 91  LEU n 
1 92  LYS n 
1 93  HIS n 
1 94  VAL n 
1 95  GLY n 
1 96  PRO n 
1 97  GLY n 
1 98  VAL n 
1 99  LEU n 
1 100 SER n 
1 101 MET n 
1 102 ALA n 
1 103 ASN n 
1 104 ALA n 
1 105 GLY n 
1 106 PRO n 
1 107 ASN n 
1 108 THR n 
1 109 ASN n 
1 110 GLY n 
1 111 SER n 
1 112 GLN n 
1 113 PHE n 
1 114 PHE n 
1 115 ILE n 
1 116 CYS n 
1 117 THR n 
1 118 ILE n 
1 119 LYS n 
1 120 THR n 
1 121 ASP n 
1 122 TRP n 
1 123 LEU n 
1 124 ASP n 
1 125 GLY n 
1 126 LYS n 
1 127 HIS n 
1 128 VAL n 
1 129 VAL n 
1 130 PHE n 
1 131 GLY n 
1 132 HIS n 
1 133 VAL n 
1 134 ILE n 
1 135 GLU n 
1 136 GLY n 
1 137 MET n 
1 138 ASP n 
1 139 VAL n 
1 140 VAL n 
1 141 LYS n 
1 142 LYS n 
1 143 ILE n 
1 144 GLU n 
1 145 SER n 
1 146 PHE n 
1 147 GLY n 
1 148 SER n 
1 149 LYS n 
1 150 SER n 
1 151 GLY n 
1 152 ARG n 
1 153 THR n 
1 154 SER n 
1 155 LYS n 
1 156 LYS n 
1 157 ILE n 
1 158 VAL n 
1 159 ILE n 
1 160 THR n 
1 161 ASP n 
1 162 CYS n 
1 163 GLY n 
1 164 GLN n 
1 165 LEU n 
1 166 SER n 
# 
_entity_src_gen.entity_id                          1 
_entity_src_gen.pdbx_src_id                        1 
_entity_src_gen.pdbx_alt_source_flag               sample 
_entity_src_gen.pdbx_seq_type                      ? 
_entity_src_gen.pdbx_beg_seq_num                   ? 
_entity_src_gen.pdbx_end_seq_num                   ? 
_entity_src_gen.gene_src_common_name               human 
_entity_src_gen.gene_src_genus                     ? 
_entity_src_gen.pdbx_gene_src_gene                 'PPIF, CYP3' 
_entity_src_gen.gene_src_species                   ? 
_entity_src_gen.gene_src_strain                    ? 
_entity_src_gen.gene_src_tissue                    ? 
_entity_src_gen.gene_src_tissue_fraction           ? 
_entity_src_gen.gene_src_details                   ? 
_entity_src_gen.pdbx_gene_src_fragment             ? 
_entity_src_gen.pdbx_gene_src_scientific_name      'Homo sapiens' 
_entity_src_gen.pdbx_gene_src_ncbi_taxonomy_id     9606 
_entity_src_gen.pdbx_gene_src_variant              ? 
_entity_src_gen.pdbx_gene_src_cell_line            ? 
_entity_src_gen.pdbx_gene_src_atcc                 ? 
_entity_src_gen.pdbx_gene_src_organ                ? 
_entity_src_gen.pdbx_gene_src_organelle            ? 
_entity_src_gen.pdbx_gene_src_cell                 ? 
_entity_src_gen.pdbx_gene_src_cellular_location    ? 
_entity_src_gen.host_org_common_name               ? 
_entity_src_gen.pdbx_host_org_scientific_name      'Escherichia coli' 
_entity_src_gen.pdbx_host_org_ncbi_taxonomy_id     562 
_entity_src_gen.host_org_genus                     ? 
_entity_src_gen.pdbx_host_org_gene                 ? 
_entity_src_gen.pdbx_host_org_organ                ? 
_entity_src_gen.host_org_species                   ? 
_entity_src_gen.pdbx_host_org_tissue               ? 
_entity_src_gen.pdbx_host_org_tissue_fraction      ? 
_entity_src_gen.pdbx_host_org_strain               ? 
_entity_src_gen.pdbx_host_org_variant              ? 
_entity_src_gen.pdbx_host_org_cell_line            ? 
_entity_src_gen.pdbx_host_org_atcc                 ? 
_entity_src_gen.pdbx_host_org_culture_collection   ? 
_entity_src_gen.pdbx_host_org_cell                 ? 
_entity_src_gen.pdbx_host_org_organelle            ? 
_entity_src_gen.pdbx_host_org_cellular_location    ? 
_entity_src_gen.pdbx_host_org_vector_type          ? 
_entity_src_gen.pdbx_host_org_vector               ? 
_entity_src_gen.host_org_details                   ? 
_entity_src_gen.expression_system_id               ? 
_entity_src_gen.plasmid_name                       ? 
_entity_src_gen.plasmid_details                    ? 
_entity_src_gen.pdbx_description                   ? 
# 
loop_
_chem_comp.id 
_chem_comp.type 
_chem_comp.mon_nstd_flag 
_chem_comp.name 
_chem_comp.pdbx_synonyms 
_chem_comp.formula 
_chem_comp.formula_weight 
ALA 'L-peptide linking' y ALANINE                    ? 'C3 H7 N O2'     89.093  
ARG 'L-peptide linking' y ARGININE                   ? 'C6 H15 N4 O2 1' 175.209 
ASN 'L-peptide linking' y ASPARAGINE                 ? 'C4 H8 N2 O3'    132.118 
ASP 'L-peptide linking' y 'ASPARTIC ACID'            ? 'C4 H7 N O4'     133.103 
CYS 'L-peptide linking' y CYSTEINE                   ? 'C3 H7 N O2 S'   121.158 
FP6 non-polymer         . pyrrolidine-1-carbaldehyde ? 'C5 H9 N O'      99.131  
GLN 'L-peptide linking' y GLUTAMINE                  ? 'C5 H10 N2 O3'   146.144 
GLU 'L-peptide linking' y 'GLUTAMIC ACID'            ? 'C5 H9 N O4'     147.129 
GLY 'peptide linking'   y GLYCINE                    ? 'C2 H5 N O2'     75.067  
HIS 'L-peptide linking' y HISTIDINE                  ? 'C6 H10 N3 O2 1' 156.162 
HOH non-polymer         . WATER                      ? 'H2 O'           18.015  
ILE 'L-peptide linking' y ISOLEUCINE                 ? 'C6 H13 N O2'    131.173 
LEU 'L-peptide linking' y LEUCINE                    ? 'C6 H13 N O2'    131.173 
LYS 'L-peptide linking' y LYSINE                     ? 'C6 H15 N2 O2 1' 147.195 
MET 'L-peptide linking' y METHIONINE                 ? 'C5 H11 N O2 S'  149.211 
PHE 'L-peptide linking' y PHENYLALANINE              ? 'C9 H11 N O2'    165.189 
PRO 'L-peptide linking' y PROLINE                    ? 'C5 H9 N O2'     115.130 
SER 'L-peptide linking' y SERINE                     ? 'C3 H7 N O3'     105.093 
THR 'L-peptide linking' y THREONINE                  ? 'C4 H9 N O3'     119.119 
TRP 'L-peptide linking' y TRYPTOPHAN                 ? 'C11 H12 N2 O2'  204.225 
TYR 'L-peptide linking' y TYROSINE                   ? 'C9 H11 N O3'    181.189 
VAL 'L-peptide linking' y VALINE                     ? 'C5 H11 N O2'    117.146 
# 
loop_
_pdbx_poly_seq_scheme.asym_id 
_pdbx_poly_seq_scheme.entity_id 
_pdbx_poly_seq_scheme.seq_id 
_pdbx_poly_seq_scheme.mon_id 
_pdbx_poly_seq_scheme.ndb_seq_num 
_pdbx_poly_seq_scheme.pdb_seq_num 
_pdbx_poly_seq_scheme.auth_seq_num 
_pdbx_poly_seq_scheme.pdb_mon_id 
_pdbx_poly_seq_scheme.auth_mon_id 
_pdbx_poly_seq_scheme.pdb_strand_id 
_pdbx_poly_seq_scheme.pdb_ins_code 
_pdbx_poly_seq_scheme.hetero 
A 1 1   MET 1   42  ?   ?   ?   A . n 
A 1 2   SER 2   43  ?   ?   ?   A . n 
A 1 3   GLY 3   44  44  GLY GLY A . n 
A 1 4   ASN 4   45  45  ASN ASN A . n 
A 1 5   PRO 5   46  46  PRO PRO A . n 
A 1 6   LEU 6   47  47  LEU LEU A . n 
A 1 7   VAL 7   48  48  VAL VAL A . n 
A 1 8   TYR 8   49  49  TYR TYR A . n 
A 1 9   LEU 9   50  50  LEU LEU A . n 
A 1 10  ASP 10  51  51  ASP ASP A . n 
A 1 11  VAL 11  52  52  VAL VAL A . n 
A 1 12  ASP 12  53  53  ASP ASP A . n 
A 1 13  ALA 13  54  54  ALA ALA A . n 
A 1 14  ASN 14  55  55  ASN ASN A . n 
A 1 15  GLY 15  56  56  GLY GLY A . n 
A 1 16  LYS 16  57  57  LYS LYS A . n 
A 1 17  PRO 17  58  58  PRO PRO A . n 
A 1 18  LEU 18  59  59  LEU LEU A . n 
A 1 19  GLY 19  60  60  GLY GLY A . n 
A 1 20  ARG 20  61  61  ARG ARG A . n 
A 1 21  VAL 21  62  62  VAL VAL A . n 
A 1 22  VAL 22  63  63  VAL VAL A . n 
A 1 23  LEU 23  64  64  LEU LEU A . n 
A 1 24  GLU 24  65  65  GLU GLU A . n 
A 1 25  LEU 25  66  66  LEU LEU A . n 
A 1 26  LYS 26  67  67  LYS LYS A . n 
A 1 27  ALA 27  68  68  ALA ALA A . n 
A 1 28  ASP 28  69  69  ASP ASP A . n 
A 1 29  VAL 29  70  70  VAL VAL A . n 
A 1 30  VAL 30  71  71  VAL VAL A . n 
A 1 31  PRO 31  72  72  PRO PRO A . n 
A 1 32  LYS 32  73  73  LYS LYS A . n 
A 1 33  THR 33  74  74  THR THR A . n 
A 1 34  ALA 34  75  75  ALA ALA A . n 
A 1 35  GLU 35  76  76  GLU GLU A . n 
A 1 36  ASN 36  77  77  ASN ASN A . n 
A 1 37  PHE 37  78  78  PHE PHE A . n 
A 1 38  ARG 38  79  79  ARG ARG A . n 
A 1 39  ALA 39  80  80  ALA ALA A . n 
A 1 40  LEU 40  81  81  LEU LEU A . n 
A 1 41  CYS 41  82  82  CYS CYS A . n 
A 1 42  THR 42  83  83  THR THR A . n 
A 1 43  GLY 43  84  84  GLY GLY A . n 
A 1 44  GLU 44  85  85  GLU GLU A . n 
A 1 45  LYS 45  86  86  LYS LYS A . n 
A 1 46  GLY 46  87  87  GLY GLY A . n 
A 1 47  PHE 47  88  88  PHE PHE A . n 
A 1 48  GLY 48  89  89  GLY GLY A . n 
A 1 49  TYR 49  90  90  TYR TYR A . n 
A 1 50  LYS 50  91  91  LYS LYS A . n 
A 1 51  GLY 51  92  92  GLY GLY A . n 
A 1 52  SER 52  93  93  SER SER A . n 
A 1 53  THR 53  94  94  THR THR A . n 
A 1 54  PHE 54  95  95  PHE PHE A . n 
A 1 55  HIS 55  96  96  HIS HIS A . n 
A 1 56  ARG 56  97  97  ARG ARG A . n 
A 1 57  VAL 57  98  98  VAL VAL A . n 
A 1 58  ILE 58  99  99  ILE ILE A . n 
A 1 59  PRO 59  100 100 PRO PRO A . n 
A 1 60  SER 60  101 101 SER SER A . n 
A 1 61  PHE 61  102 102 PHE PHE A . n 
A 1 62  MET 62  103 103 MET MET A . n 
A 1 63  CYS 63  104 104 CYS CYS A . n 
A 1 64  GLN 64  105 105 GLN GLN A . n 
A 1 65  ALA 65  106 106 ALA ALA A . n 
A 1 66  GLY 66  107 107 GLY GLY A . n 
A 1 67  ASP 67  108 108 ASP ASP A . n 
A 1 68  PHE 68  109 109 PHE PHE A . n 
A 1 69  THR 69  110 110 THR THR A . n 
A 1 70  ASN 70  111 111 ASN ASN A . n 
A 1 71  HIS 71  112 112 HIS HIS A . n 
A 1 72  ASN 72  113 113 ASN ASN A . n 
A 1 73  GLY 73  114 114 GLY GLY A . n 
A 1 74  THR 74  115 115 THR THR A . n 
A 1 75  GLY 75  116 116 GLY GLY A . n 
A 1 76  GLY 76  117 117 GLY GLY A . n 
A 1 77  LYS 77  118 118 LYS LYS A . n 
A 1 78  SER 78  119 119 SER SER A . n 
A 1 79  ILE 79  120 120 ILE ILE A . n 
A 1 80  TYR 80  121 121 TYR TYR A . n 
A 1 81  GLY 81  122 122 GLY GLY A . n 
A 1 82  SER 82  123 123 SER SER A . n 
A 1 83  ARG 83  124 124 ARG ARG A . n 
A 1 84  PHE 84  125 125 PHE PHE A . n 
A 1 85  PRO 85  126 126 PRO PRO A . n 
A 1 86  ASP 86  127 127 ASP ASP A . n 
A 1 87  GLU 87  128 128 GLU GLU A . n 
A 1 88  ASN 88  129 129 ASN ASN A . n 
A 1 89  PHE 89  130 130 PHE PHE A . n 
A 1 90  THR 90  131 131 THR THR A . n 
A 1 91  LEU 91  132 132 LEU LEU A . n 
A 1 92  LYS 92  133 133 LYS LYS A . n 
A 1 93  HIS 93  134 134 HIS HIS A . n 
A 1 94  VAL 94  135 135 VAL VAL A . n 
A 1 95  GLY 95  136 136 GLY GLY A . n 
A 1 96  PRO 96  137 137 PRO PRO A . n 
A 1 97  GLY 97  138 138 GLY GLY A . n 
A 1 98  VAL 98  139 139 VAL VAL A . n 
A 1 99  LEU 99  140 140 LEU LEU A . n 
A 1 100 SER 100 141 141 SER SER A . n 
A 1 101 MET 101 142 142 MET MET A . n 
A 1 102 ALA 102 143 143 ALA ALA A . n 
A 1 103 ASN 103 144 144 ASN ASN A . n 
A 1 104 ALA 104 145 145 ALA ALA A . n 
A 1 105 GLY 105 146 146 GLY GLY A . n 
A 1 106 PRO 106 147 147 PRO PRO A . n 
A 1 107 ASN 107 148 148 ASN ASN A . n 
A 1 108 THR 108 149 149 THR THR A . n 
A 1 109 ASN 109 150 150 ASN ASN A . n 
A 1 110 GLY 110 151 151 GLY GLY A . n 
A 1 111 SER 111 152 152 SER SER A . n 
A 1 112 GLN 112 153 153 GLN GLN A . n 
A 1 113 PHE 113 154 154 PHE PHE A . n 
A 1 114 PHE 114 155 155 PHE PHE A . n 
A 1 115 ILE 115 156 156 ILE ILE A . n 
A 1 116 CYS 116 157 157 CYS CYS A . n 
A 1 117 THR 117 158 158 THR THR A . n 
A 1 118 ILE 118 159 159 ILE ILE A . n 
A 1 119 LYS 119 160 160 LYS LYS A . n 
A 1 120 THR 120 161 161 THR THR A . n 
A 1 121 ASP 121 162 162 ASP ASP A . n 
A 1 122 TRP 122 163 163 TRP TRP A . n 
A 1 123 LEU 123 164 164 LEU LEU A . n 
A 1 124 ASP 124 165 165 ASP ASP A . n 
A 1 125 GLY 125 166 166 GLY GLY A . n 
A 1 126 LYS 126 167 167 LYS LYS A . n 
A 1 127 HIS 127 168 168 HIS HIS A . n 
A 1 128 VAL 128 169 169 VAL VAL A . n 
A 1 129 VAL 129 170 170 VAL VAL A . n 
A 1 130 PHE 130 171 171 PHE PHE A . n 
A 1 131 GLY 131 172 172 GLY GLY A . n 
A 1 132 HIS 132 173 173 HIS HIS A . n 
A 1 133 VAL 133 174 174 VAL VAL A . n 
A 1 134 ILE 134 175 175 ILE ILE A . n 
A 1 135 GLU 135 176 176 GLU GLU A . n 
A 1 136 GLY 136 177 177 GLY GLY A . n 
A 1 137 MET 137 178 178 MET MET A . n 
A 1 138 ASP 138 179 179 ASP ASP A . n 
A 1 139 VAL 139 180 180 VAL VAL A . n 
A 1 140 VAL 140 181 181 VAL VAL A . n 
A 1 141 LYS 141 182 182 LYS LYS A . n 
A 1 142 LYS 142 183 183 LYS LYS A . n 
A 1 143 ILE 143 184 184 ILE ILE A . n 
A 1 144 GLU 144 185 185 GLU GLU A . n 
A 1 145 SER 145 186 186 SER SER A . n 
A 1 146 PHE 146 187 187 PHE PHE A . n 
A 1 147 GLY 147 188 188 GLY GLY A . n 
A 1 148 SER 148 189 189 SER SER A . n 
A 1 149 LYS 149 190 190 LYS LYS A . n 
A 1 150 SER 150 191 191 SER SER A . n 
A 1 151 GLY 151 192 192 GLY GLY A . n 
A 1 152 ARG 152 193 193 ARG ARG A . n 
A 1 153 THR 153 194 194 THR THR A . n 
A 1 154 SER 154 195 195 SER SER A . n 
A 1 155 LYS 155 196 196 LYS LYS A . n 
A 1 156 LYS 156 197 197 LYS LYS A . n 
A 1 157 ILE 157 198 198 ILE ILE A . n 
A 1 158 VAL 158 199 199 VAL VAL A . n 
A 1 159 ILE 159 200 200 ILE ILE A . n 
A 1 160 THR 160 201 201 THR THR A . n 
A 1 161 ASP 161 202 202 ASP ASP A . n 
A 1 162 CYS 162 203 203 CYS CYS A . n 
A 1 163 GLY 163 204 204 GLY GLY A . n 
A 1 164 GLN 164 205 205 GLN GLN A . n 
A 1 165 LEU 165 206 206 LEU LEU A . n 
A 1 166 SER 166 207 207 SER SER A . n 
# 
loop_
_pdbx_nonpoly_scheme.asym_id 
_pdbx_nonpoly_scheme.entity_id 
_pdbx_nonpoly_scheme.mon_id 
_pdbx_nonpoly_scheme.ndb_seq_num 
_pdbx_nonpoly_scheme.pdb_seq_num 
_pdbx_nonpoly_scheme.auth_seq_num 
_pdbx_nonpoly_scheme.pdb_mon_id 
_pdbx_nonpoly_scheme.auth_mon_id 
_pdbx_nonpoly_scheme.pdb_strand_id 
_pdbx_nonpoly_scheme.pdb_ins_code 
B 2 FP6 1   301 1   FP6 FP6 A . 
C 3 HOH 1   401 2   HOH HOH A . 
C 3 HOH 2   402 3   HOH HOH A . 
C 3 HOH 3   403 4   HOH HOH A . 
C 3 HOH 4   404 5   HOH HOH A . 
C 3 HOH 5   405 6   HOH HOH A . 
C 3 HOH 6   406 7   HOH HOH A . 
C 3 HOH 7   407 8   HOH HOH A . 
C 3 HOH 8   408 9   HOH HOH A . 
C 3 HOH 9   409 10  HOH HOH A . 
C 3 HOH 10  410 11  HOH HOH A . 
C 3 HOH 11  411 12  HOH HOH A . 
C 3 HOH 12  412 13  HOH HOH A . 
C 3 HOH 13  413 14  HOH HOH A . 
C 3 HOH 14  414 15  HOH HOH A . 
C 3 HOH 15  415 16  HOH HOH A . 
C 3 HOH 16  416 17  HOH HOH A . 
C 3 HOH 17  417 18  HOH HOH A . 
C 3 HOH 18  418 19  HOH HOH A . 
C 3 HOH 19  419 20  HOH HOH A . 
C 3 HOH 20  420 21  HOH HOH A . 
C 3 HOH 21  421 22  HOH HOH A . 
C 3 HOH 22  422 23  HOH HOH A . 
C 3 HOH 23  423 24  HOH HOH A . 
C 3 HOH 24  424 25  HOH HOH A . 
C 3 HOH 25  425 26  HOH HOH A . 
C 3 HOH 26  426 27  HOH HOH A . 
C 3 HOH 27  427 28  HOH HOH A . 
C 3 HOH 28  428 29  HOH HOH A . 
C 3 HOH 29  429 30  HOH HOH A . 
C 3 HOH 30  430 31  HOH HOH A . 
C 3 HOH 31  431 32  HOH HOH A . 
C 3 HOH 32  432 33  HOH HOH A . 
C 3 HOH 33  433 34  HOH HOH A . 
C 3 HOH 34  434 35  HOH HOH A . 
C 3 HOH 35  435 36  HOH HOH A . 
C 3 HOH 36  436 37  HOH HOH A . 
C 3 HOH 37  437 38  HOH HOH A . 
C 3 HOH 38  438 39  HOH HOH A . 
C 3 HOH 39  439 40  HOH HOH A . 
C 3 HOH 40  440 41  HOH HOH A . 
C 3 HOH 41  441 42  HOH HOH A . 
C 3 HOH 42  442 208 HOH HOH A . 
C 3 HOH 43  443 209 HOH HOH A . 
C 3 HOH 44  444 210 HOH HOH A . 
C 3 HOH 45  445 211 HOH HOH A . 
C 3 HOH 46  446 212 HOH HOH A . 
C 3 HOH 47  447 213 HOH HOH A . 
C 3 HOH 48  448 214 HOH HOH A . 
C 3 HOH 49  449 215 HOH HOH A . 
C 3 HOH 50  450 216 HOH HOH A . 
C 3 HOH 51  451 217 HOH HOH A . 
C 3 HOH 52  452 218 HOH HOH A . 
C 3 HOH 53  453 219 HOH HOH A . 
C 3 HOH 54  454 220 HOH HOH A . 
C 3 HOH 55  455 221 HOH HOH A . 
C 3 HOH 56  456 222 HOH HOH A . 
C 3 HOH 57  457 223 HOH HOH A . 
C 3 HOH 58  458 224 HOH HOH A . 
C 3 HOH 59  459 225 HOH HOH A . 
C 3 HOH 60  460 226 HOH HOH A . 
C 3 HOH 61  461 227 HOH HOH A . 
C 3 HOH 62  462 228 HOH HOH A . 
C 3 HOH 63  463 229 HOH HOH A . 
C 3 HOH 64  464 230 HOH HOH A . 
C 3 HOH 65  465 231 HOH HOH A . 
C 3 HOH 66  466 232 HOH HOH A . 
C 3 HOH 67  467 233 HOH HOH A . 
C 3 HOH 68  468 234 HOH HOH A . 
C 3 HOH 69  469 235 HOH HOH A . 
C 3 HOH 70  470 236 HOH HOH A . 
C 3 HOH 71  471 237 HOH HOH A . 
C 3 HOH 72  472 238 HOH HOH A . 
C 3 HOH 73  473 239 HOH HOH A . 
C 3 HOH 74  474 240 HOH HOH A . 
C 3 HOH 75  475 241 HOH HOH A . 
C 3 HOH 76  476 242 HOH HOH A . 
C 3 HOH 77  477 243 HOH HOH A . 
C 3 HOH 78  478 244 HOH HOH A . 
C 3 HOH 79  479 245 HOH HOH A . 
C 3 HOH 80  480 246 HOH HOH A . 
C 3 HOH 81  481 247 HOH HOH A . 
C 3 HOH 82  482 248 HOH HOH A . 
C 3 HOH 83  483 249 HOH HOH A . 
C 3 HOH 84  484 250 HOH HOH A . 
C 3 HOH 85  485 251 HOH HOH A . 
C 3 HOH 86  486 252 HOH HOH A . 
C 3 HOH 87  487 253 HOH HOH A . 
C 3 HOH 88  488 254 HOH HOH A . 
C 3 HOH 89  489 255 HOH HOH A . 
C 3 HOH 90  490 256 HOH HOH A . 
C 3 HOH 91  491 257 HOH HOH A . 
C 3 HOH 92  492 258 HOH HOH A . 
C 3 HOH 93  493 259 HOH HOH A . 
C 3 HOH 94  494 260 HOH HOH A . 
C 3 HOH 95  495 261 HOH HOH A . 
C 3 HOH 96  496 262 HOH HOH A . 
C 3 HOH 97  497 263 HOH HOH A . 
C 3 HOH 98  498 264 HOH HOH A . 
C 3 HOH 99  499 265 HOH HOH A . 
C 3 HOH 100 500 266 HOH HOH A . 
C 3 HOH 101 501 267 HOH HOH A . 
C 3 HOH 102 502 268 HOH HOH A . 
C 3 HOH 103 503 269 HOH HOH A . 
C 3 HOH 104 504 270 HOH HOH A . 
C 3 HOH 105 505 271 HOH HOH A . 
C 3 HOH 106 506 272 HOH HOH A . 
C 3 HOH 107 507 273 HOH HOH A . 
C 3 HOH 108 508 274 HOH HOH A . 
C 3 HOH 109 509 275 HOH HOH A . 
C 3 HOH 110 510 276 HOH HOH A . 
C 3 HOH 111 511 277 HOH HOH A . 
C 3 HOH 112 512 278 HOH HOH A . 
C 3 HOH 113 513 279 HOH HOH A . 
C 3 HOH 114 514 280 HOH HOH A . 
C 3 HOH 115 515 281 HOH HOH A . 
C 3 HOH 116 516 282 HOH HOH A . 
C 3 HOH 117 517 283 HOH HOH A . 
C 3 HOH 118 518 284 HOH HOH A . 
C 3 HOH 119 519 285 HOH HOH A . 
C 3 HOH 120 520 286 HOH HOH A . 
C 3 HOH 121 521 287 HOH HOH A . 
C 3 HOH 122 522 288 HOH HOH A . 
C 3 HOH 123 523 289 HOH HOH A . 
C 3 HOH 124 524 290 HOH HOH A . 
C 3 HOH 125 525 291 HOH HOH A . 
C 3 HOH 126 526 292 HOH HOH A . 
C 3 HOH 127 527 293 HOH HOH A . 
C 3 HOH 128 528 294 HOH HOH A . 
C 3 HOH 129 529 295 HOH HOH A . 
C 3 HOH 130 530 296 HOH HOH A . 
C 3 HOH 131 531 297 HOH HOH A . 
C 3 HOH 132 532 298 HOH HOH A . 
C 3 HOH 133 533 299 HOH HOH A . 
C 3 HOH 134 534 300 HOH HOH A . 
C 3 HOH 135 535 301 HOH HOH A . 
C 3 HOH 136 536 302 HOH HOH A . 
C 3 HOH 137 537 303 HOH HOH A . 
C 3 HOH 138 538 304 HOH HOH A . 
C 3 HOH 139 539 305 HOH HOH A . 
C 3 HOH 140 540 306 HOH HOH A . 
C 3 HOH 141 541 307 HOH HOH A . 
C 3 HOH 142 542 308 HOH HOH A . 
C 3 HOH 143 543 309 HOH HOH A . 
C 3 HOH 144 544 310 HOH HOH A . 
C 3 HOH 145 545 311 HOH HOH A . 
C 3 HOH 146 546 312 HOH HOH A . 
C 3 HOH 147 547 313 HOH HOH A . 
C 3 HOH 148 548 314 HOH HOH A . 
C 3 HOH 149 549 315 HOH HOH A . 
C 3 HOH 150 550 316 HOH HOH A . 
C 3 HOH 151 551 317 HOH HOH A . 
C 3 HOH 152 552 318 HOH HOH A . 
C 3 HOH 153 553 319 HOH HOH A . 
C 3 HOH 154 554 320 HOH HOH A . 
C 3 HOH 155 555 321 HOH HOH A . 
C 3 HOH 156 556 322 HOH HOH A . 
C 3 HOH 157 557 323 HOH HOH A . 
C 3 HOH 158 558 324 HOH HOH A . 
C 3 HOH 159 559 325 HOH HOH A . 
C 3 HOH 160 560 326 HOH HOH A . 
C 3 HOH 161 561 327 HOH HOH A . 
C 3 HOH 162 562 328 HOH HOH A . 
C 3 HOH 163 563 329 HOH HOH A . 
C 3 HOH 164 564 330 HOH HOH A . 
C 3 HOH 165 565 331 HOH HOH A . 
C 3 HOH 166 566 332 HOH HOH A . 
C 3 HOH 167 567 333 HOH HOH A . 
C 3 HOH 168 568 334 HOH HOH A . 
C 3 HOH 169 569 335 HOH HOH A . 
C 3 HOH 170 570 336 HOH HOH A . 
C 3 HOH 171 571 337 HOH HOH A . 
C 3 HOH 172 572 338 HOH HOH A . 
C 3 HOH 173 573 339 HOH HOH A . 
C 3 HOH 174 574 340 HOH HOH A . 
C 3 HOH 175 575 341 HOH HOH A . 
C 3 HOH 176 576 342 HOH HOH A . 
C 3 HOH 177 577 343 HOH HOH A . 
C 3 HOH 178 578 344 HOH HOH A . 
C 3 HOH 179 579 1   HOH HOH A . 
C 3 HOH 180 580 346 HOH HOH A . 
C 3 HOH 181 581 347 HOH HOH A . 
C 3 HOH 182 582 348 HOH HOH A . 
C 3 HOH 183 583 349 HOH HOH A . 
C 3 HOH 184 584 350 HOH HOH A . 
C 3 HOH 185 585 351 HOH HOH A . 
C 3 HOH 186 586 352 HOH HOH A . 
C 3 HOH 187 587 43  HOH HOH A . 
C 3 HOH 188 588 354 HOH HOH A . 
C 3 HOH 189 589 355 HOH HOH A . 
C 3 HOH 190 590 356 HOH HOH A . 
C 3 HOH 191 591 357 HOH HOH A . 
C 3 HOH 192 592 358 HOH HOH A . 
C 3 HOH 193 593 359 HOH HOH A . 
C 3 HOH 194 594 360 HOH HOH A . 
C 3 HOH 195 595 361 HOH HOH A . 
C 3 HOH 196 596 362 HOH HOH A . 
C 3 HOH 197 597 363 HOH HOH A . 
C 3 HOH 198 598 364 HOH HOH A . 
C 3 HOH 199 599 365 HOH HOH A . 
C 3 HOH 200 600 366 HOH HOH A . 
C 3 HOH 201 601 367 HOH HOH A . 
C 3 HOH 202 602 368 HOH HOH A . 
C 3 HOH 203 603 369 HOH HOH A . 
C 3 HOH 204 604 370 HOH HOH A . 
C 3 HOH 205 605 371 HOH HOH A . 
C 3 HOH 206 606 372 HOH HOH A . 
C 3 HOH 207 607 373 HOH HOH A . 
C 3 HOH 208 608 374 HOH HOH A . 
C 3 HOH 209 609 375 HOH HOH A . 
C 3 HOH 210 610 376 HOH HOH A . 
C 3 HOH 211 611 377 HOH HOH A . 
C 3 HOH 212 612 378 HOH HOH A . 
C 3 HOH 213 613 379 HOH HOH A . 
C 3 HOH 214 614 380 HOH HOH A . 
C 3 HOH 215 615 381 HOH HOH A . 
C 3 HOH 216 616 382 HOH HOH A . 
C 3 HOH 217 617 383 HOH HOH A . 
C 3 HOH 218 618 384 HOH HOH A . 
C 3 HOH 219 619 385 HOH HOH A . 
C 3 HOH 220 620 386 HOH HOH A . 
C 3 HOH 221 621 387 HOH HOH A . 
C 3 HOH 222 622 388 HOH HOH A . 
C 3 HOH 223 623 389 HOH HOH A . 
C 3 HOH 224 624 390 HOH HOH A . 
C 3 HOH 225 625 391 HOH HOH A . 
C 3 HOH 226 626 392 HOH HOH A . 
C 3 HOH 227 627 393 HOH HOH A . 
C 3 HOH 228 628 394 HOH HOH A . 
C 3 HOH 229 629 395 HOH HOH A . 
C 3 HOH 230 630 396 HOH HOH A . 
C 3 HOH 231 631 397 HOH HOH A . 
C 3 HOH 232 632 398 HOH HOH A . 
C 3 HOH 233 633 399 HOH HOH A . 
C 3 HOH 234 634 400 HOH HOH A . 
C 3 HOH 235 635 401 HOH HOH A . 
C 3 HOH 236 636 402 HOH HOH A . 
C 3 HOH 237 637 403 HOH HOH A . 
C 3 HOH 238 638 404 HOH HOH A . 
C 3 HOH 239 639 405 HOH HOH A . 
C 3 HOH 240 640 406 HOH HOH A . 
C 3 HOH 241 641 407 HOH HOH A . 
C 3 HOH 242 642 408 HOH HOH A . 
C 3 HOH 243 643 409 HOH HOH A . 
C 3 HOH 244 644 410 HOH HOH A . 
C 3 HOH 245 645 411 HOH HOH A . 
C 3 HOH 246 646 412 HOH HOH A . 
C 3 HOH 247 647 413 HOH HOH A . 
C 3 HOH 248 648 414 HOH HOH A . 
C 3 HOH 249 649 415 HOH HOH A . 
C 3 HOH 250 650 416 HOH HOH A . 
C 3 HOH 251 651 417 HOH HOH A . 
C 3 HOH 252 652 418 HOH HOH A . 
C 3 HOH 253 653 419 HOH HOH A . 
C 3 HOH 254 654 420 HOH HOH A . 
C 3 HOH 255 655 421 HOH HOH A . 
C 3 HOH 256 656 422 HOH HOH A . 
C 3 HOH 257 657 423 HOH HOH A . 
C 3 HOH 258 658 424 HOH HOH A . 
C 3 HOH 259 659 425 HOH HOH A . 
C 3 HOH 260 660 426 HOH HOH A . 
C 3 HOH 261 661 427 HOH HOH A . 
C 3 HOH 262 662 428 HOH HOH A . 
C 3 HOH 263 663 429 HOH HOH A . 
C 3 HOH 264 664 430 HOH HOH A . 
C 3 HOH 265 665 431 HOH HOH A . 
C 3 HOH 266 666 432 HOH HOH A . 
C 3 HOH 267 667 433 HOH HOH A . 
C 3 HOH 268 668 434 HOH HOH A . 
C 3 HOH 269 669 435 HOH HOH A . 
C 3 HOH 270 670 436 HOH HOH A . 
C 3 HOH 271 671 437 HOH HOH A . 
C 3 HOH 272 672 44  HOH HOH A . 
C 3 HOH 273 673 45  HOH HOH A . 
C 3 HOH 274 674 46  HOH HOH A . 
C 3 HOH 275 675 47  HOH HOH A . 
C 3 HOH 276 676 48  HOH HOH A . 
C 3 HOH 277 677 49  HOH HOH A . 
C 3 HOH 278 678 50  HOH HOH A . 
C 3 HOH 279 679 51  HOH HOH A . 
C 3 HOH 280 680 52  HOH HOH A . 
C 3 HOH 281 681 53  HOH HOH A . 
C 3 HOH 282 682 54  HOH HOH A . 
C 3 HOH 283 683 55  HOH HOH A . 
C 3 HOH 284 684 56  HOH HOH A . 
C 3 HOH 285 685 57  HOH HOH A . 
C 3 HOH 286 686 58  HOH HOH A . 
C 3 HOH 287 687 59  HOH HOH A . 
C 3 HOH 288 688 60  HOH HOH A . 
C 3 HOH 289 689 61  HOH HOH A . 
C 3 HOH 290 690 62  HOH HOH A . 
C 3 HOH 291 691 63  HOH HOH A . 
C 3 HOH 292 692 64  HOH HOH A . 
C 3 HOH 293 693 65  HOH HOH A . 
C 3 HOH 294 694 66  HOH HOH A . 
C 3 HOH 295 695 67  HOH HOH A . 
C 3 HOH 296 696 68  HOH HOH A . 
C 3 HOH 297 697 69  HOH HOH A . 
C 3 HOH 298 698 70  HOH HOH A . 
C 3 HOH 299 699 71  HOH HOH A . 
C 3 HOH 300 700 72  HOH HOH A . 
C 3 HOH 301 701 73  HOH HOH A . 
C 3 HOH 302 702 74  HOH HOH A . 
C 3 HOH 303 703 75  HOH HOH A . 
C 3 HOH 304 704 76  HOH HOH A . 
C 3 HOH 305 705 77  HOH HOH A . 
C 3 HOH 306 706 78  HOH HOH A . 
C 3 HOH 307 707 79  HOH HOH A . 
C 3 HOH 308 708 80  HOH HOH A . 
C 3 HOH 309 709 81  HOH HOH A . 
C 3 HOH 310 710 82  HOH HOH A . 
C 3 HOH 311 711 83  HOH HOH A . 
C 3 HOH 312 712 84  HOH HOH A . 
C 3 HOH 313 713 85  HOH HOH A . 
C 3 HOH 314 714 86  HOH HOH A . 
C 3 HOH 315 715 87  HOH HOH A . 
C 3 HOH 316 716 88  HOH HOH A . 
C 3 HOH 317 717 89  HOH HOH A . 
C 3 HOH 318 718 90  HOH HOH A . 
C 3 HOH 319 719 91  HOH HOH A . 
C 3 HOH 320 720 92  HOH HOH A . 
C 3 HOH 321 721 93  HOH HOH A . 
C 3 HOH 322 722 94  HOH HOH A . 
C 3 HOH 323 723 95  HOH HOH A . 
C 3 HOH 324 724 96  HOH HOH A . 
C 3 HOH 325 725 97  HOH HOH A . 
C 3 HOH 326 726 98  HOH HOH A . 
C 3 HOH 327 727 99  HOH HOH A . 
C 3 HOH 328 728 100 HOH HOH A . 
C 3 HOH 329 729 101 HOH HOH A . 
C 3 HOH 330 730 102 HOH HOH A . 
C 3 HOH 331 731 103 HOH HOH A . 
C 3 HOH 332 732 104 HOH HOH A . 
C 3 HOH 333 733 105 HOH HOH A . 
C 3 HOH 334 734 106 HOH HOH A . 
C 3 HOH 335 735 107 HOH HOH A . 
C 3 HOH 336 736 108 HOH HOH A . 
C 3 HOH 337 737 109 HOH HOH A . 
C 3 HOH 338 738 110 HOH HOH A . 
C 3 HOH 339 739 111 HOH HOH A . 
C 3 HOH 340 740 112 HOH HOH A . 
C 3 HOH 341 741 113 HOH HOH A . 
C 3 HOH 342 742 114 HOH HOH A . 
C 3 HOH 343 743 115 HOH HOH A . 
C 3 HOH 344 744 116 HOH HOH A . 
C 3 HOH 345 745 117 HOH HOH A . 
C 3 HOH 346 746 118 HOH HOH A . 
C 3 HOH 347 747 119 HOH HOH A . 
C 3 HOH 348 748 120 HOH HOH A . 
C 3 HOH 349 749 121 HOH HOH A . 
C 3 HOH 350 750 122 HOH HOH A . 
C 3 HOH 351 751 123 HOH HOH A . 
C 3 HOH 352 752 124 HOH HOH A . 
C 3 HOH 353 753 125 HOH HOH A . 
C 3 HOH 354 754 126 HOH HOH A . 
C 3 HOH 355 755 127 HOH HOH A . 
C 3 HOH 356 756 128 HOH HOH A . 
C 3 HOH 357 757 129 HOH HOH A . 
C 3 HOH 358 758 130 HOH HOH A . 
C 3 HOH 359 759 131 HOH HOH A . 
C 3 HOH 360 760 132 HOH HOH A . 
C 3 HOH 361 761 133 HOH HOH A . 
C 3 HOH 362 762 134 HOH HOH A . 
C 3 HOH 363 763 135 HOH HOH A . 
C 3 HOH 364 764 136 HOH HOH A . 
C 3 HOH 365 765 137 HOH HOH A . 
C 3 HOH 366 766 138 HOH HOH A . 
C 3 HOH 367 767 139 HOH HOH A . 
C 3 HOH 368 768 140 HOH HOH A . 
C 3 HOH 369 769 141 HOH HOH A . 
C 3 HOH 370 770 142 HOH HOH A . 
C 3 HOH 371 771 143 HOH HOH A . 
C 3 HOH 372 772 144 HOH HOH A . 
C 3 HOH 373 773 145 HOH HOH A . 
C 3 HOH 374 774 146 HOH HOH A . 
C 3 HOH 375 775 147 HOH HOH A . 
C 3 HOH 376 776 148 HOH HOH A . 
C 3 HOH 377 777 149 HOH HOH A . 
C 3 HOH 378 778 150 HOH HOH A . 
C 3 HOH 379 779 151 HOH HOH A . 
C 3 HOH 380 780 152 HOH HOH A . 
C 3 HOH 381 781 153 HOH HOH A . 
C 3 HOH 382 782 154 HOH HOH A . 
C 3 HOH 383 783 155 HOH HOH A . 
C 3 HOH 384 784 156 HOH HOH A . 
C 3 HOH 385 785 157 HOH HOH A . 
C 3 HOH 386 786 158 HOH HOH A . 
C 3 HOH 387 787 159 HOH HOH A . 
C 3 HOH 388 788 160 HOH HOH A . 
C 3 HOH 389 789 161 HOH HOH A . 
C 3 HOH 390 790 162 HOH HOH A . 
C 3 HOH 391 791 163 HOH HOH A . 
C 3 HOH 392 792 164 HOH HOH A . 
C 3 HOH 393 793 165 HOH HOH A . 
C 3 HOH 394 794 166 HOH HOH A . 
C 3 HOH 395 795 167 HOH HOH A . 
C 3 HOH 396 796 168 HOH HOH A . 
C 3 HOH 397 797 169 HOH HOH A . 
C 3 HOH 398 798 170 HOH HOH A . 
C 3 HOH 399 799 171 HOH HOH A . 
C 3 HOH 400 800 172 HOH HOH A . 
C 3 HOH 401 801 173 HOH HOH A . 
C 3 HOH 402 802 174 HOH HOH A . 
C 3 HOH 403 803 175 HOH HOH A . 
C 3 HOH 404 804 176 HOH HOH A . 
C 3 HOH 405 805 177 HOH HOH A . 
C 3 HOH 406 806 178 HOH HOH A . 
C 3 HOH 407 807 179 HOH HOH A . 
C 3 HOH 408 808 180 HOH HOH A . 
C 3 HOH 409 809 181 HOH HOH A . 
C 3 HOH 410 810 182 HOH HOH A . 
C 3 HOH 411 811 183 HOH HOH A . 
C 3 HOH 412 812 184 HOH HOH A . 
C 3 HOH 413 813 185 HOH HOH A . 
C 3 HOH 414 814 186 HOH HOH A . 
C 3 HOH 415 815 187 HOH HOH A . 
C 3 HOH 416 816 188 HOH HOH A . 
C 3 HOH 417 817 189 HOH HOH A . 
C 3 HOH 418 818 190 HOH HOH A . 
C 3 HOH 419 819 191 HOH HOH A . 
C 3 HOH 420 820 192 HOH HOH A . 
C 3 HOH 421 821 193 HOH HOH A . 
C 3 HOH 422 822 194 HOH HOH A . 
C 3 HOH 423 823 195 HOH HOH A . 
C 3 HOH 424 824 196 HOH HOH A . 
C 3 HOH 425 825 197 HOH HOH A . 
C 3 HOH 426 826 198 HOH HOH A . 
C 3 HOH 427 827 199 HOH HOH A . 
C 3 HOH 428 828 200 HOH HOH A . 
C 3 HOH 429 829 201 HOH HOH A . 
C 3 HOH 430 830 202 HOH HOH A . 
C 3 HOH 431 831 203 HOH HOH A . 
C 3 HOH 432 832 204 HOH HOH A . 
C 3 HOH 433 833 205 HOH HOH A . 
C 3 HOH 434 834 206 HOH HOH A . 
C 3 HOH 435 835 207 HOH HOH A . 
# 
loop_
_software.name 
_software.classification 
_software.version 
_software.citation_id 
_software.pdbx_ordinal 
DNA    'data collection' .        ? 1 
X-PLOR 'model building'  .        ? 2 
REFMAC refinement        5.4.0062 ? 3 
MOSFLM 'data reduction'  .        ? 4 
SCALA  'data scaling'    .        ? 5 
X-PLOR phasing           .        ? 6 
# 
_cell.entry_id           3R54 
_cell.length_a           57.357 
_cell.length_b           57.357 
_cell.length_c           87.374 
_cell.angle_alpha        90.00 
_cell.angle_beta         90.00 
_cell.angle_gamma        90.00 
_cell.Z_PDB              8 
_cell.pdbx_unique_axis   ? 
_cell.length_a_esd       ? 
_cell.length_b_esd       ? 
_cell.length_c_esd       ? 
_cell.angle_alpha_esd    ? 
_cell.angle_beta_esd     ? 
_cell.angle_gamma_esd    ? 
# 
_symmetry.entry_id                         3R54 
_symmetry.space_group_name_H-M             'P 41 21 2' 
_symmetry.pdbx_full_space_group_name_H-M   ? 
_symmetry.cell_setting                     ? 
_symmetry.Int_Tables_number                92 
_symmetry.space_group_name_Hall            ? 
# 
_exptl.entry_id          3R54 
_exptl.method            'X-RAY DIFFRACTION' 
_exptl.crystals_number   1 
# 
_exptl_crystal.id                    1 
_exptl_crystal.density_meas          ? 
_exptl_crystal.density_Matthews      2.03 
_exptl_crystal.density_percent_sol   39.27 
_exptl_crystal.description           ? 
_exptl_crystal.F_000                 ? 
_exptl_crystal.preparation           ? 
# 
_exptl_crystal_grow.crystal_id      1 
_exptl_crystal_grow.method          'VAPOR DIFFUSION, HANGING DROP' 
_exptl_crystal_grow.temp            291 
_exptl_crystal_grow.temp_details    ? 
_exptl_crystal_grow.pH              7.3 
_exptl_crystal_grow.pdbx_details    '30% PEG4000, pH 7.3, VAPOR DIFFUSION, HANGING DROP, temperature 291K' 
_exptl_crystal_grow.pdbx_pH_range   ? 
# 
_diffrn.id                     1 
_diffrn.ambient_temp           100 
_diffrn.ambient_temp_details   ? 
_diffrn.crystal_id             1 
# 
_diffrn_detector.diffrn_id              1 
_diffrn_detector.detector               CCD 
_diffrn_detector.type                   'ADSC QUANTUM 315r' 
_diffrn_detector.pdbx_collection_date   2007-02-08 
_diffrn_detector.details                mirrors 
# 
_diffrn_radiation.diffrn_id                        1 
_diffrn_radiation.wavelength_id                    1 
_diffrn_radiation.pdbx_monochromatic_or_laue_m_l   M 
_diffrn_radiation.monochromator                    'yale mirror' 
_diffrn_radiation.pdbx_diffrn_protocol             'SINGLE WAVELENGTH' 
_diffrn_radiation.pdbx_scattering_type             x-ray 
# 
_diffrn_radiation_wavelength.id           1 
_diffrn_radiation_wavelength.wavelength   0.97968 
_diffrn_radiation_wavelength.wt           1.0 
# 
_diffrn_source.diffrn_id                   1 
_diffrn_source.source                      SYNCHROTRON 
_diffrn_source.type                        'ESRF BEAMLINE BM30A' 
_diffrn_source.pdbx_synchrotron_site       ESRF 
_diffrn_source.pdbx_synchrotron_beamline   BM30A 
_diffrn_source.pdbx_wavelength             0.97968 
_diffrn_source.pdbx_wavelength_list        ? 
# 
_reflns.entry_id                     3R54 
_reflns.observed_criterion_sigma_I   11.8 
_reflns.observed_criterion_sigma_F   11.8 
_reflns.d_resolution_low             26.0 
_reflns.d_resolution_high            1.35 
_reflns.number_obs                   29445 
_reflns.number_all                   31104 
_reflns.percent_possible_obs         95.4 
_reflns.pdbx_Rmerge_I_obs            ? 
_reflns.pdbx_Rsym_value              0.060 
_reflns.pdbx_netI_over_sigmaI        ? 
_reflns.B_iso_Wilson_estimate        ? 
_reflns.pdbx_redundancy              5 
_reflns.R_free_details               ? 
_reflns.limit_h_max                  ? 
_reflns.limit_h_min                  ? 
_reflns.limit_k_max                  ? 
_reflns.limit_k_min                  ? 
_reflns.limit_l_max                  ? 
_reflns.limit_l_min                  ? 
_reflns.observed_criterion_F_max     ? 
_reflns.observed_criterion_F_min     ? 
_reflns.pdbx_chi_squared             ? 
_reflns.pdbx_scaling_rejects         ? 
_reflns.pdbx_ordinal                 1 
_reflns.pdbx_diffrn_id               1 
# 
_reflns_shell.d_res_high             1.35 
_reflns_shell.d_res_low              1.385 
_reflns_shell.percent_possible_all   85.3 
_reflns_shell.Rmerge_I_obs           ? 
_reflns_shell.pdbx_Rsym_value        ? 
_reflns_shell.meanI_over_sigI_obs    ? 
_reflns_shell.pdbx_redundancy        ? 
_reflns_shell.percent_possible_obs   ? 
_reflns_shell.number_unique_all      ? 
_reflns_shell.number_measured_all    ? 
_reflns_shell.number_measured_obs    ? 
_reflns_shell.number_unique_obs      ? 
_reflns_shell.pdbx_chi_squared       ? 
_reflns_shell.pdbx_ordinal           1 
_reflns_shell.pdbx_diffrn_id         1 
# 
_refine.entry_id                                 3R54 
_refine.ls_number_reflns_obs                     29445 
_refine.ls_number_reflns_all                     31104 
_refine.pdbx_ls_sigma_I                          ? 
_refine.pdbx_ls_sigma_F                          ? 
_refine.pdbx_data_cutoff_high_absF               ? 
_refine.pdbx_data_cutoff_low_absF                ? 
_refine.pdbx_data_cutoff_high_rms_absF           ? 
_refine.ls_d_res_low                             23.97 
_refine.ls_d_res_high                            1.35 
_refine.ls_percent_reflns_obs                    94.69 
_refine.ls_R_factor_obs                          0.15133 
_refine.ls_R_factor_all                          ? 
_refine.ls_R_factor_R_work                       0.14965 
_refine.ls_R_factor_R_free                       0.18395 
_refine.ls_R_factor_R_free_error                 ? 
_refine.ls_R_factor_R_free_error_details         ? 
_refine.ls_percent_reflns_R_free                 5.0 
_refine.ls_number_reflns_R_free                  1563 
_refine.ls_number_parameters                     ? 
_refine.ls_number_restraints                     ? 
_refine.occupancy_min                            ? 
_refine.occupancy_max                            ? 
_refine.correlation_coeff_Fo_to_Fc               0.969 
_refine.correlation_coeff_Fo_to_Fc_free          0.951 
_refine.B_iso_mean                               5.862 
_refine.aniso_B[1][1]                            -0.09 
_refine.aniso_B[2][2]                            -0.09 
_refine.aniso_B[3][3]                            0.19 
_refine.aniso_B[1][2]                            0.00 
_refine.aniso_B[1][3]                            0.00 
_refine.aniso_B[2][3]                            0.00 
_refine.solvent_model_details                    MASK 
_refine.solvent_model_param_ksol                 ? 
_refine.solvent_model_param_bsol                 ? 
_refine.pdbx_solvent_vdw_probe_radii             1.40 
_refine.pdbx_solvent_ion_probe_radii             0.80 
_refine.pdbx_solvent_shrinkage_radii             0.80 
_refine.pdbx_ls_cross_valid_method               THROUGHOUT 
_refine.details                                  'HYDROGENS HAVE BEEN ADDED IN THE RIDING POSITIONS' 
_refine.pdbx_starting_model                      ? 
_refine.pdbx_method_to_determine_struct          'MOLECULAR REPLACEMENT' 
_refine.pdbx_isotropic_thermal_model             ? 
_refine.pdbx_stereochemistry_target_values       'MAXIMUM LIKELIHOOD' 
_refine.pdbx_stereochem_target_val_spec_case     ? 
_refine.pdbx_R_Free_selection_details            RANDOM 
_refine.pdbx_overall_ESU_R_Free                  0.062 
_refine.overall_SU_ML                            0.037 
_refine.overall_SU_B                             0.881 
_refine.overall_SU_R_Cruickshank_DPI             ? 
_refine.ls_redundancy_reflns_obs                 ? 
_refine.B_iso_min                                ? 
_refine.B_iso_max                                ? 
_refine.overall_SU_R_free                        ? 
_refine.ls_wR_factor_R_free                      ? 
_refine.ls_wR_factor_R_work                      ? 
_refine.overall_FOM_free_R_set                   ? 
_refine.overall_FOM_work_R_set                   ? 
_refine.pdbx_overall_phase_error                 ? 
_refine.pdbx_refine_id                           'X-RAY DIFFRACTION' 
_refine.pdbx_overall_ESU_R                       0.058 
_refine.pdbx_diffrn_id                           1 
_refine.pdbx_TLS_residual_ADP_flag               ? 
_refine.pdbx_overall_SU_R_free_Cruickshank_DPI   ? 
_refine.pdbx_overall_SU_R_Blow_DPI               ? 
_refine.pdbx_overall_SU_R_free_Blow_DPI          ? 
# 
_refine_hist.pdbx_refine_id                   'X-RAY DIFFRACTION' 
_refine_hist.cycle_id                         LAST 
_refine_hist.pdbx_number_atoms_protein        1240 
_refine_hist.pdbx_number_atoms_nucleic_acid   0 
_refine_hist.pdbx_number_atoms_ligand         7 
_refine_hist.number_atoms_solvent             435 
_refine_hist.number_atoms_total               1682 
_refine_hist.d_res_high                       1.35 
_refine_hist.d_res_low                        23.97 
# 
loop_
_refine_ls_restr.type 
_refine_ls_restr.dev_ideal 
_refine_ls_restr.dev_ideal_target 
_refine_ls_restr.weight 
_refine_ls_restr.number 
_refine_ls_restr.pdbx_restraint_function 
_refine_ls_restr.pdbx_refine_id 
r_bond_refined_d       0.011  0.022  ? 1311 ? 'X-RAY DIFFRACTION' 
r_bond_other_d         0.001  0.020  ? 909  ? 'X-RAY DIFFRACTION' 
r_angle_refined_deg    1.383  1.954  ? 1768 ? 'X-RAY DIFFRACTION' 
r_angle_other_deg      1.511  3.001  ? 2218 ? 'X-RAY DIFFRACTION' 
r_dihedral_angle_1_deg 6.425  5.000  ? 167  ? 'X-RAY DIFFRACTION' 
r_dihedral_angle_2_deg 34.300 24.000 ? 55   ? 'X-RAY DIFFRACTION' 
r_dihedral_angle_3_deg 11.009 15.000 ? 229  ? 'X-RAY DIFFRACTION' 
r_dihedral_angle_4_deg 19.402 15.000 ? 6    ? 'X-RAY DIFFRACTION' 
r_chiral_restr         0.092  0.200  ? 193  ? 'X-RAY DIFFRACTION' 
r_gen_planes_refined   0.006  0.021  ? 1460 ? 'X-RAY DIFFRACTION' 
r_gen_planes_other     0.001  0.020  ? 266  ? 'X-RAY DIFFRACTION' 
r_mcbond_it            0.594  1.500  ? 814  ? 'X-RAY DIFFRACTION' 
r_mcbond_other         0.219  1.500  ? 344  ? 'X-RAY DIFFRACTION' 
r_mcangle_it           0.892  2.000  ? 1317 ? 'X-RAY DIFFRACTION' 
r_scbond_it            1.266  3.000  ? 497  ? 'X-RAY DIFFRACTION' 
r_scangle_it           1.654  4.500  ? 449  ? 'X-RAY DIFFRACTION' 
# 
_refine_ls_shell.pdbx_total_number_of_bins_used   20 
_refine_ls_shell.d_res_high                       1.350 
_refine_ls_shell.d_res_low                        1.385 
_refine_ls_shell.number_reflns_R_work             1796 
_refine_ls_shell.R_factor_R_work                  0.288 
_refine_ls_shell.percent_reflns_obs               85.14 
_refine_ls_shell.R_factor_R_free                  0.410 
_refine_ls_shell.R_factor_R_free_error            ? 
_refine_ls_shell.percent_reflns_R_free            ? 
_refine_ls_shell.number_reflns_R_free             96 
_refine_ls_shell.number_reflns_all                ? 
_refine_ls_shell.R_factor_all                     ? 
_refine_ls_shell.number_reflns_obs                ? 
_refine_ls_shell.redundancy_reflns_obs            ? 
_refine_ls_shell.pdbx_refine_id                   'X-RAY DIFFRACTION' 
# 
_struct.entry_id                  3R54 
_struct.title                     'Human Cyclophilin D Complexed with a Fragment' 
_struct.pdbx_model_details        ? 
_struct.pdbx_CASP_flag            ? 
_struct.pdbx_model_type_details   ? 
# 
_struct_keywords.entry_id        3R54 
_struct_keywords.pdbx_keywords   'ISOMERASE/ISOMERASE INHIBITOR' 
_struct_keywords.text            
'beta barrel, prolyl cis/trans isomerase, mitochondria, inhibitor, ISOMERASE-ISOMERASE INHIBITOR complex' 
# 
loop_
_struct_asym.id 
_struct_asym.pdbx_blank_PDB_chainid_flag 
_struct_asym.pdbx_modified 
_struct_asym.entity_id 
_struct_asym.details 
A N N 1 ? 
B N N 2 ? 
C N N 3 ? 
# 
_struct_ref.id                         1 
_struct_ref.db_name                    UNP 
_struct_ref.db_code                    PPIF_HUMAN 
_struct_ref.pdbx_db_accession          P30405 
_struct_ref.entity_id                  1 
_struct_ref.pdbx_seq_one_letter_code   
;SGNPLVYLDVDANGKPLGRVVLELKADVVPKTAENFRALCTGEKGFGYKGSTFHRVIPSFMCQAGDFTNHNGTGGKSIYG
SRFPDENFTLKHVGPGVLSMANAGPNTNGSQFFICTIKTDWLDGKHVVFGHVKEGMDVVKKIESFGSKSGRTSKKIVITD
CGQLS
;
_struct_ref.pdbx_align_begin           43 
_struct_ref.pdbx_db_isoform            ? 
# 
_struct_ref_seq.align_id                      1 
_struct_ref_seq.ref_id                        1 
_struct_ref_seq.pdbx_PDB_id_code              3R54 
_struct_ref_seq.pdbx_strand_id                A 
_struct_ref_seq.seq_align_beg                 2 
_struct_ref_seq.pdbx_seq_align_beg_ins_code   ? 
_struct_ref_seq.seq_align_end                 166 
_struct_ref_seq.pdbx_seq_align_end_ins_code   ? 
_struct_ref_seq.pdbx_db_accession             P30405 
_struct_ref_seq.db_align_beg                  43 
_struct_ref_seq.pdbx_db_align_beg_ins_code    ? 
_struct_ref_seq.db_align_end                  207 
_struct_ref_seq.pdbx_db_align_end_ins_code    ? 
_struct_ref_seq.pdbx_auth_seq_align_beg       43 
_struct_ref_seq.pdbx_auth_seq_align_end       207 
# 
loop_
_struct_ref_seq_dif.align_id 
_struct_ref_seq_dif.pdbx_pdb_id_code 
_struct_ref_seq_dif.mon_id 
_struct_ref_seq_dif.pdbx_pdb_strand_id 
_struct_ref_seq_dif.seq_num 
_struct_ref_seq_dif.pdbx_pdb_ins_code 
_struct_ref_seq_dif.pdbx_seq_db_name 
_struct_ref_seq_dif.pdbx_seq_db_accession_code 
_struct_ref_seq_dif.db_mon_id 
_struct_ref_seq_dif.pdbx_seq_db_seq_num 
_struct_ref_seq_dif.details 
_struct_ref_seq_dif.pdbx_auth_seq_num 
_struct_ref_seq_dif.pdbx_ordinal 
1 3R54 MET A 1   ? UNP P30405 ?   ?   'initiating methionine' 42  1 
1 3R54 ILE A 134 ? UNP P30405 LYS 175 'engineered mutation'   175 2 
# 
_pdbx_struct_assembly.id                   1 
_pdbx_struct_assembly.details              author_and_software_defined_assembly 
_pdbx_struct_assembly.method_details       PISA 
_pdbx_struct_assembly.oligomeric_details   monomeric 
_pdbx_struct_assembly.oligomeric_count     1 
# 
_pdbx_struct_assembly_gen.assembly_id       1 
_pdbx_struct_assembly_gen.oper_expression   1 
_pdbx_struct_assembly_gen.asym_id_list      A,B,C 
# 
_pdbx_struct_oper_list.id                   1 
_pdbx_struct_oper_list.type                 'identity operation' 
_pdbx_struct_oper_list.name                 1_555 
_pdbx_struct_oper_list.symmetry_operation   x,y,z 
_pdbx_struct_oper_list.matrix[1][1]         1.0000000000 
_pdbx_struct_oper_list.matrix[1][2]         0.0000000000 
_pdbx_struct_oper_list.matrix[1][3]         0.0000000000 
_pdbx_struct_oper_list.vector[1]            0.0000000000 
_pdbx_struct_oper_list.matrix[2][1]         0.0000000000 
_pdbx_struct_oper_list.matrix[2][2]         1.0000000000 
_pdbx_struct_oper_list.matrix[2][3]         0.0000000000 
_pdbx_struct_oper_list.vector[2]            0.0000000000 
_pdbx_struct_oper_list.matrix[3][1]         0.0000000000 
_pdbx_struct_oper_list.matrix[3][2]         0.0000000000 
_pdbx_struct_oper_list.matrix[3][3]         1.0000000000 
_pdbx_struct_oper_list.vector[3]            0.0000000000 
# 
_struct_biol.id        1 
_struct_biol.details   ? 
# 
loop_
_struct_conf.conf_type_id 
_struct_conf.id 
_struct_conf.pdbx_PDB_helix_id 
_struct_conf.beg_label_comp_id 
_struct_conf.beg_label_asym_id 
_struct_conf.beg_label_seq_id 
_struct_conf.pdbx_beg_PDB_ins_code 
_struct_conf.end_label_comp_id 
_struct_conf.end_label_asym_id 
_struct_conf.end_label_seq_id 
_struct_conf.pdbx_end_PDB_ins_code 
_struct_conf.beg_auth_comp_id 
_struct_conf.beg_auth_asym_id 
_struct_conf.beg_auth_seq_id 
_struct_conf.end_auth_comp_id 
_struct_conf.end_auth_asym_id 
_struct_conf.end_auth_seq_id 
_struct_conf.pdbx_PDB_helix_class 
_struct_conf.details 
_struct_conf.pdbx_PDB_helix_length 
HELX_P HELX_P1 1 VAL A 30  ? GLY A 43  ? VAL A 71  GLY A 84  1 ? 14 
HELX_P HELX_P2 2 THR A 120 ? ASP A 124 ? THR A 161 ASP A 165 5 ? 5  
HELX_P HELX_P3 3 GLY A 136 ? PHE A 146 ? GLY A 177 PHE A 187 1 ? 11 
# 
_struct_conf_type.id          HELX_P 
_struct_conf_type.criteria    ? 
_struct_conf_type.reference   ? 
# 
_struct_sheet.id               A 
_struct_sheet.type             ? 
_struct_sheet.number_strands   8 
_struct_sheet.details          ? 
# 
loop_
_struct_sheet_order.sheet_id 
_struct_sheet_order.range_id_1 
_struct_sheet_order.range_id_2 
_struct_sheet_order.offset 
_struct_sheet_order.sense 
A 1 2 ? anti-parallel 
A 2 3 ? anti-parallel 
A 3 4 ? anti-parallel 
A 4 5 ? anti-parallel 
A 5 6 ? anti-parallel 
A 6 7 ? anti-parallel 
A 7 8 ? anti-parallel 
# 
loop_
_struct_sheet_range.sheet_id 
_struct_sheet_range.id 
_struct_sheet_range.beg_label_comp_id 
_struct_sheet_range.beg_label_asym_id 
_struct_sheet_range.beg_label_seq_id 
_struct_sheet_range.pdbx_beg_PDB_ins_code 
_struct_sheet_range.end_label_comp_id 
_struct_sheet_range.end_label_asym_id 
_struct_sheet_range.end_label_seq_id 
_struct_sheet_range.pdbx_end_PDB_ins_code 
_struct_sheet_range.beg_auth_comp_id 
_struct_sheet_range.beg_auth_asym_id 
_struct_sheet_range.beg_auth_seq_id 
_struct_sheet_range.end_auth_comp_id 
_struct_sheet_range.end_auth_asym_id 
_struct_sheet_range.end_auth_seq_id 
A 1 PHE A 54  ? ILE A 58  ? PHE A 95  ILE A 99  
A 2 MET A 62  ? ALA A 65  ? MET A 103 ALA A 106 
A 3 PHE A 113 ? CYS A 116 ? PHE A 154 CYS A 157 
A 4 VAL A 98  ? MET A 101 ? VAL A 139 MET A 142 
A 5 VAL A 129 ? GLU A 135 ? VAL A 170 GLU A 176 
A 6 LYS A 16  ? LEU A 25  ? LYS A 57  LEU A 66  
A 7 LEU A 6   ? ALA A 13  ? LEU A 47  ALA A 54  
A 8 ILE A 157 ? GLN A 164 ? ILE A 198 GLN A 205 
# 
loop_
_pdbx_struct_sheet_hbond.sheet_id 
_pdbx_struct_sheet_hbond.range_id_1 
_pdbx_struct_sheet_hbond.range_id_2 
_pdbx_struct_sheet_hbond.range_1_label_atom_id 
_pdbx_struct_sheet_hbond.range_1_label_comp_id 
_pdbx_struct_sheet_hbond.range_1_label_asym_id 
_pdbx_struct_sheet_hbond.range_1_label_seq_id 
_pdbx_struct_sheet_hbond.range_1_PDB_ins_code 
_pdbx_struct_sheet_hbond.range_1_auth_atom_id 
_pdbx_struct_sheet_hbond.range_1_auth_comp_id 
_pdbx_struct_sheet_hbond.range_1_auth_asym_id 
_pdbx_struct_sheet_hbond.range_1_auth_seq_id 
_pdbx_struct_sheet_hbond.range_2_label_atom_id 
_pdbx_struct_sheet_hbond.range_2_label_comp_id 
_pdbx_struct_sheet_hbond.range_2_label_asym_id 
_pdbx_struct_sheet_hbond.range_2_label_seq_id 
_pdbx_struct_sheet_hbond.range_2_PDB_ins_code 
_pdbx_struct_sheet_hbond.range_2_auth_atom_id 
_pdbx_struct_sheet_hbond.range_2_auth_comp_id 
_pdbx_struct_sheet_hbond.range_2_auth_asym_id 
_pdbx_struct_sheet_hbond.range_2_auth_seq_id 
A 1 2 N ARG A 56  ? N ARG A 97  O GLN A 64  ? O GLN A 105 
A 2 3 N ALA A 65  ? N ALA A 106 O PHE A 113 ? O PHE A 154 
A 3 4 O CYS A 116 ? O CYS A 157 N VAL A 98  ? N VAL A 139 
A 4 5 N LEU A 99  ? N LEU A 140 O PHE A 130 ? O PHE A 171 
A 5 6 O ILE A 134 ? O ILE A 175 N VAL A 22  ? N VAL A 63  
A 6 7 O LEU A 18  ? O LEU A 59  N VAL A 11  ? N VAL A 52  
A 7 8 N ASP A 10  ? N ASP A 51  O ASP A 161 ? O ASP A 202 
# 
_struct_site.id                   AC1 
_struct_site.pdbx_evidence_code   Software 
_struct_site.pdbx_auth_asym_id    A 
_struct_site.pdbx_auth_comp_id    FP6 
_struct_site.pdbx_auth_seq_id     301 
_struct_site.pdbx_auth_ins_code   ? 
_struct_site.pdbx_num_residues    10 
_struct_site.details              'BINDING SITE FOR RESIDUE FP6 A 301' 
# 
loop_
_struct_site_gen.id 
_struct_site_gen.site_id 
_struct_site_gen.pdbx_num_res 
_struct_site_gen.label_comp_id 
_struct_site_gen.label_asym_id 
_struct_site_gen.label_seq_id 
_struct_site_gen.pdbx_auth_ins_code 
_struct_site_gen.auth_comp_id 
_struct_site_gen.auth_asym_id 
_struct_site_gen.auth_seq_id 
_struct_site_gen.label_atom_id 
_struct_site_gen.label_alt_id 
_struct_site_gen.symmetry 
_struct_site_gen.details 
1  AC1 10 ARG A 56  ? ARG A 97  . ? 1_555 ? 
2  AC1 10 PHE A 61  ? PHE A 102 . ? 1_555 ? 
3  AC1 10 GLN A 64  ? GLN A 105 . ? 1_555 ? 
4  AC1 10 ALA A 102 ? ALA A 143 . ? 1_555 ? 
5  AC1 10 ASN A 103 ? ASN A 144 . ? 1_555 ? 
6  AC1 10 PHE A 114 ? PHE A 155 . ? 1_555 ? 
7  AC1 10 HIS A 127 ? HIS A 168 . ? 1_555 ? 
8  AC1 10 HOH C .   ? HOH A 519 . ? 1_555 ? 
9  AC1 10 HOH C .   ? HOH A 520 . ? 1_555 ? 
10 AC1 10 HOH C .   ? HOH A 630 . ? 1_555 ? 
# 
_pdbx_validate_torsion.id              1 
_pdbx_validate_torsion.PDB_model_num   1 
_pdbx_validate_torsion.auth_comp_id    PHE 
_pdbx_validate_torsion.auth_asym_id    A 
_pdbx_validate_torsion.auth_seq_id     102 
_pdbx_validate_torsion.PDB_ins_code    ? 
_pdbx_validate_torsion.label_alt_id    ? 
_pdbx_validate_torsion.phi             -142.99 
_pdbx_validate_torsion.psi             -79.55 
# 
loop_
_pdbx_struct_special_symmetry.id 
_pdbx_struct_special_symmetry.PDB_model_num 
_pdbx_struct_special_symmetry.auth_asym_id 
_pdbx_struct_special_symmetry.auth_comp_id 
_pdbx_struct_special_symmetry.auth_seq_id 
_pdbx_struct_special_symmetry.PDB_ins_code 
_pdbx_struct_special_symmetry.label_asym_id 
_pdbx_struct_special_symmetry.label_comp_id 
_pdbx_struct_special_symmetry.label_seq_id 
1 1 A HOH 521 ? C HOH . 
2 1 A HOH 575 ? C HOH . 
# 
loop_
_pdbx_unobs_or_zero_occ_residues.id 
_pdbx_unobs_or_zero_occ_residues.PDB_model_num 
_pdbx_unobs_or_zero_occ_residues.polymer_flag 
_pdbx_unobs_or_zero_occ_residues.occupancy_flag 
_pdbx_unobs_or_zero_occ_residues.auth_asym_id 
_pdbx_unobs_or_zero_occ_residues.auth_comp_id 
_pdbx_unobs_or_zero_occ_residues.auth_seq_id 
_pdbx_unobs_or_zero_occ_residues.PDB_ins_code 
_pdbx_unobs_or_zero_occ_residues.label_asym_id 
_pdbx_unobs_or_zero_occ_residues.label_comp_id 
_pdbx_unobs_or_zero_occ_residues.label_seq_id 
1 1 Y 1 A MET 42 ? A MET 1 
2 1 Y 1 A SER 43 ? A SER 2 
# 
loop_
_chem_comp_atom.comp_id 
_chem_comp_atom.atom_id 
_chem_comp_atom.type_symbol 
_chem_comp_atom.pdbx_aromatic_flag 
_chem_comp_atom.pdbx_stereo_config 
_chem_comp_atom.pdbx_ordinal 
ALA N    N N N 1   
ALA CA   C N S 2   
ALA C    C N N 3   
ALA O    O N N 4   
ALA CB   C N N 5   
ALA OXT  O N N 6   
ALA H    H N N 7   
ALA H2   H N N 8   
ALA HA   H N N 9   
ALA HB1  H N N 10  
ALA HB2  H N N 11  
ALA HB3  H N N 12  
ALA HXT  H N N 13  
ARG N    N N N 14  
ARG CA   C N S 15  
ARG C    C N N 16  
ARG O    O N N 17  
ARG CB   C N N 18  
ARG CG   C N N 19  
ARG CD   C N N 20  
ARG NE   N N N 21  
ARG CZ   C N N 22  
ARG NH1  N N N 23  
ARG NH2  N N N 24  
ARG OXT  O N N 25  
ARG H    H N N 26  
ARG H2   H N N 27  
ARG HA   H N N 28  
ARG HB2  H N N 29  
ARG HB3  H N N 30  
ARG HG2  H N N 31  
ARG HG3  H N N 32  
ARG HD2  H N N 33  
ARG HD3  H N N 34  
ARG HE   H N N 35  
ARG HH11 H N N 36  
ARG HH12 H N N 37  
ARG HH21 H N N 38  
ARG HH22 H N N 39  
ARG HXT  H N N 40  
ASN N    N N N 41  
ASN CA   C N S 42  
ASN C    C N N 43  
ASN O    O N N 44  
ASN CB   C N N 45  
ASN CG   C N N 46  
ASN OD1  O N N 47  
ASN ND2  N N N 48  
ASN OXT  O N N 49  
ASN H    H N N 50  
ASN H2   H N N 51  
ASN HA   H N N 52  
ASN HB2  H N N 53  
ASN HB3  H N N 54  
ASN HD21 H N N 55  
ASN HD22 H N N 56  
ASN HXT  H N N 57  
ASP N    N N N 58  
ASP CA   C N S 59  
ASP C    C N N 60  
ASP O    O N N 61  
ASP CB   C N N 62  
ASP CG   C N N 63  
ASP OD1  O N N 64  
ASP OD2  O N N 65  
ASP OXT  O N N 66  
ASP H    H N N 67  
ASP H2   H N N 68  
ASP HA   H N N 69  
ASP HB2  H N N 70  
ASP HB3  H N N 71  
ASP HD2  H N N 72  
ASP HXT  H N N 73  
CYS N    N N N 74  
CYS CA   C N R 75  
CYS C    C N N 76  
CYS O    O N N 77  
CYS CB   C N N 78  
CYS SG   S N N 79  
CYS OXT  O N N 80  
CYS H    H N N 81  
CYS H2   H N N 82  
CYS HA   H N N 83  
CYS HB2  H N N 84  
CYS HB3  H N N 85  
CYS HG   H N N 86  
CYS HXT  H N N 87  
FP6 OAA  O N N 88  
FP6 CAB  C N N 89  
FP6 CAC  C N N 90  
FP6 CAD  C N N 91  
FP6 CAE  C N N 92  
FP6 CAF  C N N 93  
FP6 NAG  N N N 94  
FP6 HAB  H N N 95  
FP6 HAC  H N N 96  
FP6 HACA H N N 97  
FP6 HAD  H N N 98  
FP6 HADA H N N 99  
FP6 HAE  H N N 100 
FP6 HAEA H N N 101 
FP6 HAF  H N N 102 
FP6 HAFA H N N 103 
GLN N    N N N 104 
GLN CA   C N S 105 
GLN C    C N N 106 
GLN O    O N N 107 
GLN CB   C N N 108 
GLN CG   C N N 109 
GLN CD   C N N 110 
GLN OE1  O N N 111 
GLN NE2  N N N 112 
GLN OXT  O N N 113 
GLN H    H N N 114 
GLN H2   H N N 115 
GLN HA   H N N 116 
GLN HB2  H N N 117 
GLN HB3  H N N 118 
GLN HG2  H N N 119 
GLN HG3  H N N 120 
GLN HE21 H N N 121 
GLN HE22 H N N 122 
GLN HXT  H N N 123 
GLU N    N N N 124 
GLU CA   C N S 125 
GLU C    C N N 126 
GLU O    O N N 127 
GLU CB   C N N 128 
GLU CG   C N N 129 
GLU CD   C N N 130 
GLU OE1  O N N 131 
GLU OE2  O N N 132 
GLU OXT  O N N 133 
GLU H    H N N 134 
GLU H2   H N N 135 
GLU HA   H N N 136 
GLU HB2  H N N 137 
GLU HB3  H N N 138 
GLU HG2  H N N 139 
GLU HG3  H N N 140 
GLU HE2  H N N 141 
GLU HXT  H N N 142 
GLY N    N N N 143 
GLY CA   C N N 144 
GLY C    C N N 145 
GLY O    O N N 146 
GLY OXT  O N N 147 
GLY H    H N N 148 
GLY H2   H N N 149 
GLY HA2  H N N 150 
GLY HA3  H N N 151 
GLY HXT  H N N 152 
HIS N    N N N 153 
HIS CA   C N S 154 
HIS C    C N N 155 
HIS O    O N N 156 
HIS CB   C N N 157 
HIS CG   C Y N 158 
HIS ND1  N Y N 159 
HIS CD2  C Y N 160 
HIS CE1  C Y N 161 
HIS NE2  N Y N 162 
HIS OXT  O N N 163 
HIS H    H N N 164 
HIS H2   H N N 165 
HIS HA   H N N 166 
HIS HB2  H N N 167 
HIS HB3  H N N 168 
HIS HD1  H N N 169 
HIS HD2  H N N 170 
HIS HE1  H N N 171 
HIS HE2  H N N 172 
HIS HXT  H N N 173 
HOH O    O N N 174 
HOH H1   H N N 175 
HOH H2   H N N 176 
ILE N    N N N 177 
ILE CA   C N S 178 
ILE C    C N N 179 
ILE O    O N N 180 
ILE CB   C N S 181 
ILE CG1  C N N 182 
ILE CG2  C N N 183 
ILE CD1  C N N 184 
ILE OXT  O N N 185 
ILE H    H N N 186 
ILE H2   H N N 187 
ILE HA   H N N 188 
ILE HB   H N N 189 
ILE HG12 H N N 190 
ILE HG13 H N N 191 
ILE HG21 H N N 192 
ILE HG22 H N N 193 
ILE HG23 H N N 194 
ILE HD11 H N N 195 
ILE HD12 H N N 196 
ILE HD13 H N N 197 
ILE HXT  H N N 198 
LEU N    N N N 199 
LEU CA   C N S 200 
LEU C    C N N 201 
LEU O    O N N 202 
LEU CB   C N N 203 
LEU CG   C N N 204 
LEU CD1  C N N 205 
LEU CD2  C N N 206 
LEU OXT  O N N 207 
LEU H    H N N 208 
LEU H2   H N N 209 
LEU HA   H N N 210 
LEU HB2  H N N 211 
LEU HB3  H N N 212 
LEU HG   H N N 213 
LEU HD11 H N N 214 
LEU HD12 H N N 215 
LEU HD13 H N N 216 
LEU HD21 H N N 217 
LEU HD22 H N N 218 
LEU HD23 H N N 219 
LEU HXT  H N N 220 
LYS N    N N N 221 
LYS CA   C N S 222 
LYS C    C N N 223 
LYS O    O N N 224 
LYS CB   C N N 225 
LYS CG   C N N 226 
LYS CD   C N N 227 
LYS CE   C N N 228 
LYS NZ   N N N 229 
LYS OXT  O N N 230 
LYS H    H N N 231 
LYS H2   H N N 232 
LYS HA   H N N 233 
LYS HB2  H N N 234 
LYS HB3  H N N 235 
LYS HG2  H N N 236 
LYS HG3  H N N 237 
LYS HD2  H N N 238 
LYS HD3  H N N 239 
LYS HE2  H N N 240 
LYS HE3  H N N 241 
LYS HZ1  H N N 242 
LYS HZ2  H N N 243 
LYS HZ3  H N N 244 
LYS HXT  H N N 245 
MET N    N N N 246 
MET CA   C N S 247 
MET C    C N N 248 
MET O    O N N 249 
MET CB   C N N 250 
MET CG   C N N 251 
MET SD   S N N 252 
MET CE   C N N 253 
MET OXT  O N N 254 
MET H    H N N 255 
MET H2   H N N 256 
MET HA   H N N 257 
MET HB2  H N N 258 
MET HB3  H N N 259 
MET HG2  H N N 260 
MET HG3  H N N 261 
MET HE1  H N N 262 
MET HE2  H N N 263 
MET HE3  H N N 264 
MET HXT  H N N 265 
PHE N    N N N 266 
PHE CA   C N S 267 
PHE C    C N N 268 
PHE O    O N N 269 
PHE CB   C N N 270 
PHE CG   C Y N 271 
PHE CD1  C Y N 272 
PHE CD2  C Y N 273 
PHE CE1  C Y N 274 
PHE CE2  C Y N 275 
PHE CZ   C Y N 276 
PHE OXT  O N N 277 
PHE H    H N N 278 
PHE H2   H N N 279 
PHE HA   H N N 280 
PHE HB2  H N N 281 
PHE HB3  H N N 282 
PHE HD1  H N N 283 
PHE HD2  H N N 284 
PHE HE1  H N N 285 
PHE HE2  H N N 286 
PHE HZ   H N N 287 
PHE HXT  H N N 288 
PRO N    N N N 289 
PRO CA   C N S 290 
PRO C    C N N 291 
PRO O    O N N 292 
PRO CB   C N N 293 
PRO CG   C N N 294 
PRO CD   C N N 295 
PRO OXT  O N N 296 
PRO H    H N N 297 
PRO HA   H N N 298 
PRO HB2  H N N 299 
PRO HB3  H N N 300 
PRO HG2  H N N 301 
PRO HG3  H N N 302 
PRO HD2  H N N 303 
PRO HD3  H N N 304 
PRO HXT  H N N 305 
SER N    N N N 306 
SER CA   C N S 307 
SER C    C N N 308 
SER O    O N N 309 
SER CB   C N N 310 
SER OG   O N N 311 
SER OXT  O N N 312 
SER H    H N N 313 
SER H2   H N N 314 
SER HA   H N N 315 
SER HB2  H N N 316 
SER HB3  H N N 317 
SER HG   H N N 318 
SER HXT  H N N 319 
THR N    N N N 320 
THR CA   C N S 321 
THR C    C N N 322 
THR O    O N N 323 
THR CB   C N R 324 
THR OG1  O N N 325 
THR CG2  C N N 326 
THR OXT  O N N 327 
THR H    H N N 328 
THR H2   H N N 329 
THR HA   H N N 330 
THR HB   H N N 331 
THR HG1  H N N 332 
THR HG21 H N N 333 
THR HG22 H N N 334 
THR HG23 H N N 335 
THR HXT  H N N 336 
TRP N    N N N 337 
TRP CA   C N S 338 
TRP C    C N N 339 
TRP O    O N N 340 
TRP CB   C N N 341 
TRP CG   C Y N 342 
TRP CD1  C Y N 343 
TRP CD2  C Y N 344 
TRP NE1  N Y N 345 
TRP CE2  C Y N 346 
TRP CE3  C Y N 347 
TRP CZ2  C Y N 348 
TRP CZ3  C Y N 349 
TRP CH2  C Y N 350 
TRP OXT  O N N 351 
TRP H    H N N 352 
TRP H2   H N N 353 
TRP HA   H N N 354 
TRP HB2  H N N 355 
TRP HB3  H N N 356 
TRP HD1  H N N 357 
TRP HE1  H N N 358 
TRP HE3  H N N 359 
TRP HZ2  H N N 360 
TRP HZ3  H N N 361 
TRP HH2  H N N 362 
TRP HXT  H N N 363 
TYR N    N N N 364 
TYR CA   C N S 365 
TYR C    C N N 366 
TYR O    O N N 367 
TYR CB   C N N 368 
TYR CG   C Y N 369 
TYR CD1  C Y N 370 
TYR CD2  C Y N 371 
TYR CE1  C Y N 372 
TYR CE2  C Y N 373 
TYR CZ   C Y N 374 
TYR OH   O N N 375 
TYR OXT  O N N 376 
TYR H    H N N 377 
TYR H2   H N N 378 
TYR HA   H N N 379 
TYR HB2  H N N 380 
TYR HB3  H N N 381 
TYR HD1  H N N 382 
TYR HD2  H N N 383 
TYR HE1  H N N 384 
TYR HE2  H N N 385 
TYR HH   H N N 386 
TYR HXT  H N N 387 
VAL N    N N N 388 
VAL CA   C N S 389 
VAL C    C N N 390 
VAL O    O N N 391 
VAL CB   C N N 392 
VAL CG1  C N N 393 
VAL CG2  C N N 394 
VAL OXT  O N N 395 
VAL H    H N N 396 
VAL H2   H N N 397 
VAL HA   H N N 398 
VAL HB   H N N 399 
VAL HG11 H N N 400 
VAL HG12 H N N 401 
VAL HG13 H N N 402 
VAL HG21 H N N 403 
VAL HG22 H N N 404 
VAL HG23 H N N 405 
VAL HXT  H N N 406 
# 
loop_
_chem_comp_bond.comp_id 
_chem_comp_bond.atom_id_1 
_chem_comp_bond.atom_id_2 
_chem_comp_bond.value_order 
_chem_comp_bond.pdbx_aromatic_flag 
_chem_comp_bond.pdbx_stereo_config 
_chem_comp_bond.pdbx_ordinal 
ALA N   CA   sing N N 1   
ALA N   H    sing N N 2   
ALA N   H2   sing N N 3   
ALA CA  C    sing N N 4   
ALA CA  CB   sing N N 5   
ALA CA  HA   sing N N 6   
ALA C   O    doub N N 7   
ALA C   OXT  sing N N 8   
ALA CB  HB1  sing N N 9   
ALA CB  HB2  sing N N 10  
ALA CB  HB3  sing N N 11  
ALA OXT HXT  sing N N 12  
ARG N   CA   sing N N 13  
ARG N   H    sing N N 14  
ARG N   H2   sing N N 15  
ARG CA  C    sing N N 16  
ARG CA  CB   sing N N 17  
ARG CA  HA   sing N N 18  
ARG C   O    doub N N 19  
ARG C   OXT  sing N N 20  
ARG CB  CG   sing N N 21  
ARG CB  HB2  sing N N 22  
ARG CB  HB3  sing N N 23  
ARG CG  CD   sing N N 24  
ARG CG  HG2  sing N N 25  
ARG CG  HG3  sing N N 26  
ARG CD  NE   sing N N 27  
ARG CD  HD2  sing N N 28  
ARG CD  HD3  sing N N 29  
ARG NE  CZ   sing N N 30  
ARG NE  HE   sing N N 31  
ARG CZ  NH1  sing N N 32  
ARG CZ  NH2  doub N N 33  
ARG NH1 HH11 sing N N 34  
ARG NH1 HH12 sing N N 35  
ARG NH2 HH21 sing N N 36  
ARG NH2 HH22 sing N N 37  
ARG OXT HXT  sing N N 38  
ASN N   CA   sing N N 39  
ASN N   H    sing N N 40  
ASN N   H2   sing N N 41  
ASN CA  C    sing N N 42  
ASN CA  CB   sing N N 43  
ASN CA  HA   sing N N 44  
ASN C   O    doub N N 45  
ASN C   OXT  sing N N 46  
ASN CB  CG   sing N N 47  
ASN CB  HB2  sing N N 48  
ASN CB  HB3  sing N N 49  
ASN CG  OD1  doub N N 50  
ASN CG  ND2  sing N N 51  
ASN ND2 HD21 sing N N 52  
ASN ND2 HD22 sing N N 53  
ASN OXT HXT  sing N N 54  
ASP N   CA   sing N N 55  
ASP N   H    sing N N 56  
ASP N   H2   sing N N 57  
ASP CA  C    sing N N 58  
ASP CA  CB   sing N N 59  
ASP CA  HA   sing N N 60  
ASP C   O    doub N N 61  
ASP C   OXT  sing N N 62  
ASP CB  CG   sing N N 63  
ASP CB  HB2  sing N N 64  
ASP CB  HB3  sing N N 65  
ASP CG  OD1  doub N N 66  
ASP CG  OD2  sing N N 67  
ASP OD2 HD2  sing N N 68  
ASP OXT HXT  sing N N 69  
CYS N   CA   sing N N 70  
CYS N   H    sing N N 71  
CYS N   H2   sing N N 72  
CYS CA  C    sing N N 73  
CYS CA  CB   sing N N 74  
CYS CA  HA   sing N N 75  
CYS C   O    doub N N 76  
CYS C   OXT  sing N N 77  
CYS CB  SG   sing N N 78  
CYS CB  HB2  sing N N 79  
CYS CB  HB3  sing N N 80  
CYS SG  HG   sing N N 81  
CYS OXT HXT  sing N N 82  
FP6 OAA CAB  doub N N 83  
FP6 CAB NAG  sing N N 84  
FP6 CAC CAD  sing N N 85  
FP6 CAC CAE  sing N N 86  
FP6 CAD CAF  sing N N 87  
FP6 CAE NAG  sing N N 88  
FP6 CAF NAG  sing N N 89  
FP6 CAB HAB  sing N N 90  
FP6 CAC HAC  sing N N 91  
FP6 CAC HACA sing N N 92  
FP6 CAD HAD  sing N N 93  
FP6 CAD HADA sing N N 94  
FP6 CAE HAE  sing N N 95  
FP6 CAE HAEA sing N N 96  
FP6 CAF HAF  sing N N 97  
FP6 CAF HAFA sing N N 98  
GLN N   CA   sing N N 99  
GLN N   H    sing N N 100 
GLN N   H2   sing N N 101 
GLN CA  C    sing N N 102 
GLN CA  CB   sing N N 103 
GLN CA  HA   sing N N 104 
GLN C   O    doub N N 105 
GLN C   OXT  sing N N 106 
GLN CB  CG   sing N N 107 
GLN CB  HB2  sing N N 108 
GLN CB  HB3  sing N N 109 
GLN CG  CD   sing N N 110 
GLN CG  HG2  sing N N 111 
GLN CG  HG3  sing N N 112 
GLN CD  OE1  doub N N 113 
GLN CD  NE2  sing N N 114 
GLN NE2 HE21 sing N N 115 
GLN NE2 HE22 sing N N 116 
GLN OXT HXT  sing N N 117 
GLU N   CA   sing N N 118 
GLU N   H    sing N N 119 
GLU N   H2   sing N N 120 
GLU CA  C    sing N N 121 
GLU CA  CB   sing N N 122 
GLU CA  HA   sing N N 123 
GLU C   O    doub N N 124 
GLU C   OXT  sing N N 125 
GLU CB  CG   sing N N 126 
GLU CB  HB2  sing N N 127 
GLU CB  HB3  sing N N 128 
GLU CG  CD   sing N N 129 
GLU CG  HG2  sing N N 130 
GLU CG  HG3  sing N N 131 
GLU CD  OE1  doub N N 132 
GLU CD  OE2  sing N N 133 
GLU OE2 HE2  sing N N 134 
GLU OXT HXT  sing N N 135 
GLY N   CA   sing N N 136 
GLY N   H    sing N N 137 
GLY N   H2   sing N N 138 
GLY CA  C    sing N N 139 
GLY CA  HA2  sing N N 140 
GLY CA  HA3  sing N N 141 
GLY C   O    doub N N 142 
GLY C   OXT  sing N N 143 
GLY OXT HXT  sing N N 144 
HIS N   CA   sing N N 145 
HIS N   H    sing N N 146 
HIS N   H2   sing N N 147 
HIS CA  C    sing N N 148 
HIS CA  CB   sing N N 149 
HIS CA  HA   sing N N 150 
HIS C   O    doub N N 151 
HIS C   OXT  sing N N 152 
HIS CB  CG   sing N N 153 
HIS CB  HB2  sing N N 154 
HIS CB  HB3  sing N N 155 
HIS CG  ND1  sing Y N 156 
HIS CG  CD2  doub Y N 157 
HIS ND1 CE1  doub Y N 158 
HIS ND1 HD1  sing N N 159 
HIS CD2 NE2  sing Y N 160 
HIS CD2 HD2  sing N N 161 
HIS CE1 NE2  sing Y N 162 
HIS CE1 HE1  sing N N 163 
HIS NE2 HE2  sing N N 164 
HIS OXT HXT  sing N N 165 
HOH O   H1   sing N N 166 
HOH O   H2   sing N N 167 
ILE N   CA   sing N N 168 
ILE N   H    sing N N 169 
ILE N   H2   sing N N 170 
ILE CA  C    sing N N 171 
ILE CA  CB   sing N N 172 
ILE CA  HA   sing N N 173 
ILE C   O    doub N N 174 
ILE C   OXT  sing N N 175 
ILE CB  CG1  sing N N 176 
ILE CB  CG2  sing N N 177 
ILE CB  HB   sing N N 178 
ILE CG1 CD1  sing N N 179 
ILE CG1 HG12 sing N N 180 
ILE CG1 HG13 sing N N 181 
ILE CG2 HG21 sing N N 182 
ILE CG2 HG22 sing N N 183 
ILE CG2 HG23 sing N N 184 
ILE CD1 HD11 sing N N 185 
ILE CD1 HD12 sing N N 186 
ILE CD1 HD13 sing N N 187 
ILE OXT HXT  sing N N 188 
LEU N   CA   sing N N 189 
LEU N   H    sing N N 190 
LEU N   H2   sing N N 191 
LEU CA  C    sing N N 192 
LEU CA  CB   sing N N 193 
LEU CA  HA   sing N N 194 
LEU C   O    doub N N 195 
LEU C   OXT  sing N N 196 
LEU CB  CG   sing N N 197 
LEU CB  HB2  sing N N 198 
LEU CB  HB3  sing N N 199 
LEU CG  CD1  sing N N 200 
LEU CG  CD2  sing N N 201 
LEU CG  HG   sing N N 202 
LEU CD1 HD11 sing N N 203 
LEU CD1 HD12 sing N N 204 
LEU CD1 HD13 sing N N 205 
LEU CD2 HD21 sing N N 206 
LEU CD2 HD22 sing N N 207 
LEU CD2 HD23 sing N N 208 
LEU OXT HXT  sing N N 209 
LYS N   CA   sing N N 210 
LYS N   H    sing N N 211 
LYS N   H2   sing N N 212 
LYS CA  C    sing N N 213 
LYS CA  CB   sing N N 214 
LYS CA  HA   sing N N 215 
LYS C   O    doub N N 216 
LYS C   OXT  sing N N 217 
LYS CB  CG   sing N N 218 
LYS CB  HB2  sing N N 219 
LYS CB  HB3  sing N N 220 
LYS CG  CD   sing N N 221 
LYS CG  HG2  sing N N 222 
LYS CG  HG3  sing N N 223 
LYS CD  CE   sing N N 224 
LYS CD  HD2  sing N N 225 
LYS CD  HD3  sing N N 226 
LYS CE  NZ   sing N N 227 
LYS CE  HE2  sing N N 228 
LYS CE  HE3  sing N N 229 
LYS NZ  HZ1  sing N N 230 
LYS NZ  HZ2  sing N N 231 
LYS NZ  HZ3  sing N N 232 
LYS OXT HXT  sing N N 233 
MET N   CA   sing N N 234 
MET N   H    sing N N 235 
MET N   H2   sing N N 236 
MET CA  C    sing N N 237 
MET CA  CB   sing N N 238 
MET CA  HA   sing N N 239 
MET C   O    doub N N 240 
MET C   OXT  sing N N 241 
MET CB  CG   sing N N 242 
MET CB  HB2  sing N N 243 
MET CB  HB3  sing N N 244 
MET CG  SD   sing N N 245 
MET CG  HG2  sing N N 246 
MET CG  HG3  sing N N 247 
MET SD  CE   sing N N 248 
MET CE  HE1  sing N N 249 
MET CE  HE2  sing N N 250 
MET CE  HE3  sing N N 251 
MET OXT HXT  sing N N 252 
PHE N   CA   sing N N 253 
PHE N   H    sing N N 254 
PHE N   H2   sing N N 255 
PHE CA  C    sing N N 256 
PHE CA  CB   sing N N 257 
PHE CA  HA   sing N N 258 
PHE C   O    doub N N 259 
PHE C   OXT  sing N N 260 
PHE CB  CG   sing N N 261 
PHE CB  HB2  sing N N 262 
PHE CB  HB3  sing N N 263 
PHE CG  CD1  doub Y N 264 
PHE CG  CD2  sing Y N 265 
PHE CD1 CE1  sing Y N 266 
PHE CD1 HD1  sing N N 267 
PHE CD2 CE2  doub Y N 268 
PHE CD2 HD2  sing N N 269 
PHE CE1 CZ   doub Y N 270 
PHE CE1 HE1  sing N N 271 
PHE CE2 CZ   sing Y N 272 
PHE CE2 HE2  sing N N 273 
PHE CZ  HZ   sing N N 274 
PHE OXT HXT  sing N N 275 
PRO N   CA   sing N N 276 
PRO N   CD   sing N N 277 
PRO N   H    sing N N 278 
PRO CA  C    sing N N 279 
PRO CA  CB   sing N N 280 
PRO CA  HA   sing N N 281 
PRO C   O    doub N N 282 
PRO C   OXT  sing N N 283 
PRO CB  CG   sing N N 284 
PRO CB  HB2  sing N N 285 
PRO CB  HB3  sing N N 286 
PRO CG  CD   sing N N 287 
PRO CG  HG2  sing N N 288 
PRO CG  HG3  sing N N 289 
PRO CD  HD2  sing N N 290 
PRO CD  HD3  sing N N 291 
PRO OXT HXT  sing N N 292 
SER N   CA   sing N N 293 
SER N   H    sing N N 294 
SER N   H2   sing N N 295 
SER CA  C    sing N N 296 
SER CA  CB   sing N N 297 
SER CA  HA   sing N N 298 
SER C   O    doub N N 299 
SER C   OXT  sing N N 300 
SER CB  OG   sing N N 301 
SER CB  HB2  sing N N 302 
SER CB  HB3  sing N N 303 
SER OG  HG   sing N N 304 
SER OXT HXT  sing N N 305 
THR N   CA   sing N N 306 
THR N   H    sing N N 307 
THR N   H2   sing N N 308 
THR CA  C    sing N N 309 
THR CA  CB   sing N N 310 
THR CA  HA   sing N N 311 
THR C   O    doub N N 312 
THR C   OXT  sing N N 313 
THR CB  OG1  sing N N 314 
THR CB  CG2  sing N N 315 
THR CB  HB   sing N N 316 
THR OG1 HG1  sing N N 317 
THR CG2 HG21 sing N N 318 
THR CG2 HG22 sing N N 319 
THR CG2 HG23 sing N N 320 
THR OXT HXT  sing N N 321 
TRP N   CA   sing N N 322 
TRP N   H    sing N N 323 
TRP N   H2   sing N N 324 
TRP CA  C    sing N N 325 
TRP CA  CB   sing N N 326 
TRP CA  HA   sing N N 327 
TRP C   O    doub N N 328 
TRP C   OXT  sing N N 329 
TRP CB  CG   sing N N 330 
TRP CB  HB2  sing N N 331 
TRP CB  HB3  sing N N 332 
TRP CG  CD1  doub Y N 333 
TRP CG  CD2  sing Y N 334 
TRP CD1 NE1  sing Y N 335 
TRP CD1 HD1  sing N N 336 
TRP CD2 CE2  doub Y N 337 
TRP CD2 CE3  sing Y N 338 
TRP NE1 CE2  sing Y N 339 
TRP NE1 HE1  sing N N 340 
TRP CE2 CZ2  sing Y N 341 
TRP CE3 CZ3  doub Y N 342 
TRP CE3 HE3  sing N N 343 
TRP CZ2 CH2  doub Y N 344 
TRP CZ2 HZ2  sing N N 345 
TRP CZ3 CH2  sing Y N 346 
TRP CZ3 HZ3  sing N N 347 
TRP CH2 HH2  sing N N 348 
TRP OXT HXT  sing N N 349 
TYR N   CA   sing N N 350 
TYR N   H    sing N N 351 
TYR N   H2   sing N N 352 
TYR CA  C    sing N N 353 
TYR CA  CB   sing N N 354 
TYR CA  HA   sing N N 355 
TYR C   O    doub N N 356 
TYR C   OXT  sing N N 357 
TYR CB  CG   sing N N 358 
TYR CB  HB2  sing N N 359 
TYR CB  HB3  sing N N 360 
TYR CG  CD1  doub Y N 361 
TYR CG  CD2  sing Y N 362 
TYR CD1 CE1  sing Y N 363 
TYR CD1 HD1  sing N N 364 
TYR CD2 CE2  doub Y N 365 
TYR CD2 HD2  sing N N 366 
TYR CE1 CZ   doub Y N 367 
TYR CE1 HE1  sing N N 368 
TYR CE2 CZ   sing Y N 369 
TYR CE2 HE2  sing N N 370 
TYR CZ  OH   sing N N 371 
TYR OH  HH   sing N N 372 
TYR OXT HXT  sing N N 373 
VAL N   CA   sing N N 374 
VAL N   H    sing N N 375 
VAL N   H2   sing N N 376 
VAL CA  C    sing N N 377 
VAL CA  CB   sing N N 378 
VAL CA  HA   sing N N 379 
VAL C   O    doub N N 380 
VAL C   OXT  sing N N 381 
VAL CB  CG1  sing N N 382 
VAL CB  CG2  sing N N 383 
VAL CB  HB   sing N N 384 
VAL CG1 HG11 sing N N 385 
VAL CG1 HG12 sing N N 386 
VAL CG1 HG13 sing N N 387 
VAL CG2 HG21 sing N N 388 
VAL CG2 HG22 sing N N 389 
VAL CG2 HG23 sing N N 390 
VAL OXT HXT  sing N N 391 
# 
_atom_sites.entry_id                    3R54 
_atom_sites.fract_transf_matrix[1][1]   0.00882584 
_atom_sites.fract_transf_matrix[1][2]   -0.00363875 
_atom_sites.fract_transf_matrix[1][3]   -0.01458915 
_atom_sites.fract_transf_matrix[2][1]   -0.01502290 
_atom_sites.fract_transf_matrix[2][2]   -0.00142568 
_atom_sites.fract_transf_matrix[2][3]   -0.00873265 
_atom_sites.fract_transf_matrix[3][1]   0.00041327 
_atom_sites.fract_transf_matrix[3][2]   0.01115377 
_atom_sites.fract_transf_matrix[3][3]   -0.00253190 
_atom_sites.fract_transf_vector[1]      0.217964 
_atom_sites.fract_transf_vector[2]      0.243096 
_atom_sites.fract_transf_vector[3]      0.269989 
# 
loop_
_atom_type.symbol 
C 
N 
O 
S 
# 
loop_
_atom_site.group_PDB 
_atom_site.id 
_atom_site.type_symbol 
_atom_site.label_atom_id 
_atom_site.label_alt_id 
_atom_site.label_comp_id 
_atom_site.label_asym_id 
_atom_site.label_entity_id 
_atom_site.label_seq_id 
_atom_site.pdbx_PDB_ins_code 
_atom_site.Cartn_x 
_atom_site.Cartn_y 
_atom_site.Cartn_z 
_atom_site.occupancy 
_atom_site.B_iso_or_equiv 
_atom_site.pdbx_formal_charge 
_atom_site.auth_seq_id 
_atom_site.auth_comp_id 
_atom_site.auth_asym_id 
_atom_site.auth_atom_id 
_atom_site.pdbx_PDB_model_num 
ATOM   1    N N   . GLY A 1 3   ? 5.872   17.368  -10.798 1.00 9.16  ? 44  GLY A N   1 
ATOM   2    C CA  . GLY A 1 3   ? 4.740   16.436  -11.076 1.00 7.70  ? 44  GLY A CA  1 
ATOM   3    C C   . GLY A 1 3   ? 4.420   15.530  -9.886  1.00 7.93  ? 44  GLY A C   1 
ATOM   4    O O   . GLY A 1 3   ? 4.893   15.780  -8.760  1.00 8.81  ? 44  GLY A O   1 
ATOM   5    N N   . ASN A 1 4   ? 3.617   14.493  -10.134 1.00 7.26  ? 45  ASN A N   1 
ATOM   6    C CA  . ASN A 1 4   ? 3.207   13.546  -9.084  1.00 7.41  ? 45  ASN A CA  1 
ATOM   7    C C   . ASN A 1 4   ? 4.410   12.828  -8.503  1.00 7.24  ? 45  ASN A C   1 
ATOM   8    O O   . ASN A 1 4   ? 5.327   12.467  -9.246  1.00 8.35  ? 45  ASN A O   1 
ATOM   9    C CB  . ASN A 1 4   ? 2.180   12.526  -9.612  1.00 6.10  ? 45  ASN A CB  1 
ATOM   10   C CG  . ASN A 1 4   ? 0.782   13.093  -9.700  1.00 6.39  ? 45  ASN A CG  1 
ATOM   11   O OD1 . ASN A 1 4   ? 0.405   13.976  -8.925  1.00 6.74  ? 45  ASN A OD1 1 
ATOM   12   N ND2 . ASN A 1 4   ? -0.011  12.561  -10.641 1.00 7.99  ? 45  ASN A ND2 1 
ATOM   13   N N   . PRO A 1 5   ? 4.416   12.595  -7.194  1.00 6.29  ? 46  PRO A N   1 
ATOM   14   C CA  . PRO A 1 5   ? 5.557   11.885  -6.586  1.00 6.87  ? 46  PRO A CA  1 
ATOM   15   C C   . PRO A 1 5   ? 5.718   10.464  -7.052  1.00 6.29  ? 46  PRO A C   1 
ATOM   16   O O   . PRO A 1 5   ? 4.727   9.759   -7.295  1.00 6.30  ? 46  PRO A O   1 
ATOM   17   C CB  . PRO A 1 5   ? 5.194   11.813  -5.102  1.00 8.01  ? 46  PRO A CB  1 
ATOM   18   C CG  . PRO A 1 5   ? 4.111   12.748  -4.891  1.00 7.89  ? 46  PRO A CG  1 
ATOM   19   C CD  . PRO A 1 5   ? 3.405   12.971  -6.199  1.00 6.06  ? 46  PRO A CD  1 
ATOM   20   N N   . LEU A 1 6   ? 6.971   10.019  -7.086  1.00 5.83  ? 47  LEU A N   1 
ATOM   21   C CA  . LEU A 1 6   ? 7.338   8.616   -7.248  1.00 5.88  ? 47  LEU A CA  1 
ATOM   22   C C   . LEU A 1 6   ? 7.970   8.171   -5.946  1.00 5.51  ? 47  LEU A C   1 
ATOM   23   O O   . LEU A 1 6   ? 8.888   8.814   -5.434  1.00 6.14  ? 47  LEU A O   1 
ATOM   24   C CB  . LEU A 1 6   ? 8.342   8.393   -8.390  1.00 6.39  ? 47  LEU A CB  1 
ATOM   25   C CG  . LEU A 1 6   ? 7.936   8.667   -9.841  1.00 7.53  ? 47  LEU A CG  1 
ATOM   26   C CD1 . LEU A 1 6   ? 9.040   8.105   -10.746 1.00 8.53  ? 47  LEU A CD1 1 
ATOM   27   C CD2 . LEU A 1 6   ? 6.566   8.049   -10.182 1.00 8.94  ? 47  LEU A CD2 1 
ATOM   28   N N   . VAL A 1 7   ? 7.446   7.078   -5.416  1.00 4.69  ? 48  VAL A N   1 
ATOM   29   C CA  . VAL A 1 7   ? 7.986   6.483   -4.174  1.00 4.93  ? 48  VAL A CA  1 
ATOM   30   C C   . VAL A 1 7   ? 8.334   5.005   -4.396  1.00 5.36  ? 48  VAL A C   1 
ATOM   31   O O   . VAL A 1 7   ? 7.931   4.402   -5.416  1.00 5.69  ? 48  VAL A O   1 
ATOM   32   C CB  . VAL A 1 7   ? 7.031   6.674   -2.982  1.00 5.16  ? 48  VAL A CB  1 
ATOM   33   C CG1 . VAL A 1 7   ? 6.823   8.176   -2.688  1.00 7.04  ? 48  VAL A CG1 1 
ATOM   34   C CG2 . VAL A 1 7   ? 5.677   5.948   -3.243  1.00 6.15  ? 48  VAL A CG2 1 
ATOM   35   N N   . TYR A 1 8   ? 9.095   4.422   -3.485  1.00 5.53  ? 49  TYR A N   1 
ATOM   36   C CA  . TYR A 1 8   ? 9.536   3.036   -3.616  1.00 6.54  ? 49  TYR A CA  1 
ATOM   37   C C   . TYR A 1 8   ? 9.386   2.231   -2.329  1.00 5.33  ? 49  TYR A C   1 
ATOM   38   O O   . TYR A 1 8   ? 9.489   2.795   -1.223  1.00 5.56  ? 49  TYR A O   1 
ATOM   39   C CB  . TYR A 1 8   ? 10.997  2.939   -4.104  1.00 6.72  ? 49  TYR A CB  1 
ATOM   40   C CG  . TYR A 1 8   ? 12.035  3.409   -3.130  1.00 6.94  ? 49  TYR A CG  1 
ATOM   41   C CD1 . TYR A 1 8   ? 12.676  2.528   -2.250  1.00 6.11  ? 49  TYR A CD1 1 
ATOM   42   C CD2 . TYR A 1 8   ? 12.382  4.746   -3.076  1.00 6.98  ? 49  TYR A CD2 1 
ATOM   43   C CE1 . TYR A 1 8   ? 13.637  3.006   -1.348  1.00 7.16  ? 49  TYR A CE1 1 
ATOM   44   C CE2 . TYR A 1 8   ? 13.339  5.211   -2.212  1.00 8.15  ? 49  TYR A CE2 1 
ATOM   45   C CZ  . TYR A 1 8   ? 13.953  4.345   -1.331  1.00 9.20  ? 49  TYR A CZ  1 
ATOM   46   O OH  . TYR A 1 8   ? 14.883  4.851   -0.415  0.80 8.43  ? 49  TYR A OH  1 
ATOM   47   N N   . LEU A 1 9   ? 9.188   0.918   -2.488  1.00 5.73  ? 50  LEU A N   1 
ATOM   48   C CA  . LEU A 1 9   ? 9.227   -0.061  -1.401  1.00 5.82  ? 50  LEU A CA  1 
ATOM   49   C C   . LEU A 1 9   ? 10.196  -1.147  -1.850  1.00 5.70  ? 50  LEU A C   1 
ATOM   50   O O   . LEU A 1 9   ? 9.981   -1.730  -2.899  1.00 6.35  ? 50  LEU A O   1 
ATOM   51   C CB  . LEU A 1 9   ? 7.848   -0.714  -1.206  1.00 5.64  ? 50  LEU A CB  1 
ATOM   52   C CG  . LEU A 1 9   ? 6.627   0.206   -1.051  1.00 5.83  ? 50  LEU A CG  1 
ATOM   53   C CD1 . LEU A 1 9   ? 5.351   -0.671  -0.995  1.00 6.72  ? 50  LEU A CD1 1 
ATOM   54   C CD2 . LEU A 1 9   ? 6.750   1.100   0.202   1.00 7.64  ? 50  LEU A CD2 1 
ATOM   55   N N   . ASP A 1 10  ? 11.197  -1.447  -1.025  1.00 5.31  ? 51  ASP A N   1 
ATOM   56   C CA  . ASP A 1 10  ? 12.089  -2.581  -1.224  1.00 5.90  ? 51  ASP A CA  1 
ATOM   57   C C   . ASP A 1 10  ? 11.610  -3.678  -0.289  1.00 5.91  ? 51  ASP A C   1 
ATOM   58   O O   . ASP A 1 10  ? 11.467  -3.438  0.919   1.00 6.67  ? 51  ASP A O   1 
ATOM   59   C CB  . ASP A 1 10  ? 13.546  -2.188  -0.909  1.00 6.09  ? 51  ASP A CB  1 
ATOM   60   C CG  . ASP A 1 10  ? 14.128  -1.259  -1.934  1.00 8.61  ? 51  ASP A CG  1 
ATOM   61   O OD1 . ASP A 1 10  ? 13.705  -1.309  -3.094  1.00 8.44  ? 51  ASP A OD1 1 
ATOM   62   O OD2 . ASP A 1 10  ? 15.002  -0.461  -1.575  1.00 10.29 ? 51  ASP A OD2 1 
ATOM   63   N N   . VAL A 1 11  ? 11.317  -4.857  -0.858  1.00 5.85  ? 52  VAL A N   1 
ATOM   64   C CA  . VAL A 1 11  ? 10.631  -5.911  -0.149  1.00 6.09  ? 52  VAL A CA  1 
ATOM   65   C C   . VAL A 1 11  ? 11.479  -7.194  -0.096  1.00 6.68  ? 52  VAL A C   1 
ATOM   66   O O   . VAL A 1 11  ? 11.952  -7.680  -1.113  1.00 7.68  ? 52  VAL A O   1 
ATOM   67   C CB  . VAL A 1 11  ? 9.282   -6.200  -0.800  1.00 5.64  ? 52  VAL A CB  1 
ATOM   68   C CG1 . VAL A 1 11  ? 8.491   -7.194  0.054   1.00 7.36  ? 52  VAL A CG1 1 
ATOM   69   C CG2 . VAL A 1 11  ? 8.466   -4.904  -0.979  1.00 7.32  ? 52  VAL A CG2 1 
ATOM   70   N N   . ASP A 1 12  ? 11.638  -7.726  1.124   1.00 6.76  ? 53  ASP A N   1 
ATOM   71   C CA  . ASP A 1 12  ? 12.238  -9.046  1.368   1.00 7.29  ? 53  ASP A CA  1 
ATOM   72   C C   . ASP A 1 12  ? 11.118  -10.078 1.570   1.00 6.62  ? 53  ASP A C   1 
ATOM   73   O O   . ASP A 1 12  ? 10.018  -9.748  2.055   1.00 7.35  ? 53  ASP A O   1 
ATOM   74   C CB  . ASP A 1 12  ? 12.992  -9.069  2.696   1.00 7.10  ? 53  ASP A CB  1 
ATOM   75   C CG  . ASP A 1 12  ? 14.445  -8.630  2.621   0.80 6.07  ? 53  ASP A CG  1 
ATOM   76   O OD1 . ASP A 1 12  ? 15.101  -8.803  3.662   0.80 7.41  ? 53  ASP A OD1 1 
ATOM   77   O OD2 . ASP A 1 12  ? 14.933  -8.101  1.606   0.80 6.29  ? 53  ASP A OD2 1 
ATOM   78   N N   . ALA A 1 13  ? 11.397  -11.337 1.239   1.00 6.87  ? 54  ALA A N   1 
ATOM   79   C CA  . ALA A 1 13  ? 10.605  -12.475 1.718   1.00 6.67  ? 54  ALA A CA  1 
ATOM   80   C C   . ALA A 1 13  ? 11.536  -13.459 2.417   1.00 7.72  ? 54  ALA A C   1 
ATOM   81   O O   . ALA A 1 13  ? 12.558  -13.880 1.859   1.00 7.84  ? 54  ALA A O   1 
ATOM   82   C CB  . ALA A 1 13  ? 9.873   -13.155 0.548   1.00 7.77  ? 54  ALA A CB  1 
ATOM   83   N N   . ASN A 1 14  ? 11.187  -13.802 3.651   1.00 7.65  ? 55  ASN A N   1 
ATOM   84   C CA  . ASN A 1 14  ? 12.081  -14.566 4.526   1.00 8.08  ? 55  ASN A CA  1 
ATOM   85   C C   . ASN A 1 14  ? 13.531  -14.070 4.475   1.00 8.37  ? 55  ASN A C   1 
ATOM   86   O O   . ASN A 1 14  ? 14.487  -14.862 4.339   1.00 8.82  ? 55  ASN A O   1 
ATOM   87   C CB  . ASN A 1 14  ? 12.004  -16.036 4.171   1.00 7.46  ? 55  ASN A CB  1 
ATOM   88   C CG  . ASN A 1 14  ? 10.677  -16.691 4.580   1.00 7.05  ? 55  ASN A CG  1 
ATOM   89   O OD1 . ASN A 1 14  ? 9.950   -16.159 5.426   1.00 8.49  ? 55  ASN A OD1 1 
ATOM   90   N ND2 . ASN A 1 14  ? 10.353  -17.835 3.962   1.00 7.53  ? 55  ASN A ND2 1 
ATOM   91   N N   . GLY A 1 15  ? 13.696  -12.759 4.585   1.00 8.41  ? 56  GLY A N   1 
ATOM   92   C CA  . GLY A 1 15  ? 15.012  -12.193 4.737   1.00 8.49  ? 56  GLY A CA  1 
ATOM   93   C C   . GLY A 1 15  ? 15.851  -12.083 3.484   1.00 8.98  ? 56  GLY A C   1 
ATOM   94   O O   . GLY A 1 15  ? 17.029  -11.756 3.575   1.00 10.50 ? 56  GLY A O   1 
ATOM   95   N N   . LYS A 1 16  ? 15.289  -12.336 2.308   1.00 9.68  ? 57  LYS A N   1 
ATOM   96   C CA  . LYS A 1 16  ? 16.060  -12.154 1.081   1.00 9.65  ? 57  LYS A CA  1 
ATOM   97   C C   . LYS A 1 16  ? 15.303  -11.247 0.130   1.00 7.64  ? 57  LYS A C   1 
ATOM   98   O O   . LYS A 1 16  ? 14.080  -11.326 0.036   1.00 7.45  ? 57  LYS A O   1 
ATOM   99   C CB  . LYS A 1 16  ? 16.365  -13.485 0.420   1.00 11.02 ? 57  LYS A CB  1 
ATOM   100  C CG  . LYS A 1 16  ? 17.135  -14.453 1.294   1.00 13.28 ? 57  LYS A CG  1 
ATOM   101  C CD  A LYS A 1 16  ? 18.607  -14.093 1.384   0.50 14.00 ? 57  LYS A CD  1 
ATOM   102  C CD  B LYS A 1 16  ? 18.678  -14.369 1.224   0.30 13.88 ? 57  LYS A CD  1 
ATOM   103  C CE  A LYS A 1 16  ? 19.336  -15.134 2.212   0.50 12.92 ? 57  LYS A CE  1 
ATOM   104  C CE  B LYS A 1 16  ? 19.307  -12.984 1.299   0.30 12.78 ? 57  LYS A CE  1 
ATOM   105  N NZ  A LYS A 1 16  ? 19.258  -16.442 1.514   0.50 13.20 ? 57  LYS A NZ  1 
ATOM   106  N NZ  B LYS A 1 16  ? 19.854  -12.526 -0.016  0.30 12.26 ? 57  LYS A NZ  1 
ATOM   107  N N   . PRO A 1 17  ? 16.036  -10.391 -0.589  1.00 7.77  ? 58  PRO A N   1 
ATOM   108  C CA  . PRO A 1 17  ? 15.369  -9.319  -1.341  1.00 6.93  ? 58  PRO A CA  1 
ATOM   109  C C   . PRO A 1 17  ? 14.636  -9.843  -2.562  1.00 7.56  ? 58  PRO A C   1 
ATOM   110  O O   . PRO A 1 17  ? 15.167  -10.678 -3.288  1.00 7.28  ? 58  PRO A O   1 
ATOM   111  C CB  . PRO A 1 17  ? 16.533  -8.379  -1.698  1.00 7.25  ? 58  PRO A CB  1 
ATOM   112  C CG  . PRO A 1 17  ? 17.756  -9.309  -1.714  1.00 8.63  ? 58  PRO A CG  1 
ATOM   113  C CD  . PRO A 1 17  ? 17.505  -10.232 -0.580  1.00 7.79  ? 58  PRO A CD  1 
ATOM   114  N N   . LEU A 1 18  ? 13.407  -9.349  -2.751  1.00 7.14  ? 59  LEU A N   1 
ATOM   115  C CA  . LEU A 1 18  ? 12.634  -9.610  -3.960  1.00 7.65  ? 59  LEU A CA  1 
ATOM   116  C C   . LEU A 1 18  ? 12.868  -8.561  -5.039  1.00 7.03  ? 59  LEU A C   1 
ATOM   117  O O   . LEU A 1 18  ? 12.638  -8.822  -6.232  1.00 8.50  ? 59  LEU A O   1 
ATOM   118  C CB  . LEU A 1 18  ? 11.145  -9.644  -3.650  1.00 7.16  ? 59  LEU A CB  1 
ATOM   119  C CG  . LEU A 1 18  ? 10.677  -10.775 -2.743  1.00 8.96  ? 59  LEU A CG  1 
ATOM   120  C CD1 . LEU A 1 18  ? 9.197   -10.562 -2.430  1.00 9.07  ? 59  LEU A CD1 1 
ATOM   121  C CD2 . LEU A 1 18  ? 10.919  -12.166 -3.356  1.00 9.69  ? 59  LEU A CD2 1 
ATOM   122  N N   . GLY A 1 19  ? 13.246  -7.355  -4.619  1.00 6.80  ? 60  GLY A N   1 
ATOM   123  C CA  . GLY A 1 19  ? 13.348  -6.220  -5.517  1.00 6.76  ? 60  GLY A CA  1 
ATOM   124  C C   . GLY A 1 19  ? 12.531  -5.036  -5.034  1.00 7.12  ? 60  GLY A C   1 
ATOM   125  O O   . GLY A 1 19  ? 12.173  -4.942  -3.842  1.00 7.04  ? 60  GLY A O   1 
ATOM   126  N N   . ARG A 1 20  ? 12.267  -4.126  -5.956  1.00 7.03  ? 61  ARG A N   1 
ATOM   127  C CA  . ARG A 1 20  ? 11.674  -2.848  -5.644  1.00 6.70  ? 61  ARG A CA  1 
ATOM   128  C C   . ARG A 1 20  ? 10.319  -2.673  -6.358  1.00 6.33  ? 61  ARG A C   1 
ATOM   129  O O   . ARG A 1 20  ? 10.176  -2.987  -7.561  1.00 7.26  ? 61  ARG A O   1 
ATOM   130  C CB  . ARG A 1 20  ? 12.616  -1.733  -6.109  1.00 6.50  ? 61  ARG A CB  1 
ATOM   131  C CG  . ARG A 1 20  ? 12.090  -0.313  -5.888  1.00 6.34  ? 61  ARG A CG  1 
ATOM   132  C CD  . ARG A 1 20  ? 13.172  0.724   -6.089  1.00 7.21  ? 61  ARG A CD  1 
ATOM   133  N NE  . ARG A 1 20  ? 14.080  0.709   -4.956  1.00 6.50  ? 61  ARG A NE  1 
ATOM   134  C CZ  . ARG A 1 20  ? 15.008  1.641   -4.749  1.00 7.58  ? 61  ARG A CZ  1 
ATOM   135  N NH1 . ARG A 1 20  ? 15.193  2.605   -5.626  1.00 9.18  ? 61  ARG A NH1 1 
ATOM   136  N NH2 . ARG A 1 20  ? 15.775  1.559   -3.685  1.00 7.26  ? 61  ARG A NH2 1 
ATOM   137  N N   . VAL A 1 21  ? 9.354   -2.125  -5.628  1.00 6.34  ? 62  VAL A N   1 
ATOM   138  C CA  . VAL A 1 21  ? 8.089   -1.681  -6.212  1.00 6.22  ? 62  VAL A CA  1 
ATOM   139  C C   . VAL A 1 21  ? 8.108   -0.159  -6.255  1.00 6.12  ? 62  VAL A C   1 
ATOM   140  O O   . VAL A 1 21  ? 8.354   0.492   -5.219  1.00 5.26  ? 62  VAL A O   1 
ATOM   141  C CB  . VAL A 1 21  ? 6.892   -2.156  -5.365  1.00 7.02  ? 62  VAL A CB  1 
ATOM   142  C CG1 . VAL A 1 21  ? 5.585   -1.729  -6.016  1.00 8.17  ? 62  VAL A CG1 1 
ATOM   143  C CG2 . VAL A 1 21  ? 6.905   -3.682  -5.215  1.00 8.68  ? 62  VAL A CG2 1 
ATOM   144  N N   . VAL A 1 22  ? 7.919   0.415   -7.444  1.00 5.82  ? 63  VAL A N   1 
ATOM   145  C CA  . VAL A 1 22  ? 7.842   1.861   -7.596  1.00 5.61  ? 63  VAL A CA  1 
ATOM   146  C C   . VAL A 1 22  ? 6.393   2.274   -7.827  1.00 5.41  ? 63  VAL A C   1 
ATOM   147  O O   . VAL A 1 22  ? 5.698   1.693   -8.677  1.00 5.50  ? 63  VAL A O   1 
ATOM   148  C CB  . VAL A 1 22  ? 8.735   2.379   -8.745  1.00 5.58  ? 63  VAL A CB  1 
ATOM   149  C CG1 . VAL A 1 22  ? 8.589   3.888   -8.868  1.00 5.67  ? 63  VAL A CG1 1 
ATOM   150  C CG2 . VAL A 1 22  ? 10.226  1.978   -8.546  1.00 5.97  ? 63  VAL A CG2 1 
ATOM   151  N N   . LEU A 1 23  ? 5.930   3.261   -7.058  1.00 4.99  ? 64  LEU A N   1 
ATOM   152  C CA  . LEU A 1 23  ? 4.545   3.708   -7.101  1.00 5.53  ? 64  LEU A CA  1 
ATOM   153  C C   . LEU A 1 23  ? 4.469   5.188   -7.461  1.00 5.94  ? 64  LEU A C   1 
ATOM   154  O O   . LEU A 1 23  ? 5.232   6.002   -6.950  1.00 5.55  ? 64  LEU A O   1 
ATOM   155  C CB  . LEU A 1 23  ? 3.900   3.513   -5.713  1.00 5.80  ? 64  LEU A CB  1 
ATOM   156  C CG  . LEU A 1 23  ? 3.914   2.066   -5.214  1.00 7.18  ? 64  LEU A CG  1 
ATOM   157  C CD1 . LEU A 1 23  ? 3.814   2.014   -3.666  1.00 8.14  ? 64  LEU A CD1 1 
ATOM   158  C CD2 . LEU A 1 23  ? 2.797   1.165   -5.822  1.00 7.52  ? 64  LEU A CD2 1 
ATOM   159  N N   . GLU A 1 24  ? 3.561   5.530   -8.378  1.00 5.04  ? 65  GLU A N   1 
ATOM   160  C CA  A GLU A 1 24  ? 3.246   6.915   -8.694  0.60 5.94  ? 65  GLU A CA  1 
ATOM   161  C CA  B GLU A 1 24  ? 3.249   6.931   -8.675  0.40 6.04  ? 65  GLU A CA  1 
ATOM   162  C C   . GLU A 1 24  ? 1.987   7.294   -7.918  1.00 6.41  ? 65  GLU A C   1 
ATOM   163  O O   . GLU A 1 24  ? 0.972   6.609   -8.009  1.00 6.87  ? 65  GLU A O   1 
ATOM   164  C CB  A GLU A 1 24  ? 3.009   7.073   -10.201 0.60 6.51  ? 65  GLU A CB  1 
ATOM   165  C CB  B GLU A 1 24  ? 3.020   7.187   -10.168 0.40 6.51  ? 65  GLU A CB  1 
ATOM   166  C CG  A GLU A 1 24  ? 2.706   8.502   -10.618 0.60 7.68  ? 65  GLU A CG  1 
ATOM   167  C CG  B GLU A 1 24  ? 2.759   8.673   -10.475 0.40 8.01  ? 65  GLU A CG  1 
ATOM   168  C CD  A GLU A 1 24  ? 2.935   8.760   -12.104 0.60 6.09  ? 65  GLU A CD  1 
ATOM   169  C CD  B GLU A 1 24  ? 1.995   8.896   -11.764 0.40 7.50  ? 65  GLU A CD  1 
ATOM   170  O OE1 A GLU A 1 24  ? 4.022   9.277   -12.462 0.60 4.20  ? 65  GLU A OE1 1 
ATOM   171  O OE1 B GLU A 1 24  ? 2.098   8.047   -12.667 0.40 7.44  ? 65  GLU A OE1 1 
ATOM   172  O OE2 A GLU A 1 24  ? 2.013   8.482   -12.906 0.60 4.66  ? 65  GLU A OE2 1 
ATOM   173  O OE2 B GLU A 1 24  ? 1.310   9.932   -11.870 0.40 10.01 ? 65  GLU A OE2 1 
ATOM   174  N N   . LEU A 1 25  ? 2.064   8.386   -7.168  1.00 5.27  ? 66  LEU A N   1 
ATOM   175  C CA  . LEU A 1 25  ? 0.977   8.849   -6.314  1.00 6.14  ? 66  LEU A CA  1 
ATOM   176  C C   . LEU A 1 25  ? 0.235   9.988   -6.986  1.00 6.24  ? 66  LEU A C   1 
ATOM   177  O O   . LEU A 1 25  ? 0.853   10.967  -7.426  1.00 7.04  ? 66  LEU A O   1 
ATOM   178  C CB  . LEU A 1 25  ? 1.546   9.325   -4.969  1.00 6.32  ? 66  LEU A CB  1 
ATOM   179  C CG  . LEU A 1 25  ? 2.498   8.336   -4.266  1.00 6.11  ? 66  LEU A CG  1 
ATOM   180  C CD1 . LEU A 1 25  ? 2.944   8.915   -2.926  1.00 8.09  ? 66  LEU A CD1 1 
ATOM   181  C CD2 . LEU A 1 25  ? 1.876   6.952   -4.077  1.00 6.46  ? 66  LEU A CD2 1 
ATOM   182  N N   . LYS A 1 26  ? -1.087  9.858   -7.069  1.00 6.19  ? 67  LYS A N   1 
ATOM   183  C CA  . LYS A 1 26  ? -1.913  10.808  -7.834  1.00 6.26  ? 67  LYS A CA  1 
ATOM   184  C C   . LYS A 1 26  ? -2.245  12.007  -6.960  1.00 6.13  ? 67  LYS A C   1 
ATOM   185  O O   . LYS A 1 26  ? -3.392  12.222  -6.571  1.00 6.41  ? 67  LYS A O   1 
ATOM   186  C CB  . LYS A 1 26  ? -3.198  10.151  -8.348  1.00 7.05  ? 67  LYS A CB  1 
ATOM   187  C CG  . LYS A 1 26  ? -2.962  9.244   -9.517  1.00 8.63  ? 67  LYS A CG  1 
ATOM   188  C CD  . LYS A 1 26  ? -2.730  10.076  -10.798 1.00 10.40 ? 67  LYS A CD  1 
ATOM   189  C CE  . LYS A 1 26  ? -2.601  9.232   -12.016 1.00 10.55 ? 67  LYS A CE  1 
ATOM   190  N NZ  . LYS A 1 26  ? -2.491  10.138  -13.209 1.00 11.42 ? 67  LYS A NZ  1 
ATOM   191  N N   . ALA A 1 27  ? -1.231  12.810  -6.651  1.00 6.25  ? 68  ALA A N   1 
ATOM   192  C CA  . ALA A 1 27  ? -1.419  13.994  -5.829  1.00 5.56  ? 68  ALA A CA  1 
ATOM   193  C C   . ALA A 1 27  ? -2.282  15.070  -6.499  1.00 6.76  ? 68  ALA A C   1 
ATOM   194  O O   . ALA A 1 27  ? -2.864  15.911  -5.804  1.00 7.60  ? 68  ALA A O   1 
ATOM   195  C CB  . ALA A 1 27  ? -0.071  14.562  -5.457  1.00 6.74  ? 68  ALA A CB  1 
ATOM   196  N N   . ASP A 1 28  ? -2.398  15.035  -7.822  1.00 6.74  ? 69  ASP A N   1 
ATOM   197  C CA  . ASP A 1 28  ? -3.301  15.948  -8.501  1.00 7.95  ? 69  ASP A CA  1 
ATOM   198  C C   . ASP A 1 28  ? -4.747  15.644  -8.226  1.00 8.43  ? 69  ASP A C   1 
ATOM   199  O O   . ASP A 1 28  ? -5.566  16.562  -8.232  1.00 9.27  ? 69  ASP A O   1 
ATOM   200  C CB  . ASP A 1 28  ? -3.049  16.046  -10.007 1.00 8.68  ? 69  ASP A CB  1 
ATOM   201  C CG  . ASP A 1 28  ? -3.016  14.704  -10.704 1.00 8.35  ? 69  ASP A CG  1 
ATOM   202  O OD1 . ASP A 1 28  ? -2.717  13.652  -10.103 1.00 7.53  ? 69  ASP A OD1 1 
ATOM   203  O OD2 . ASP A 1 28  ? -3.294  14.713  -11.935 1.00 11.40 ? 69  ASP A OD2 1 
ATOM   204  N N   . VAL A 1 29  ? -5.062  14.377  -7.949  1.00 7.28  ? 70  VAL A N   1 
ATOM   205  C CA  . VAL A 1 29  ? -6.442  13.939  -7.743  1.00 6.49  ? 70  VAL A CA  1 
ATOM   206  C C   . VAL A 1 29  ? -6.755  13.839  -6.253  1.00 5.91  ? 70  VAL A C   1 
ATOM   207  O O   . VAL A 1 29  ? -7.854  14.212  -5.822  1.00 5.88  ? 70  VAL A O   1 
ATOM   208  C CB  . VAL A 1 29  ? -6.686  12.539  -8.387  1.00 6.73  ? 70  VAL A CB  1 
ATOM   209  C CG1 . VAL A 1 29  ? -8.127  12.095  -8.198  1.00 7.15  ? 70  VAL A CG1 1 
ATOM   210  C CG2 . VAL A 1 29  ? -6.318  12.546  -9.871  1.00 8.29  ? 70  VAL A CG2 1 
ATOM   211  N N   . VAL A 1 30  ? -5.809  13.288  -5.488  1.00 5.83  ? 71  VAL A N   1 
ATOM   212  C CA  . VAL A 1 30  ? -6.005  13.024  -4.042  1.00 6.32  ? 71  VAL A CA  1 
ATOM   213  C C   . VAL A 1 30  ? -4.767  13.514  -3.287  1.00 5.60  ? 71  VAL A C   1 
ATOM   214  O O   . VAL A 1 30  ? -3.957  12.710  -2.782  1.00 5.53  ? 71  VAL A O   1 
ATOM   215  C CB  . VAL A 1 30  ? -6.290  11.530  -3.749  1.00 6.06  ? 71  VAL A CB  1 
ATOM   216  C CG1 . VAL A 1 30  ? -7.798  11.174  -3.953  1.00 6.17  ? 71  VAL A CG1 1 
ATOM   217  C CG2 . VAL A 1 30  ? -5.394  10.642  -4.601  1.00 6.32  ? 71  VAL A CG2 1 
ATOM   218  N N   . PRO A 1 31  ? -4.593  14.833  -3.204  1.00 5.89  ? 72  PRO A N   1 
ATOM   219  C CA  . PRO A 1 31  ? -3.352  15.342  -2.600  1.00 5.82  ? 72  PRO A CA  1 
ATOM   220  C C   . PRO A 1 31  ? -3.125  14.932  -1.148  1.00 6.22  ? 72  PRO A C   1 
ATOM   221  O O   . PRO A 1 31  ? -1.984  14.673  -0.746  1.00 5.49  ? 72  PRO A O   1 
ATOM   222  C CB  . PRO A 1 31  ? -3.495  16.864  -2.732  1.00 6.54  ? 72  PRO A CB  1 
ATOM   223  C CG  . PRO A 1 31  ? -4.965  17.102  -2.942  1.00 6.96  ? 72  PRO A CG  1 
ATOM   224  C CD  . PRO A 1 31  ? -5.426  15.925  -3.732  1.00 6.76  ? 72  PRO A CD  1 
ATOM   225  N N   . LYS A 1 32  ? -4.187  14.875  -0.353  1.00 6.11  ? 73  LYS A N   1 
ATOM   226  C CA  . LYS A 1 32  ? -4.023  14.573  1.068   1.00 6.58  ? 73  LYS A CA  1 
ATOM   227  C C   . LYS A 1 32  ? -3.650  13.117  1.270   1.00 6.65  ? 73  LYS A C   1 
ATOM   228  O O   . LYS A 1 32  ? -2.826  12.789  2.132   1.00 6.16  ? 73  LYS A O   1 
ATOM   229  C CB  . LYS A 1 32  ? -5.316  14.902  1.832   1.00 6.79  ? 73  LYS A CB  1 
ATOM   230  C CG  . LYS A 1 32  ? -5.688  16.390  1.780   1.00 8.46  ? 73  LYS A CG  1 
ATOM   231  C CD  . LYS A 1 32  ? -7.091  16.641  2.303   1.00 9.07  ? 73  LYS A CD  1 
ATOM   232  C CE  . LYS A 1 32  ? -7.453  18.134  2.371   1.00 10.17 ? 73  LYS A CE  1 
ATOM   233  N NZ  . LYS A 1 32  ? -7.378  18.812  1.004   1.00 10.65 ? 73  LYS A NZ  1 
ATOM   234  N N   . THR A 1 33  ? -4.280  12.243  0.491   1.00 5.79  ? 74  THR A N   1 
ATOM   235  C CA  . THR A 1 33  ? -3.999  10.825  0.593   1.00 5.87  ? 74  THR A CA  1 
ATOM   236  C C   . THR A 1 33  ? -2.600  10.508  0.046   1.00 4.85  ? 74  THR A C   1 
ATOM   237  O O   . THR A 1 33  ? -1.839  9.735   0.654   1.00 4.63  ? 74  THR A O   1 
ATOM   238  C CB  . THR A 1 33  ? -5.094  10.019  -0.139  1.00 5.13  ? 74  THR A CB  1 
ATOM   239  O OG1 . THR A 1 33  ? -6.406  10.429  0.335   1.00 5.72  ? 74  THR A OG1 1 
ATOM   240  C CG2 . THR A 1 33  ? -4.907  8.514   0.057   1.00 6.40  ? 74  THR A CG2 1 
ATOM   241  N N   . ALA A 1 34  ? -2.251  11.120  -1.075  1.00 4.76  ? 75  ALA A N   1 
ATOM   242  C CA  . ALA A 1 34  ? -0.909  10.968  -1.631  1.00 4.51  ? 75  ALA A CA  1 
ATOM   243  C C   . ALA A 1 34  ? 0.174   11.444  -0.674  1.00 5.23  ? 75  ALA A C   1 
ATOM   244  O O   . ALA A 1 34  ? 1.212   10.800  -0.514  1.00 5.33  ? 75  ALA A O   1 
ATOM   245  C CB  . ALA A 1 34  ? -0.765  11.733  -2.956  1.00 5.61  ? 75  ALA A CB  1 
ATOM   246  N N   . GLU A 1 35  ? -0.039  12.589  -0.033  1.00 4.70  ? 76  GLU A N   1 
ATOM   247  C CA  . GLU A 1 35  ? 0.955   13.158  0.873   1.00 5.24  ? 76  GLU A CA  1 
ATOM   248  C C   . GLU A 1 35  ? 1.208   12.283  2.085   1.00 4.09  ? 76  GLU A C   1 
ATOM   249  O O   . GLU A 1 35  ? 2.334   12.106  2.526   1.00 5.50  ? 76  GLU A O   1 
ATOM   250  C CB  . GLU A 1 35  ? 0.531   14.552  1.320   1.00 5.00  ? 76  GLU A CB  1 
ATOM   251  C CG  . GLU A 1 35  ? 1.415   15.223  2.382   1.00 5.11  ? 76  GLU A CG  1 
ATOM   252  C CD  . GLU A 1 35  ? 2.880   15.354  2.021   1.00 8.24  ? 76  GLU A CD  1 
ATOM   253  O OE1 . GLU A 1 35  ? 3.233   15.296  0.813   1.00 7.02  ? 76  GLU A OE1 1 
ATOM   254  O OE2 . GLU A 1 35  ? 3.673   15.579  2.959   1.00 9.48  ? 76  GLU A OE2 1 
ATOM   255  N N   . ASN A 1 36  ? 0.140   11.766  2.665   1.00 5.25  ? 77  ASN A N   1 
ATOM   256  C CA  . ASN A 1 36  ? 0.288   10.833  3.760   1.00 4.39  ? 77  ASN A CA  1 
ATOM   257  C C   . ASN A 1 36  ? 1.202   9.661   3.372   1.00 5.18  ? 77  ASN A C   1 
ATOM   258  O O   . ASN A 1 36  ? 2.152   9.317   4.079   1.00 5.00  ? 77  ASN A O   1 
ATOM   259  C CB  . ASN A 1 36  ? -1.115  10.341  4.184   1.00 4.84  ? 77  ASN A CB  1 
ATOM   260  C CG  . ASN A 1 36  ? -1.071  9.307   5.281   1.00 4.33  ? 77  ASN A CG  1 
ATOM   261  O OD1 . ASN A 1 36  ? -0.567  9.604   6.370   1.00 5.64  ? 77  ASN A OD1 1 
ATOM   262  N ND2 . ASN A 1 36  ? -1.623  8.100   5.030   1.00 5.91  ? 77  ASN A ND2 1 
ATOM   263  N N   . PHE A 1 37  ? 0.899   9.019   2.261   1.00 5.22  ? 78  PHE A N   1 
ATOM   264  C CA  . PHE A 1 37  ? 1.715   7.887   1.817   1.00 4.68  ? 78  PHE A CA  1 
ATOM   265  C C   . PHE A 1 37  ? 3.184   8.258   1.563   1.00 5.23  ? 78  PHE A C   1 
ATOM   266  O O   . PHE A 1 37  ? 4.107   7.550   1.969   1.00 5.02  ? 78  PHE A O   1 
ATOM   267  C CB  . PHE A 1 37  ? 1.071   7.234   0.576   1.00 4.48  ? 78  PHE A CB  1 
ATOM   268  C CG  . PHE A 1 37  ? 1.612   5.854   0.247   1.00 5.73  ? 78  PHE A CG  1 
ATOM   269  C CD1 . PHE A 1 37  ? 1.060   4.694   0.817   1.00 6.32  ? 78  PHE A CD1 1 
ATOM   270  C CD2 . PHE A 1 37  ? 2.672   5.712   -0.640  1.00 5.91  ? 78  PHE A CD2 1 
ATOM   271  C CE1 . PHE A 1 37  ? 1.564   3.451   0.495   1.00 4.24  ? 78  PHE A CE1 1 
ATOM   272  C CE2 . PHE A 1 37  ? 3.167   4.482   -0.949  1.00 4.25  ? 78  PHE A CE2 1 
ATOM   273  C CZ  . PHE A 1 37  ? 2.624   3.347   -0.393  1.00 6.07  ? 78  PHE A CZ  1 
ATOM   274  N N   . ARG A 1 38  ? 3.382   9.363   0.868   1.00 5.03  ? 79  ARG A N   1 
ATOM   275  C CA  . ARG A 1 38  ? 4.709   9.874   0.560   1.00 5.23  ? 79  ARG A CA  1 
ATOM   276  C C   . ARG A 1 38  ? 5.519   10.030  1.827   1.00 5.58  ? 79  ARG A C   1 
ATOM   277  O O   . ARG A 1 38  ? 6.623   9.506   1.938   1.00 5.21  ? 79  ARG A O   1 
ATOM   278  C CB  . ARG A 1 38  ? 4.577   11.215  -0.164  1.00 4.94  ? 79  ARG A CB  1 
ATOM   279  C CG  . ARG A 1 38  ? 5.903   11.765  -0.678  1.00 6.23  ? 79  ARG A CG  1 
ATOM   280  C CD  . ARG A 1 38  ? 5.895   13.287  -0.891  1.00 5.97  ? 79  ARG A CD  1 
ATOM   281  N NE  . ARG A 1 38  ? 5.714   13.997  0.376   1.00 5.80  ? 79  ARG A NE  1 
ATOM   282  C CZ  . ARG A 1 38  ? 6.630   14.112  1.321   1.00 7.37  ? 79  ARG A CZ  1 
ATOM   283  N NH1 . ARG A 1 38  ? 7.865   13.648  1.125   1.00 7.47  ? 79  ARG A NH1 1 
ATOM   284  N NH2 . ARG A 1 38  ? 6.303   14.716  2.468   1.00 7.50  ? 79  ARG A NH2 1 
ATOM   285  N N   . ALA A 1 39  ? 4.971   10.736  2.806   1.00 5.25  ? 80  ALA A N   1 
ATOM   286  C CA  . ALA A 1 39  ? 5.677   10.971  4.063   1.00 4.66  ? 80  ALA A CA  1 
ATOM   287  C C   . ALA A 1 39  ? 5.905   9.696   4.888   1.00 5.43  ? 80  ALA A C   1 
ATOM   288  O O   . ALA A 1 39  ? 6.933   9.586   5.561   1.00 5.51  ? 80  ALA A O   1 
ATOM   289  C CB  . ALA A 1 39  ? 4.952   12.081  4.864   1.00 5.33  ? 80  ALA A CB  1 
ATOM   290  N N   . LEU A 1 40  ? 4.993   8.724   4.831   1.00 5.27  ? 81  LEU A N   1 
ATOM   291  C CA  . LEU A 1 40  ? 5.211   7.464   5.525   1.00 5.69  ? 81  LEU A CA  1 
ATOM   292  C C   . LEU A 1 40  ? 6.310   6.650   4.850   1.00 5.28  ? 81  LEU A C   1 
ATOM   293  O O   . LEU A 1 40  ? 6.995   5.857   5.506   1.00 5.66  ? 81  LEU A O   1 
ATOM   294  C CB  . LEU A 1 40  ? 3.909   6.660   5.627   1.00 5.68  ? 81  LEU A CB  1 
ATOM   295  C CG  . LEU A 1 40  ? 2.843   7.324   6.492   1.00 6.20  ? 81  LEU A CG  1 
ATOM   296  C CD1 . LEU A 1 40  ? 1.510   6.553   6.358   1.00 5.65  ? 81  LEU A CD1 1 
ATOM   297  C CD2 . LEU A 1 40  ? 3.261   7.365   7.946   1.00 6.74  ? 81  LEU A CD2 1 
ATOM   298  N N   . CYS A 1 41  ? 6.487   6.836   3.542   1.00 5.41  ? 82  CYS A N   1 
ATOM   299  C CA  . CYS A 1 41  ? 7.619   6.185   2.843   1.00 5.04  ? 82  CYS A CA  1 
ATOM   300  C C   . CYS A 1 41  ? 8.959   6.819   3.220   1.00 5.94  ? 82  CYS A C   1 
ATOM   301  O O   . CYS A 1 41  ? 9.924   6.111   3.456   1.00 6.24  ? 82  CYS A O   1 
ATOM   302  C CB  . CYS A 1 41  ? 7.429   6.284   1.317   1.00 4.94  ? 82  CYS A CB  1 
ATOM   303  S SG  . CYS A 1 41  ? 6.150   5.161   0.624   1.00 5.63  ? 82  CYS A SG  1 
ATOM   304  N N   . THR A 1 42  ? 9.023   8.144   3.282   1.00 5.34  ? 83  THR A N   1 
ATOM   305  C CA  . THR A 1 42  ? 10.300  8.764   3.656   1.00 6.52  ? 83  THR A CA  1 
ATOM   306  C C   . THR A 1 42  ? 10.602  8.626   5.139   1.00 7.14  ? 83  THR A C   1 
ATOM   307  O O   . THR A 1 42  ? 11.767  8.685   5.544   1.00 7.23  ? 83  THR A O   1 
ATOM   308  C CB  . THR A 1 42  ? 10.332  10.240  3.342   1.00 6.98  ? 83  THR A CB  1 
ATOM   309  O OG1 . THR A 1 42  ? 9.398   10.934  4.186   1.00 6.63  ? 83  THR A OG1 1 
ATOM   310  C CG2 . THR A 1 42  ? 10.019  10.525  1.868   1.00 6.79  ? 83  THR A CG2 1 
ATOM   311  N N   . GLY A 1 43  ? 9.560   8.481   5.954   1.00 6.50  ? 84  GLY A N   1 
ATOM   312  C CA  . GLY A 1 43  ? 9.729   8.399   7.397   1.00 6.97  ? 84  GLY A CA  1 
ATOM   313  C C   . GLY A 1 43  ? 9.970   9.752   8.041   1.00 7.59  ? 84  GLY A C   1 
ATOM   314  O O   . GLY A 1 43  ? 10.323  9.797   9.217   1.00 6.77  ? 84  GLY A O   1 
ATOM   315  N N   . GLU A 1 44  ? 9.776   10.832  7.294   1.00 7.78  ? 85  GLU A N   1 
ATOM   316  C CA  . GLU A 1 44  ? 10.188  12.156  7.752   1.00 7.71  ? 85  GLU A CA  1 
ATOM   317  C C   . GLU A 1 44  ? 9.453   12.664  8.982   1.00 8.34  ? 85  GLU A C   1 
ATOM   318  O O   . GLU A 1 44  ? 9.965   13.595  9.616   1.00 8.27  ? 85  GLU A O   1 
ATOM   319  C CB  . GLU A 1 44  ? 10.072  13.179  6.616   1.00 7.97  ? 85  GLU A CB  1 
ATOM   320  C CG  . GLU A 1 44  ? 8.642   13.419  6.109   1.00 9.69  ? 85  GLU A CG  1 
ATOM   321  C CD  . GLU A 1 44  ? 8.632   14.143  4.785   1.00 11.54 ? 85  GLU A CD  1 
ATOM   322  O OE1 . GLU A 1 44  ? 9.139   13.580  3.796   1.00 9.28  ? 85  GLU A OE1 1 
ATOM   323  O OE2 . GLU A 1 44  ? 8.136   15.274  4.740   1.00 12.19 ? 85  GLU A OE2 1 
ATOM   324  N N   . LYS A 1 45  ? 8.291   12.094  9.335   1.00 8.48  ? 86  LYS A N   1 
ATOM   325  C CA  . LYS A 1 45  ? 7.630   12.477  10.586  1.00 9.35  ? 86  LYS A CA  1 
ATOM   326  C C   . LYS A 1 45  ? 8.127   11.681  11.795  1.00 9.43  ? 86  LYS A C   1 
ATOM   327  O O   . LYS A 1 45  ? 7.680   11.947  12.905  1.00 11.30 ? 86  LYS A O   1 
ATOM   328  C CB  . LYS A 1 45  ? 6.104   12.338  10.484  1.00 9.53  ? 86  LYS A CB  1 
ATOM   329  C CG  . LYS A 1 45  ? 5.471   13.003  9.271   1.00 10.70 ? 86  LYS A CG  1 
ATOM   330  C CD  . LYS A 1 45  ? 5.643   14.497  9.199   1.00 12.20 ? 86  LYS A CD  1 
ATOM   331  C CE  . LYS A 1 45  ? 4.910   15.060  7.966   0.70 11.17 ? 86  LYS A CE  1 
ATOM   332  N NZ  . LYS A 1 45  ? 5.157   16.517  7.714   0.70 12.75 ? 86  LYS A NZ  1 
ATOM   333  N N   . GLY A 1 46  ? 9.057   10.752  11.611  1.00 9.01  ? 87  GLY A N   1 
ATOM   334  C CA  . GLY A 1 46  ? 9.609   9.971   12.718  1.00 8.88  ? 87  GLY A CA  1 
ATOM   335  C C   . GLY A 1 46  ? 8.983   8.587   12.847  1.00 8.60  ? 87  GLY A C   1 
ATOM   336  O O   . GLY A 1 46  ? 9.271   7.843   13.791  1.00 9.24  ? 87  GLY A O   1 
ATOM   337  N N   . PHE A 1 47  ? 8.114   8.253   11.886  1.00 7.77  ? 88  PHE A N   1 
ATOM   338  C CA  . PHE A 1 47  ? 7.446   6.968   11.814  1.00 7.37  ? 88  PHE A CA  1 
ATOM   339  C C   . PHE A 1 47  ? 7.053   6.693   10.352  1.00 6.79  ? 88  PHE A C   1 
ATOM   340  O O   . PHE A 1 47  ? 7.107   7.593   9.510   1.00 6.05  ? 88  PHE A O   1 
ATOM   341  C CB  . PHE A 1 47  ? 6.236   6.915   12.778  1.00 7.69  ? 88  PHE A CB  1 
ATOM   342  C CG  . PHE A 1 47  ? 5.224   7.989   12.562  1.00 7.26  ? 88  PHE A CG  1 
ATOM   343  C CD1 . PHE A 1 47  ? 4.220   7.836   11.624  1.00 7.70  ? 88  PHE A CD1 1 
ATOM   344  C CD2 . PHE A 1 47  ? 5.248   9.137   13.322  1.00 8.19  ? 88  PHE A CD2 1 
ATOM   345  C CE1 . PHE A 1 47  ? 3.262   8.806   11.443  1.00 9.25  ? 88  PHE A CE1 1 
ATOM   346  C CE2 . PHE A 1 47  ? 4.301   10.116  13.143  1.00 9.61  ? 88  PHE A CE2 1 
ATOM   347  C CZ  . PHE A 1 47  ? 3.305   9.951   12.201  1.00 8.76  ? 88  PHE A CZ  1 
ATOM   348  N N   . GLY A 1 48  ? 6.700   5.447   10.062  1.00 6.59  ? 89  GLY A N   1 
ATOM   349  C CA  . GLY A 1 48  ? 6.345   5.087   8.695   1.00 6.13  ? 89  GLY A CA  1 
ATOM   350  C C   . GLY A 1 48  ? 6.559   3.630   8.385   1.00 6.32  ? 89  GLY A C   1 
ATOM   351  O O   . GLY A 1 48  ? 6.675   2.795   9.284   1.00 5.61  ? 89  GLY A O   1 
ATOM   352  N N   . TYR A 1 49  ? 6.663   3.333   7.089   1.00 5.95  ? 90  TYR A N   1 
ATOM   353  C CA  . TYR A 1 49  ? 6.573   1.947   6.623   1.00 5.39  ? 90  TYR A CA  1 
ATOM   354  C C   . TYR A 1 49  ? 7.853   1.145   6.777   1.00 5.82  ? 90  TYR A C   1 
ATOM   355  O O   . TYR A 1 49  ? 7.791   -0.067  6.712   1.00 6.08  ? 90  TYR A O   1 
ATOM   356  C CB  . TYR A 1 49  ? 6.145   1.887   5.155   1.00 5.37  ? 90  TYR A CB  1 
ATOM   357  C CG  . TYR A 1 49  ? 4.781   2.484   4.869   1.00 5.67  ? 90  TYR A CG  1 
ATOM   358  C CD1 . TYR A 1 49  ? 3.670   2.130   5.627   1.00 5.26  ? 90  TYR A CD1 1 
ATOM   359  C CD2 . TYR A 1 49  ? 4.603   3.362   3.825   1.00 5.17  ? 90  TYR A CD2 1 
ATOM   360  C CE1 . TYR A 1 49  ? 2.415   2.656   5.355   1.00 4.77  ? 90  TYR A CE1 1 
ATOM   361  C CE2 . TYR A 1 49  ? 3.367   3.902   3.542   1.00 5.43  ? 90  TYR A CE2 1 
ATOM   362  C CZ  . TYR A 1 49  ? 2.267   3.538   4.309   1.00 5.06  ? 90  TYR A CZ  1 
ATOM   363  O OH  . TYR A 1 49  ? 1.003   4.037   4.042   1.00 5.47  ? 90  TYR A OH  1 
ATOM   364  N N   . LYS A 1 50  ? 8.999   1.807   6.948   1.00 6.18  ? 91  LYS A N   1 
ATOM   365  C CA  . LYS A 1 50  ? 10.263  1.066   6.981   1.00 6.30  ? 91  LYS A CA  1 
ATOM   366  C C   . LYS A 1 50  ? 10.199  0.007   8.074   1.00 6.69  ? 91  LYS A C   1 
ATOM   367  O O   . LYS A 1 50  ? 9.845   0.310   9.216   1.00 6.85  ? 91  LYS A O   1 
ATOM   368  C CB  . LYS A 1 50  ? 11.443  2.004   7.259   1.00 7.61  ? 91  LYS A CB  1 
ATOM   369  C CG  . LYS A 1 50  ? 12.757  1.289   7.396   1.00 8.51  ? 91  LYS A CG  1 
ATOM   370  C CD  . LYS A 1 50  ? 13.890  2.249   7.723   1.00 10.66 ? 91  LYS A CD  1 
ATOM   371  C CE  . LYS A 1 50  ? 15.255  1.565   7.601   0.90 11.24 ? 91  LYS A CE  1 
ATOM   372  N NZ  . LYS A 1 50  ? 15.667  1.413   6.179   0.70 14.68 ? 91  LYS A NZ  1 
ATOM   373  N N   . GLY A 1 51  ? 10.531  -1.229  7.724   1.00 6.18  ? 92  GLY A N   1 
ATOM   374  C CA  . GLY A 1 51  ? 10.569  -2.291  8.696   1.00 7.15  ? 92  GLY A CA  1 
ATOM   375  C C   . GLY A 1 51  ? 9.256   -3.034  8.872   1.00 8.24  ? 92  GLY A C   1 
ATOM   376  O O   . GLY A 1 51  ? 9.225   -4.052  9.552   1.00 9.75  ? 92  GLY A O   1 
ATOM   377  N N   . SER A 1 52  ? 8.159   -2.527  8.303   1.00 7.43  ? 93  SER A N   1 
ATOM   378  C CA  . SER A 1 52  ? 6.838   -3.159  8.471   1.00 8.03  ? 93  SER A CA  1 
ATOM   379  C C   . SER A 1 52  ? 6.584   -4.222  7.399   1.00 7.55  ? 93  SER A C   1 
ATOM   380  O O   . SER A 1 52  ? 7.467   -4.515  6.587   1.00 7.96  ? 93  SER A O   1 
ATOM   381  C CB  . SER A 1 52  ? 5.757   -2.085  8.541   1.00 8.07  ? 93  SER A CB  1 
ATOM   382  O OG  . SER A 1 52  ? 5.603   -1.428  7.316   1.00 8.72  ? 93  SER A OG  1 
ATOM   383  N N   . THR A 1 53  ? 5.400   -4.836  7.429   1.00 6.21  ? 94  THR A N   1 
ATOM   384  C CA  . THR A 1 53  ? 5.154   -6.077  6.691   1.00 6.40  ? 94  THR A CA  1 
ATOM   385  C C   . THR A 1 53  ? 3.949   -5.981  5.767   1.00 5.62  ? 94  THR A C   1 
ATOM   386  O O   . THR A 1 53  ? 3.062   -5.143  5.961   1.00 6.13  ? 94  THR A O   1 
ATOM   387  C CB  . THR A 1 53  ? 4.914   -7.263  7.656   1.00 7.33  ? 94  THR A CB  1 
ATOM   388  O OG1 . THR A 1 53  ? 3.633   -7.142  8.301   1.00 6.93  ? 94  THR A OG1 1 
ATOM   389  C CG2 . THR A 1 53  ? 6.010   -7.370  8.725   1.00 8.22  ? 94  THR A CG2 1 
ATOM   390  N N   . PHE A 1 54  ? 3.921   -6.884  4.796   1.00 5.53  ? 95  PHE A N   1 
ATOM   391  C CA  . PHE A 1 54  ? 2.681   -7.261  4.126   1.00 5.85  ? 95  PHE A CA  1 
ATOM   392  C C   . PHE A 1 54  ? 2.039   -8.383  4.958   1.00 7.10  ? 95  PHE A C   1 
ATOM   393  O O   . PHE A 1 54  ? 2.483   -9.538  4.920   1.00 7.67  ? 95  PHE A O   1 
ATOM   394  C CB  . PHE A 1 54  ? 2.949   -7.734  2.699   1.00 5.52  ? 95  PHE A CB  1 
ATOM   395  C CG  . PHE A 1 54  ? 3.159   -6.620  1.703   1.00 6.34  ? 95  PHE A CG  1 
ATOM   396  C CD1 . PHE A 1 54  ? 4.384   -5.949  1.610   1.00 6.19  ? 95  PHE A CD1 1 
ATOM   397  C CD2 . PHE A 1 54  ? 2.126   -6.242  0.849   1.00 6.14  ? 95  PHE A CD2 1 
ATOM   398  C CE1 . PHE A 1 54  ? 4.587   -4.938  0.687   1.00 6.49  ? 95  PHE A CE1 1 
ATOM   399  C CE2 . PHE A 1 54  ? 2.322   -5.196  -0.080  1.00 6.18  ? 95  PHE A CE2 1 
ATOM   400  C CZ  . PHE A 1 54  ? 3.544   -4.545  -0.152  1.00 7.10  ? 95  PHE A CZ  1 
ATOM   401  N N   . HIS A 1 55  ? 0.990   -8.055  5.700   1.00 6.80  ? 96  HIS A N   1 
ATOM   402  C CA  . HIS A 1 55  ? 0.454   -8.983  6.676   1.00 6.42  ? 96  HIS A CA  1 
ATOM   403  C C   . HIS A 1 55  ? -0.735  -9.799  6.154   1.00 6.62  ? 96  HIS A C   1 
ATOM   404  O O   . HIS A 1 55  ? -1.140  -10.786 6.772   1.00 7.21  ? 96  HIS A O   1 
ATOM   405  C CB  . HIS A 1 55  ? 0.019   -8.248  7.953   1.00 6.50  ? 96  HIS A CB  1 
ATOM   406  C CG  . HIS A 1 55  ? -1.158  -7.369  7.757   1.00 7.56  ? 96  HIS A CG  1 
ATOM   407  N ND1 . HIS A 1 55  ? -1.033  -6.078  7.294   1.00 6.90  ? 96  HIS A ND1 1 
ATOM   408  C CD2 . HIS A 1 55  ? -2.481  -7.592  7.935   1.00 8.89  ? 96  HIS A CD2 1 
ATOM   409  C CE1 . HIS A 1 55  ? -2.243  -5.551  7.176   1.00 7.84  ? 96  HIS A CE1 1 
ATOM   410  N NE2 . HIS A 1 55  ? -3.135  -6.454  7.553   1.00 7.23  ? 96  HIS A NE2 1 
ATOM   411  N N   . ARG A 1 56  ? -1.342  -9.356  5.057   1.00 6.48  ? 97  ARG A N   1 
ATOM   412  C CA  . ARG A 1 56  ? -2.536  -10.019 4.547   1.00 7.13  ? 97  ARG A CA  1 
ATOM   413  C C   . ARG A 1 56  ? -2.423  -10.015 3.038   1.00 6.74  ? 97  ARG A C   1 
ATOM   414  O O   . ARG A 1 56  ? -2.375  -8.957  2.430   1.00 7.08  ? 97  ARG A O   1 
ATOM   415  C CB  . ARG A 1 56  ? -3.818  -9.316  5.020   1.00 7.12  ? 97  ARG A CB  1 
ATOM   416  C CG  . ARG A 1 56  ? -5.127  -9.880  4.440   1.00 9.86  ? 97  ARG A CG  1 
ATOM   417  C CD  A ARG A 1 56  ? -6.344  -9.151  5.027   0.60 12.40 ? 97  ARG A CD  1 
ATOM   418  C CD  B ARG A 1 56  ? -6.355  -9.254  5.096   0.40 12.21 ? 97  ARG A CD  1 
ATOM   419  N NE  A ARG A 1 56  ? -7.590  -9.567  4.380   0.60 13.02 ? 97  ARG A NE  1 
ATOM   420  N NE  B ARG A 1 56  ? -7.596  -9.863  4.616   0.40 14.19 ? 97  ARG A NE  1 
ATOM   421  C CZ  A ARG A 1 56  ? -8.481  -8.762  3.826   0.50 13.45 ? 97  ARG A CZ  1 
ATOM   422  C CZ  B ARG A 1 56  ? -8.045  -11.050 5.016   0.40 13.74 ? 97  ARG A CZ  1 
ATOM   423  N NH1 A ARG A 1 56  ? -8.314  -7.449  3.832   0.40 12.53 ? 97  ARG A NH1 1 
ATOM   424  N NH1 B ARG A 1 56  ? -7.368  -11.756 5.908   0.40 13.60 ? 97  ARG A NH1 1 
ATOM   425  N NH2 A ARG A 1 56  ? -9.571  -9.291  3.282   0.40 15.07 ? 97  ARG A NH2 1 
ATOM   426  N NH2 B ARG A 1 56  ? -9.172  -11.537 4.524   0.40 14.57 ? 97  ARG A NH2 1 
ATOM   427  N N   . VAL A 1 57  ? -2.330  -11.206 2.450   1.00 5.72  ? 98  VAL A N   1 
ATOM   428  C CA  . VAL A 1 57  ? -2.104  -11.312 1.003   1.00 5.91  ? 98  VAL A CA  1 
ATOM   429  C C   . VAL A 1 57  ? -3.012  -12.444 0.497   1.00 5.65  ? 98  VAL A C   1 
ATOM   430  O O   . VAL A 1 57  ? -2.954  -13.544 1.029   1.00 6.26  ? 98  VAL A O   1 
ATOM   431  C CB  . VAL A 1 57  ? -0.627  -11.623 0.668   1.00 6.02  ? 98  VAL A CB  1 
ATOM   432  C CG1 . VAL A 1 57  ? -0.433  -11.798 -0.817  1.00 6.04  ? 98  VAL A CG1 1 
ATOM   433  C CG2 . VAL A 1 57  ? 0.333   -10.540 1.221   1.00 7.23  ? 98  VAL A CG2 1 
ATOM   434  N N   . ILE A 1 58  ? -3.850  -12.135 -0.499  1.00 5.59  ? 99  ILE A N   1 
ATOM   435  C CA  . ILE A 1 58  ? -4.822  -13.092 -1.042  1.00 6.51  ? 99  ILE A CA  1 
ATOM   436  C C   . ILE A 1 58  ? -4.571  -13.222 -2.541  1.00 6.68  ? 99  ILE A C   1 
ATOM   437  O O   . ILE A 1 58  ? -4.729  -12.233 -3.296  1.00 7.19  ? 99  ILE A O   1 
ATOM   438  C CB  . ILE A 1 58  ? -6.257  -12.635 -0.764  1.00 6.23  ? 99  ILE A CB  1 
ATOM   439  C CG1 . ILE A 1 58  ? -6.472  -12.519 0.760   1.00 7.59  ? 99  ILE A CG1 1 
ATOM   440  C CG2 . ILE A 1 58  ? -7.236  -13.617 -1.383  1.00 6.31  ? 99  ILE A CG2 1 
ATOM   441  C CD1 . ILE A 1 58  ? -7.831  -11.990 1.166   1.00 8.82  ? 99  ILE A CD1 1 
ATOM   442  N N   . PRO A 1 59  ? -4.124  -14.418 -2.989  1.00 6.68  ? 100 PRO A N   1 
ATOM   443  C CA  . PRO A 1 59  ? -3.869  -14.627 -4.397  1.00 7.34  ? 100 PRO A CA  1 
ATOM   444  C C   . PRO A 1 59  ? -5.088  -14.322 -5.267  1.00 7.12  ? 100 PRO A C   1 
ATOM   445  O O   . PRO A 1 59  ? -6.211  -14.632 -4.887  1.00 7.78  ? 100 PRO A O   1 
ATOM   446  C CB  . PRO A 1 59  ? -3.496  -16.125 -4.469  1.00 6.89  ? 100 PRO A CB  1 
ATOM   447  C CG  . PRO A 1 59  ? -2.915  -16.421 -3.123  1.00 8.25  ? 100 PRO A CG  1 
ATOM   448  C CD  . PRO A 1 59  ? -3.704  -15.572 -2.167  1.00 8.12  ? 100 PRO A CD  1 
ATOM   449  N N   . SER A 1 60  ? -4.840  -13.732 -6.420  1.00 6.57  ? 101 SER A N   1 
ATOM   450  C CA  . SER A 1 60  ? -5.887  -13.307 -7.355  1.00 6.54  ? 101 SER A CA  1 
ATOM   451  C C   . SER A 1 60  ? -6.784  -12.235 -6.754  1.00 7.02  ? 101 SER A C   1 
ATOM   452  O O   . SER A 1 60  ? -7.937  -12.076 -7.174  1.00 8.25  ? 101 SER A O   1 
ATOM   453  C CB  A SER A 1 60  ? -6.673  -14.507 -7.902  0.70 6.76  ? 101 SER A CB  1 
ATOM   454  C CB  B SER A 1 60  ? -6.736  -14.480 -7.858  0.30 6.69  ? 101 SER A CB  1 
ATOM   455  O OG  A SER A 1 60  ? -5.760  -15.439 -8.482  0.70 9.02  ? 101 SER A OG  1 
ATOM   456  O OG  B SER A 1 60  ? -7.558  -14.060 -8.932  0.30 7.95  ? 101 SER A OG  1 
ATOM   457  N N   . PHE A 1 61  ? -6.256  -11.447 -5.813  1.00 6.90  ? 102 PHE A N   1 
ATOM   458  C CA  . PHE A 1 61  ? -7.020  -10.349 -5.213  1.00 6.07  ? 102 PHE A CA  1 
ATOM   459  C C   . PHE A 1 61  ? -6.075  -9.153  -4.957  1.00 6.17  ? 102 PHE A C   1 
ATOM   460  O O   . PHE A 1 61  ? -6.035  -8.212  -5.739  1.00 6.14  ? 102 PHE A O   1 
ATOM   461  C CB  . PHE A 1 61  ? -7.792  -10.815 -3.974  1.00 5.94  ? 102 PHE A CB  1 
ATOM   462  C CG  . PHE A 1 61  ? -8.567  -9.721  -3.245  1.00 6.44  ? 102 PHE A CG  1 
ATOM   463  C CD1 . PHE A 1 61  ? -8.962  -8.562  -3.881  1.00 6.79  ? 102 PHE A CD1 1 
ATOM   464  C CD2 . PHE A 1 61  ? -8.972  -9.921  -1.923  1.00 6.88  ? 102 PHE A CD2 1 
ATOM   465  C CE1 . PHE A 1 61  ? -9.686  -7.587  -3.204  1.00 6.62  ? 102 PHE A CE1 1 
ATOM   466  C CE2 . PHE A 1 61  ? -9.703  -8.945  -1.250  1.00 7.23  ? 102 PHE A CE2 1 
ATOM   467  C CZ  . PHE A 1 61  ? -10.053 -7.781  -1.900  1.00 7.17  ? 102 PHE A CZ  1 
ATOM   468  N N   . MET A 1 62  ? -5.306  -9.212  -3.878  1.00 6.01  ? 103 MET A N   1 
ATOM   469  C CA  . MET A 1 62  ? -4.496  -8.049  -3.486  1.00 6.02  ? 103 MET A CA  1 
ATOM   470  C C   . MET A 1 62  ? -3.472  -8.399  -2.435  1.00 5.86  ? 103 MET A C   1 
ATOM   471  O O   . MET A 1 62  ? -3.535  -9.460  -1.809  1.00 4.99  ? 103 MET A O   1 
ATOM   472  C CB  . MET A 1 62  ? -5.395  -6.903  -2.985  1.00 6.56  ? 103 MET A CB  1 
ATOM   473  C CG  . MET A 1 62  ? -6.251  -7.243  -1.798  1.00 8.58  ? 103 MET A CG  1 
ATOM   474  S SD  . MET A 1 62  ? -5.357  -7.016  -0.222  1.00 7.93  ? 103 MET A SD  1 
ATOM   475  C CE  . MET A 1 62  ? -6.009  -8.418  0.717   1.00 12.05 ? 103 MET A CE  1 
ATOM   476  N N   . CYS A 1 63  ? -2.515  -7.487  -2.270  1.00 4.70  ? 104 CYS A N   1 
ATOM   477  C CA  . CYS A 1 63  ? -1.509  -7.587  -1.215  1.00 4.74  ? 104 CYS A CA  1 
ATOM   478  C C   . CYS A 1 63  ? -1.650  -6.377  -0.297  1.00 4.90  ? 104 CYS A C   1 
ATOM   479  O O   . CYS A 1 63  ? -1.536  -5.248  -0.777  1.00 5.44  ? 104 CYS A O   1 
ATOM   480  C CB  . CYS A 1 63  ? -0.102  -7.540  -1.823  1.00 5.35  ? 104 CYS A CB  1 
ATOM   481  S SG  . CYS A 1 63  ? 0.202   -8.755  -3.179  1.00 6.63  ? 104 CYS A SG  1 
ATOM   482  N N   . GLN A 1 64  ? -1.848  -6.620  0.998   1.00 4.81  ? 105 GLN A N   1 
ATOM   483  C CA  . GLN A 1 64  ? -2.120  -5.546  1.969   1.00 5.69  ? 105 GLN A CA  1 
ATOM   484  C C   . GLN A 1 64  ? -0.948  -5.368  2.956   1.00 5.29  ? 105 GLN A C   1 
ATOM   485  O O   . GLN A 1 64  ? -0.385  -6.358  3.432   1.00 5.89  ? 105 GLN A O   1 
ATOM   486  C CB  . GLN A 1 64  ? -3.404  -5.835  2.752   1.00 6.54  ? 105 GLN A CB  1 
ATOM   487  C CG  . GLN A 1 64  ? -3.780  -4.742  3.739   1.00 4.76  ? 105 GLN A CG  1 
ATOM   488  C CD  . GLN A 1 64  ? -5.150  -4.956  4.331   1.00 7.62  ? 105 GLN A CD  1 
ATOM   489  O OE1 . GLN A 1 64  ? -5.988  -5.658  3.755   1.00 10.35 ? 105 GLN A OE1 1 
ATOM   490  N NE2 . GLN A 1 64  ? -5.397  -4.348  5.497   1.00 7.31  ? 105 GLN A NE2 1 
ATOM   491  N N   . ALA A 1 65  ? -0.620  -4.108  3.261   1.00 5.41  ? 106 ALA A N   1 
ATOM   492  C CA  . ALA A 1 65  ? 0.478   -3.747  4.146   1.00 5.35  ? 106 ALA A CA  1 
ATOM   493  C C   . ALA A 1 65  ? 0.140   -2.443  4.866   1.00 5.05  ? 106 ALA A C   1 
ATOM   494  O O   . ALA A 1 65  ? -0.986  -1.985  4.791   1.00 6.43  ? 106 ALA A O   1 
ATOM   495  C CB  . ALA A 1 65  ? 1.750   -3.564  3.317   1.00 6.38  ? 106 ALA A CB  1 
ATOM   496  N N   . GLY A 1 66  ? 1.120   -1.878  5.563   1.00 5.75  ? 107 GLY A N   1 
ATOM   497  C CA  . GLY A 1 66  ? 1.035   -0.553  6.177   1.00 5.96  ? 107 GLY A CA  1 
ATOM   498  C C   . GLY A 1 66  ? 0.670   -0.474  7.626   1.00 6.83  ? 107 GLY A C   1 
ATOM   499  O O   . GLY A 1 66  ? 0.591   0.647   8.152   1.00 6.00  ? 107 GLY A O   1 
ATOM   500  N N   . ASP A 1 67  ? 0.474   -1.617  8.293   1.00 6.27  ? 108 ASP A N   1 
ATOM   501  C CA  . ASP A 1 67  ? 0.191   -1.584  9.721   1.00 5.96  ? 108 ASP A CA  1 
ATOM   502  C C   . ASP A 1 67  ? 1.509   -1.619  10.463  1.00 6.27  ? 108 ASP A C   1 
ATOM   503  O O   . ASP A 1 67  ? 1.997   -2.663  10.883  1.00 6.81  ? 108 ASP A O   1 
ATOM   504  C CB  . ASP A 1 67  ? -0.755  -2.714  10.169  1.00 6.05  ? 108 ASP A CB  1 
ATOM   505  C CG  . ASP A 1 67  ? -1.060  -2.661  11.663  1.00 7.13  ? 108 ASP A CG  1 
ATOM   506  O OD1 . ASP A 1 67  ? -0.492  -1.752  12.338  1.00 7.06  ? 108 ASP A OD1 1 
ATOM   507  O OD2 . ASP A 1 67  ? -1.853  -3.535  12.151  1.00 7.02  ? 108 ASP A OD2 1 
ATOM   508  N N   . PHE A 1 68  ? 2.122   -0.443  10.559  1.00 6.90  ? 109 PHE A N   1 
ATOM   509  C CA  . PHE A 1 68  ? 3.442   -0.352  11.148  1.00 7.18  ? 109 PHE A CA  1 
ATOM   510  C C   . PHE A 1 68  ? 3.411   -0.236  12.667  1.00 7.93  ? 109 PHE A C   1 
ATOM   511  O O   . PHE A 1 68  ? 4.470   -0.146  13.296  1.00 8.10  ? 109 PHE A O   1 
ATOM   512  C CB  . PHE A 1 68  ? 4.263   0.770   10.485  1.00 7.62  ? 109 PHE A CB  1 
ATOM   513  C CG  . PHE A 1 68  ? 3.651   2.150   10.622  1.00 6.42  ? 109 PHE A CG  1 
ATOM   514  C CD1 . PHE A 1 68  ? 3.812   2.871   11.799  1.00 7.87  ? 109 PHE A CD1 1 
ATOM   515  C CD2 . PHE A 1 68  ? 2.957   2.739   9.593   1.00 8.35  ? 109 PHE A CD2 1 
ATOM   516  C CE1 . PHE A 1 68  ? 3.283   4.107   11.945  1.00 8.36  ? 109 PHE A CE1 1 
ATOM   517  C CE2 . PHE A 1 68  ? 2.418   3.985   9.743   1.00 7.40  ? 109 PHE A CE2 1 
ATOM   518  C CZ  . PHE A 1 68  ? 2.567   4.671   10.902  1.00 7.87  ? 109 PHE A CZ  1 
ATOM   519  N N   . THR A 1 69  ? 2.222   -0.266  13.278  1.00 7.78  ? 110 THR A N   1 
ATOM   520  C CA  . THR A 1 69  ? 2.140   -0.204  14.738  1.00 8.60  ? 110 THR A CA  1 
ATOM   521  C C   . THR A 1 69  ? 1.795   -1.553  15.366  0.80 8.47  ? 110 THR A C   1 
ATOM   522  O O   . THR A 1 69  ? 2.421   -1.923  16.361  0.80 8.67  ? 110 THR A O   1 
ATOM   523  C CB  . THR A 1 69  ? 1.152   0.881   15.242  1.00 8.63  ? 110 THR A CB  1 
ATOM   524  O OG1 . THR A 1 69  ? -0.185  0.522   14.869  1.00 9.19  ? 110 THR A OG1 1 
ATOM   525  C CG2 . THR A 1 69  ? 1.483   2.282   14.702  1.00 9.89  ? 110 THR A CG2 1 
ATOM   526  N N   . ASN A 1 70  ? 0.831   -2.285  14.789  1.00 8.47  ? 111 ASN A N   1 
ATOM   527  C CA  . ASN A 1 70  ? 0.422   -3.592  15.304  1.00 8.70  ? 111 ASN A CA  1 
ATOM   528  C C   . ASN A 1 70  ? 0.759   -4.797  14.408  0.90 8.00  ? 111 ASN A C   1 
ATOM   529  O O   . ASN A 1 70  ? 0.628   -5.949  14.813  0.80 7.95  ? 111 ASN A O   1 
ATOM   530  C CB  . ASN A 1 70  ? -1.083  -3.582  15.580  1.00 8.19  ? 111 ASN A CB  1 
ATOM   531  C CG  . ASN A 1 70  ? -1.474  -2.635  16.708  1.00 9.60  ? 111 ASN A CG  1 
ATOM   532  O OD1 . ASN A 1 70  ? -0.626  -2.099  17.433  1.00 11.88 ? 111 ASN A OD1 1 
ATOM   533  N ND2 . ASN A 1 70  ? -2.778  -2.434  16.872  1.00 8.81  ? 111 ASN A ND2 1 
ATOM   534  N N   . HIS A 1 71  ? 1.162   -4.521  13.165  0.90 8.29  ? 112 HIS A N   1 
ATOM   535  C CA  . HIS A 1 71  ? 1.624   -5.522  12.217  0.90 8.46  ? 112 HIS A CA  1 
ATOM   536  C C   . HIS A 1 71  ? 0.588   -6.633  11.950  0.90 8.44  ? 112 HIS A C   1 
ATOM   537  O O   . HIS A 1 71  ? 0.947   -7.759  11.573  0.90 9.57  ? 112 HIS A O   1 
ATOM   538  C CB  . HIS A 1 71  ? 2.966   -6.091  12.699  0.90 8.42  ? 112 HIS A CB  1 
ATOM   539  C CG  . HIS A 1 71  ? 3.986   -5.027  12.972  0.90 8.99  ? 112 HIS A CG  1 
ATOM   540  N ND1 . HIS A 1 71  ? 4.629   -4.329  11.970  0.90 8.92  ? 112 HIS A ND1 1 
ATOM   541  C CD2 . HIS A 1 71  ? 4.437   -4.499  14.141  0.90 9.55  ? 112 HIS A CD2 1 
ATOM   542  C CE1 . HIS A 1 71  ? 5.440   -3.433  12.505  0.90 11.35 ? 112 HIS A CE1 1 
ATOM   543  N NE2 . HIS A 1 71  ? 5.348   -3.520  13.821  0.90 11.44 ? 112 HIS A NE2 1 
ATOM   544  N N   . ASN A 1 72  ? -0.701  -6.321  12.120  0.90 7.66  ? 113 ASN A N   1 
ATOM   545  C CA  . ASN A 1 72  ? -1.735  -7.360  11.932  1.00 8.39  ? 113 ASN A CA  1 
ATOM   546  C C   . ASN A 1 72  ? -3.060  -6.935  11.305  0.95 8.49  ? 113 ASN A C   1 
ATOM   547  O O   . ASN A 1 72  ? -3.988  -7.759  11.214  0.95 9.40  ? 113 ASN A O   1 
ATOM   548  C CB  . ASN A 1 72  ? -1.998  -8.072  13.259  1.00 8.50  ? 113 ASN A CB  1 
ATOM   549  C CG  . ASN A 1 72  ? -2.571  -7.151  14.305  1.00 8.10  ? 113 ASN A CG  1 
ATOM   550  O OD1 . ASN A 1 72  ? -3.065  -6.047  13.997  1.00 7.54  ? 113 ASN A OD1 1 
ATOM   551  N ND2 . ASN A 1 72  ? -2.565  -7.607  15.561  1.00 9.90  ? 113 ASN A ND2 1 
ATOM   552  N N   . GLY A 1 73  ? -3.166  -5.674  10.880  1.00 7.76  ? 114 GLY A N   1 
ATOM   553  C CA  . GLY A 1 73  ? -4.377  -5.185  10.268  1.00 7.71  ? 114 GLY A CA  1 
ATOM   554  C C   . GLY A 1 73  ? -5.258  -4.356  11.181  1.00 6.93  ? 114 GLY A C   1 
ATOM   555  O O   . GLY A 1 73  ? -6.245  -3.783  10.748  0.95 7.00  ? 114 GLY A O   1 
ATOM   556  N N   . THR A 1 74  ? -4.928  -4.306  12.479  1.00 7.19  ? 115 THR A N   1 
ATOM   557  C CA  . THR A 1 74  ? -5.708  -3.477  13.414  1.00 7.98  ? 115 THR A CA  1 
ATOM   558  C C   . THR A 1 74  ? -5.166  -2.071  13.638  1.00 7.65  ? 115 THR A C   1 
ATOM   559  O O   . THR A 1 74  ? -5.891  -1.221  14.199  1.00 8.85  ? 115 THR A O   1 
ATOM   560  C CB  . THR A 1 74  ? -5.785  -4.118  14.807  1.00 8.15  ? 115 THR A CB  1 
ATOM   561  O OG1 . THR A 1 74  ? -4.454  -4.209  15.371  1.00 7.13  ? 115 THR A OG1 1 
ATOM   562  C CG2 . THR A 1 74  ? -6.461  -5.479  14.741  1.00 7.99  ? 115 THR A CG2 1 
ATOM   563  N N   . GLY A 1 75  ? -3.924  -1.799  13.224  1.00 7.19  ? 116 GLY A N   1 
ATOM   564  C CA  . GLY A 1 75  ? -3.237  -0.572  13.611  1.00 7.38  ? 116 GLY A CA  1 
ATOM   565  C C   . GLY A 1 75  ? -2.899  0.349   12.455  1.00 7.62  ? 116 GLY A C   1 
ATOM   566  O O   . GLY A 1 75  ? -3.645  0.439   11.476  1.00 8.98  ? 116 GLY A O   1 
ATOM   567  N N   . GLY A 1 76  ? -1.788  1.056   12.601  1.00 7.20  ? 117 GLY A N   1 
ATOM   568  C CA  . GLY A 1 76  ? -1.395  2.134   11.691  1.00 7.52  ? 117 GLY A CA  1 
ATOM   569  C C   . GLY A 1 76  ? -1.908  3.491   12.167  1.00 7.02  ? 117 GLY A C   1 
ATOM   570  O O   . GLY A 1 76  ? -2.852  3.561   12.941  1.00 7.31  ? 117 GLY A O   1 
ATOM   571  N N   . LYS A 1 77  ? -1.263  4.559   11.704  1.00 6.38  ? 118 LYS A N   1 
ATOM   572  C CA  . LYS A 1 77  ? -1.717  5.926   11.900  1.00 6.15  ? 118 LYS A CA  1 
ATOM   573  C C   . LYS A 1 77  ? -1.257  6.760   10.708  1.00 5.86  ? 118 LYS A C   1 
ATOM   574  O O   . LYS A 1 77  ? -0.273  6.431   10.061  1.00 6.49  ? 118 LYS A O   1 
ATOM   575  C CB  . LYS A 1 77  ? -1.174  6.530   13.196  1.00 6.29  ? 118 LYS A CB  1 
ATOM   576  C CG  . LYS A 1 77  ? 0.316   6.509   13.324  1.00 6.52  ? 118 LYS A CG  1 
ATOM   577  C CD  . LYS A 1 77  ? 0.796   7.175   14.621  1.00 6.84  ? 118 LYS A CD  1 
ATOM   578  C CE  . LYS A 1 77  ? 2.300   7.036   14.744  1.00 7.61  ? 118 LYS A CE  1 
ATOM   579  N NZ  . LYS A 1 77  ? 2.807   7.679   16.011  1.00 8.49  ? 118 LYS A NZ  1 
ATOM   580  N N   . SER A 1 78  ? -2.003  7.802   10.393  1.00 6.04  ? 119 SER A N   1 
ATOM   581  C CA  . SER A 1 78  ? -1.617  8.770   9.376   1.00 6.08  ? 119 SER A CA  1 
ATOM   582  C C   . SER A 1 78  ? -0.734  9.889   9.922   1.00 6.88  ? 119 SER A C   1 
ATOM   583  O O   . SER A 1 78  ? -0.544  10.039  11.133  1.00 6.67  ? 119 SER A O   1 
ATOM   584  C CB  . SER A 1 78  ? -2.855  9.379   8.713   1.00 6.64  ? 119 SER A CB  1 
ATOM   585  O OG  . SER A 1 78  ? -3.383  10.487  9.440   1.00 6.13  ? 119 SER A OG  1 
ATOM   586  N N   . ILE A 1 79  ? -0.187  10.671  9.010   1.00 5.67  ? 120 ILE A N   1 
ATOM   587  C CA  . ILE A 1 79  ? 0.608   11.814  9.422   1.00 6.18  ? 120 ILE A CA  1 
ATOM   588  C C   . ILE A 1 79  ? -0.264  12.914  9.987   1.00 6.56  ? 120 ILE A C   1 
ATOM   589  O O   . ILE A 1 79  ? 0.272   13.848  10.574  1.00 7.17  ? 120 ILE A O   1 
ATOM   590  C CB  . ILE A 1 79  ? 1.470   12.371  8.246   1.00 6.43  ? 120 ILE A CB  1 
ATOM   591  C CG1 . ILE A 1 79  ? 0.590   12.948  7.142   1.00 7.49  ? 120 ILE A CG1 1 
ATOM   592  C CG2 . ILE A 1 79  ? 2.401   11.270  7.691   1.00 6.89  ? 120 ILE A CG2 1 
ATOM   593  C CD1 . ILE A 1 79  ? 1.362   13.634  6.081   1.00 6.03  ? 120 ILE A CD1 1 
ATOM   594  N N   . TYR A 1 80  ? -1.584  12.819  9.842   1.00 5.80  ? 121 TYR A N   1 
ATOM   595  C CA  . TYR A 1 80  ? -2.506  13.889  10.286  1.00 6.20  ? 121 TYR A CA  1 
ATOM   596  C C   . TYR A 1 80  ? -3.075  13.630  11.674  1.00 6.28  ? 121 TYR A C   1 
ATOM   597  O O   . TYR A 1 80  ? -3.602  14.536  12.311  1.00 6.72  ? 121 TYR A O   1 
ATOM   598  C CB  . TYR A 1 80  ? -3.677  13.978  9.298   1.00 6.06  ? 121 TYR A CB  1 
ATOM   599  C CG  . TYR A 1 80  ? -3.250  14.134  7.862   1.00 5.82  ? 121 TYR A CG  1 
ATOM   600  C CD1 . TYR A 1 80  ? -2.539  15.241  7.468   1.00 5.76  ? 121 TYR A CD1 1 
ATOM   601  C CD2 . TYR A 1 80  ? -3.600  13.200  6.899   1.00 6.46  ? 121 TYR A CD2 1 
ATOM   602  C CE1 . TYR A 1 80  ? -2.134  15.401  6.169   1.00 5.60  ? 121 TYR A CE1 1 
ATOM   603  C CE2 . TYR A 1 80  ? -3.216  13.350  5.605   1.00 6.45  ? 121 TYR A CE2 1 
ATOM   604  C CZ  . TYR A 1 80  ? -2.471  14.441  5.237   1.00 6.97  ? 121 TYR A CZ  1 
ATOM   605  O OH  . TYR A 1 80  ? -2.087  14.588  3.923   1.00 6.53  ? 121 TYR A OH  1 
ATOM   606  N N   . GLY A 1 81  ? -2.985  12.383  12.111  1.00 5.69  ? 122 GLY A N   1 
ATOM   607  C CA  . GLY A 1 81  ? -3.769  11.877  13.248  1.00 5.96  ? 122 GLY A CA  1 
ATOM   608  C C   . GLY A 1 81  ? -4.005  10.388  13.040  1.00 6.08  ? 122 GLY A C   1 
ATOM   609  O O   . GLY A 1 81  ? -3.530  9.812   12.064  1.00 5.98  ? 122 GLY A O   1 
ATOM   610  N N   . SER A 1 82  ? -4.758  9.740   13.916  1.00 5.65  ? 123 SER A N   1 
ATOM   611  C CA  . SER A 1 82  ? -4.911  8.296   13.785  1.00 6.15  ? 123 SER A CA  1 
ATOM   612  C C   . SER A 1 82  ? -5.639  7.923   12.498  1.00 6.51  ? 123 SER A C   1 
ATOM   613  O O   . SER A 1 82  ? -5.237  6.960   11.829  1.00 7.39  ? 123 SER A O   1 
ATOM   614  C CB  . SER A 1 82  ? -5.669  7.763   15.000  0.90 6.66  ? 123 SER A CB  1 
ATOM   615  O OG  A SER A 1 82  ? -7.021  7.979   14.699  0.40 11.02 ? 123 SER A OG  1 
ATOM   616  O OG  B SER A 1 82  ? -4.691  7.623   16.014  0.40 3.30  ? 123 SER A OG  1 
ATOM   617  N N   . ARG A 1 83  ? -6.695  8.658   12.150  1.00 6.24  ? 124 ARG A N   1 
ATOM   618  C CA  . ARG A 1 83  ? -7.499  8.362   10.950  1.00 6.30  ? 124 ARG A CA  1 
ATOM   619  C C   . ARG A 1 83  ? -7.849  9.658   10.219  1.00 6.08  ? 124 ARG A C   1 
ATOM   620  O O   . ARG A 1 83  ? -7.811  10.737  10.812  1.00 5.76  ? 124 ARG A O   1 
ATOM   621  C CB  . ARG A 1 83  ? -8.789  7.634   11.334  1.00 7.68  ? 124 ARG A CB  1 
ATOM   622  C CG  . ARG A 1 83  ? -8.556  6.283   11.998  1.00 7.45  ? 124 ARG A CG  1 
ATOM   623  C CD  . ARG A 1 83  ? -8.084  5.242   11.030  1.00 9.42  ? 124 ARG A CD  1 
ATOM   624  N NE  . ARG A 1 83  ? -7.915  3.898   11.600  1.00 10.02 ? 124 ARG A NE  1 
ATOM   625  C CZ  . ARG A 1 83  ? -6.757  3.419   12.066  1.00 10.68 ? 124 ARG A CZ  1 
ATOM   626  N NH1 . ARG A 1 83  ? -5.675  4.204   12.098  1.00 10.12 ? 124 ARG A NH1 1 
ATOM   627  N NH2 . ARG A 1 83  ? -6.676  2.159   12.507  1.00 11.52 ? 124 ARG A NH2 1 
ATOM   628  N N   . PHE A 1 84  ? -8.143  9.550   8.919   1.00 5.00  ? 125 PHE A N   1 
ATOM   629  C CA  . PHE A 1 84  ? -8.538  10.711  8.153   1.00 5.68  ? 125 PHE A CA  1 
ATOM   630  C C   . PHE A 1 84  ? -9.608  10.368  7.113   1.00 5.40  ? 125 PHE A C   1 
ATOM   631  O O   . PHE A 1 84  ? -9.845  9.198   6.781   1.00 4.65  ? 125 PHE A O   1 
ATOM   632  C CB  . PHE A 1 84  ? -7.306  11.429  7.573   1.00 5.91  ? 125 PHE A CB  1 
ATOM   633  C CG  . PHE A 1 84  ? -6.586  10.687  6.486   1.00 5.96  ? 125 PHE A CG  1 
ATOM   634  C CD1 . PHE A 1 84  ? -5.690  9.681   6.778   1.00 5.09  ? 125 PHE A CD1 1 
ATOM   635  C CD2 . PHE A 1 84  ? -6.753  11.061  5.169   1.00 5.04  ? 125 PHE A CD2 1 
ATOM   636  C CE1 . PHE A 1 84  ? -5.021  9.012   5.748   1.00 6.08  ? 125 PHE A CE1 1 
ATOM   637  C CE2 . PHE A 1 84  ? -6.094  10.398  4.151   1.00 6.43  ? 125 PHE A CE2 1 
ATOM   638  C CZ  . PHE A 1 84  ? -5.207  9.417   4.445   1.00 4.62  ? 125 PHE A CZ  1 
ATOM   639  N N   . PRO A 1 85  ? -10.346 11.399  6.654   1.00 5.94  ? 126 PRO A N   1 
ATOM   640  C CA  . PRO A 1 85  ? -11.491 11.114  5.787   1.00 6.09  ? 126 PRO A CA  1 
ATOM   641  C C   . PRO A 1 85  ? -11.157 10.520  4.425   1.00 5.87  ? 126 PRO A C   1 
ATOM   642  O O   . PRO A 1 85  ? -10.045 10.674  3.928   1.00 6.11  ? 126 PRO A O   1 
ATOM   643  C CB  . PRO A 1 85  ? -12.157 12.489  5.584   1.00 7.59  ? 126 PRO A CB  1 
ATOM   644  C CG  . PRO A 1 85  ? -11.568 13.403  6.613   1.00 6.53  ? 126 PRO A CG  1 
ATOM   645  C CD  . PRO A 1 85  ? -10.282 12.803  7.073   1.00 6.20  ? 126 PRO A CD  1 
ATOM   646  N N   . ASP A 1 86  ? -12.183 9.956   3.795   1.00 5.73  ? 127 ASP A N   1 
ATOM   647  C CA  . ASP A 1 86  ? -12.123 9.557   2.386   1.00 5.82  ? 127 ASP A CA  1 
ATOM   648  C C   . ASP A 1 86  ? -12.094 10.818  1.560   1.00 6.28  ? 127 ASP A C   1 
ATOM   649  O O   . ASP A 1 86  ? -13.039 11.629  1.589   1.00 7.27  ? 127 ASP A O   1 
ATOM   650  C CB  . ASP A 1 86  ? -13.339 8.709   1.980   1.00 5.79  ? 127 ASP A CB  1 
ATOM   651  C CG  . ASP A 1 86  ? -13.411 7.399   2.731   1.00 6.54  ? 127 ASP A CG  1 
ATOM   652  O OD1 . ASP A 1 86  ? -12.352 6.743   2.891   1.00 6.00  ? 127 ASP A OD1 1 
ATOM   653  O OD2 . ASP A 1 86  ? -14.536 6.968   3.154   1.00 5.11  ? 127 ASP A OD2 1 
ATOM   654  N N   . GLU A 1 87  ? -11.024 11.004  0.811   1.00 5.64  ? 128 GLU A N   1 
ATOM   655  C CA  . GLU A 1 87  ? -10.812 12.272  0.097   1.00 5.22  ? 128 GLU A CA  1 
ATOM   656  C C   . GLU A 1 87  ? -11.772 12.382  -1.098  1.00 5.68  ? 128 GLU A C   1 
ATOM   657  O O   . GLU A 1 87  ? -12.483 13.362  -1.251  1.00 6.54  ? 128 GLU A O   1 
ATOM   658  C CB  . GLU A 1 87  ? -9.348  12.374  -0.348  1.00 5.53  ? 128 GLU A CB  1 
ATOM   659  C CG  . GLU A 1 87  ? -8.934  13.715  -0.864  1.00 4.61  ? 128 GLU A CG  1 
ATOM   660  C CD  . GLU A 1 87  ? -7.431  13.865  -0.942  1.00 6.29  ? 128 GLU A CD  1 
ATOM   661  O OE1 . GLU A 1 87  ? -6.702  12.833  -0.844  1.00 5.78  ? 128 GLU A OE1 1 
ATOM   662  O OE2 . GLU A 1 87  ? -6.964  15.003  -1.120  1.00 6.17  ? 128 GLU A OE2 1 
ATOM   663  N N   . ASN A 1 88  ? -11.785 11.337  -1.924  1.00 5.42  ? 129 ASN A N   1 
ATOM   664  C CA  . ASN A 1 88  ? -12.762 11.194  -3.004  1.00 5.86  ? 129 ASN A CA  1 
ATOM   665  C C   . ASN A 1 88  ? -12.636 9.787   -3.550  1.00 5.18  ? 129 ASN A C   1 
ATOM   666  O O   . ASN A 1 88  ? -11.723 9.038   -3.161  1.00 5.58  ? 129 ASN A O   1 
ATOM   667  C CB  . ASN A 1 88  ? -12.586 12.238  -4.133  1.00 5.79  ? 129 ASN A CB  1 
ATOM   668  C CG  . ASN A 1 88  ? -11.233 12.155  -4.819  1.00 6.10  ? 129 ASN A CG  1 
ATOM   669  O OD1 . ASN A 1 88  ? -10.872 11.117  -5.399  1.00 6.40  ? 129 ASN A OD1 1 
ATOM   670  N ND2 . ASN A 1 88  ? -10.463 13.243  -4.741  1.00 6.04  ? 129 ASN A ND2 1 
ATOM   671  N N   . PHE A 1 89  ? -13.570 9.407   -4.421  1.00 5.24  ? 130 PHE A N   1 
ATOM   672  C CA  . PHE A 1 89  ? -13.540 8.078   -5.027  1.00 5.51  ? 130 PHE A CA  1 
ATOM   673  C C   . PHE A 1 89  ? -13.380 8.210   -6.540  1.00 5.53  ? 130 PHE A C   1 
ATOM   674  O O   . PHE A 1 89  ? -13.812 7.352   -7.303  1.00 6.41  ? 130 PHE A O   1 
ATOM   675  C CB  . PHE A 1 89  ? -14.792 7.289   -4.666  1.00 5.88  ? 130 PHE A CB  1 
ATOM   676  C CG  . PHE A 1 89  ? -14.962 7.094   -3.168  1.00 6.15  ? 130 PHE A CG  1 
ATOM   677  C CD1 . PHE A 1 89  ? -14.087 6.269   -2.447  1.00 5.71  ? 130 PHE A CD1 1 
ATOM   678  C CD2 . PHE A 1 89  ? -15.971 7.752   -2.483  1.00 5.25  ? 130 PHE A CD2 1 
ATOM   679  C CE1 . PHE A 1 89  ? -14.224 6.105   -1.090  1.00 5.90  ? 130 PHE A CE1 1 
ATOM   680  C CE2 . PHE A 1 89  ? -16.100 7.564   -1.092  1.00 6.68  ? 130 PHE A CE2 1 
ATOM   681  C CZ  . PHE A 1 89  ? -15.225 6.750   -0.416  1.00 5.87  ? 130 PHE A CZ  1 
ATOM   682  N N   . THR A 1 90  ? -12.654 9.231   -6.970  1.00 5.51  ? 131 THR A N   1 
ATOM   683  C CA  . THR A 1 90  ? -12.574 9.549   -8.392  1.00 6.49  ? 131 THR A CA  1 
ATOM   684  C C   . THR A 1 90  ? -11.837 8.488   -9.198  1.00 6.21  ? 131 THR A C   1 
ATOM   685  O O   . THR A 1 90  ? -12.305 8.118   -10.277 1.00 7.58  ? 131 THR A O   1 
ATOM   686  C CB  . THR A 1 90  ? -11.977 10.927  -8.586  1.00 7.11  ? 131 THR A CB  1 
ATOM   687  O OG1 . THR A 1 90  ? -12.815 11.885  -7.909  1.00 7.75  ? 131 THR A OG1 1 
ATOM   688  C CG2 . THR A 1 90  ? -11.879 11.282  -10.087 1.00 8.12  ? 131 THR A CG2 1 
ATOM   689  N N   . LEU A 1 91  ? -10.698 8.007   -8.695  1.00 5.31  ? 132 LEU A N   1 
ATOM   690  C CA  . LEU A 1 91  ? -9.921  6.934   -9.343  1.00 5.67  ? 132 LEU A CA  1 
ATOM   691  C C   . LEU A 1 91  ? -10.568 5.590   -9.008  1.00 5.75  ? 132 LEU A C   1 
ATOM   692  O O   . LEU A 1 91  ? -11.028 5.387   -7.889  1.00 6.36  ? 132 LEU A O   1 
ATOM   693  C CB  . LEU A 1 91  ? -8.471  6.985   -8.880  1.00 5.51  ? 132 LEU A CB  1 
ATOM   694  C CG  . LEU A 1 91  ? -7.664  8.140   -9.473  1.00 6.72  ? 132 LEU A CG  1 
ATOM   695  C CD1 . LEU A 1 91  ? -6.476  8.520   -8.592  1.00 6.72  ? 132 LEU A CD1 1 
ATOM   696  C CD2 . LEU A 1 91  ? -7.218  7.739   -10.926 1.00 6.78  ? 132 LEU A CD2 1 
ATOM   697  N N   . LYS A 1 92  ? -10.575 4.678   -9.975  1.00 5.77  ? 133 LYS A N   1 
ATOM   698  C CA  . LYS A 1 92  ? -11.255 3.415   -9.812  1.00 5.72  ? 133 LYS A CA  1 
ATOM   699  C C   . LYS A 1 92  ? -10.248 2.255   -9.750  1.00 6.24  ? 133 LYS A C   1 
ATOM   700  O O   . LYS A 1 92  ? -9.088  2.385   -10.154 1.00 6.09  ? 133 LYS A O   1 
ATOM   701  C CB  . LYS A 1 92  ? -12.255 3.182   -10.948 1.00 6.24  ? 133 LYS A CB  1 
ATOM   702  C CG  . LYS A 1 92  ? -13.251 4.375   -11.153 1.00 7.58  ? 133 LYS A CG  1 
ATOM   703  C CD  . LYS A 1 92  ? -14.035 4.711   -9.923  1.00 8.42  ? 133 LYS A CD  1 
ATOM   704  C CE  . LYS A 1 92  ? -15.024 5.843   -10.192 1.00 10.91 ? 133 LYS A CE  1 
ATOM   705  N NZ  . LYS A 1 92  ? -15.790 6.284   -8.977  1.00 10.78 ? 133 LYS A NZ  1 
ATOM   706  N N   . HIS A 1 93  ? -10.725 1.133   -9.229  1.00 5.83  ? 134 HIS A N   1 
ATOM   707  C CA  . HIS A 1 93  ? -9.923  -0.081  -9.074  1.00 5.80  ? 134 HIS A CA  1 
ATOM   708  C C   . HIS A 1 93  ? -9.933  -0.834  -10.410 1.00 7.06  ? 134 HIS A C   1 
ATOM   709  O O   . HIS A 1 93  ? -10.668 -1.810  -10.607 1.00 7.50  ? 134 HIS A O   1 
ATOM   710  C CB  . HIS A 1 93  ? -10.465 -0.948  -7.953  1.00 6.25  ? 134 HIS A CB  1 
ATOM   711  C CG  . HIS A 1 93  ? -10.398 -0.298  -6.604  1.00 5.98  ? 134 HIS A CG  1 
ATOM   712  N ND1 . HIS A 1 93  ? -11.364 0.573   -6.148  1.00 5.69  ? 134 HIS A ND1 1 
ATOM   713  C CD2 . HIS A 1 93  ? -9.529  -0.468  -5.575  1.00 4.55  ? 134 HIS A CD2 1 
ATOM   714  C CE1 . HIS A 1 93  ? -11.057 0.961   -4.912  1.00 4.67  ? 134 HIS A CE1 1 
ATOM   715  N NE2 . HIS A 1 93  ? -9.937  0.353   -4.545  1.00 5.64  ? 134 HIS A NE2 1 
ATOM   716  N N   . VAL A 1 94  ? -9.134  -0.338  -11.342 1.00 6.18  ? 135 VAL A N   1 
ATOM   717  C CA  . VAL A 1 94  ? -9.268  -0.714  -12.756 1.00 6.85  ? 135 VAL A CA  1 
ATOM   718  C C   . VAL A 1 94  ? -8.600  -2.016  -13.158 1.00 7.25  ? 135 VAL A C   1 
ATOM   719  O O   . VAL A 1 94  ? -8.935  -2.600  -14.181 1.00 9.15  ? 135 VAL A O   1 
ATOM   720  C CB  . VAL A 1 94  ? -8.736  0.413   -13.679 1.00 7.57  ? 135 VAL A CB  1 
ATOM   721  C CG1 . VAL A 1 94  ? -9.611  1.626   -13.545 1.00 7.25  ? 135 VAL A CG1 1 
ATOM   722  C CG2 . VAL A 1 94  ? -7.262  0.743   -13.392 1.00 8.05  ? 135 VAL A CG2 1 
ATOM   723  N N   . GLY A 1 95  ? -7.656  -2.477  -12.354 1.00 6.74  ? 136 GLY A N   1 
ATOM   724  C CA  . GLY A 1 95  ? -6.885  -3.649  -12.706 1.00 6.76  ? 136 GLY A CA  1 
ATOM   725  C C   . GLY A 1 95  ? -5.687  -3.864  -11.813 1.00 7.19  ? 136 GLY A C   1 
ATOM   726  O O   . GLY A 1 95  ? -5.514  -3.167  -10.799 1.00 7.89  ? 136 GLY A O   1 
ATOM   727  N N   . PRO A 1 96  ? -4.821  -4.800  -12.204 1.00 6.92  ? 137 PRO A N   1 
ATOM   728  C CA  . PRO A 1 96  ? -3.595  -5.040  -11.472 1.00 7.37  ? 137 PRO A CA  1 
ATOM   729  C C   . PRO A 1 96  ? -2.751  -3.759  -11.362 1.00 6.76  ? 137 PRO A C   1 
ATOM   730  O O   . PRO A 1 96  ? -2.710  -2.945  -12.281 1.00 7.81  ? 137 PRO A O   1 
ATOM   731  C CB  . PRO A 1 96  ? -2.855  -6.084  -12.325 1.00 7.62  ? 137 PRO A CB  1 
ATOM   732  C CG  . PRO A 1 96  ? -3.895  -6.708  -13.170 1.00 8.07  ? 137 PRO A CG  1 
ATOM   733  C CD  . PRO A 1 96  ? -4.961  -5.693  -13.376 1.00 7.88  ? 137 PRO A CD  1 
ATOM   734  N N   . GLY A 1 97  ? -2.122  -3.584  -10.207 1.00 6.52  ? 138 GLY A N   1 
ATOM   735  C CA  . GLY A 1 97  ? -1.196  -2.489  -9.978  1.00 5.12  ? 138 GLY A CA  1 
ATOM   736  C C   . GLY A 1 97  ? -1.812  -1.279  -9.301  1.00 4.63  ? 138 GLY A C   1 
ATOM   737  O O   . GLY A 1 97  ? -1.103  -0.359  -8.920  1.00 5.52  ? 138 GLY A O   1 
ATOM   738  N N   . VAL A 1 98  ? -3.129  -1.273  -9.125  1.00 4.96  ? 139 VAL A N   1 
ATOM   739  C CA  . VAL A 1 98  ? -3.799  -0.208  -8.399  1.00 4.94  ? 139 VAL A CA  1 
ATOM   740  C C   . VAL A 1 98  ? -3.384  -0.186  -6.926  1.00 4.42  ? 139 VAL A C   1 
ATOM   741  O O   . VAL A 1 98  ? -3.340  -1.240  -6.267  1.00 5.23  ? 139 VAL A O   1 
ATOM   742  C CB  . VAL A 1 98  ? -5.342  -0.371  -8.510  1.00 5.05  ? 139 VAL A CB  1 
ATOM   743  C CG1 . VAL A 1 98  ? -6.053  0.478   -7.456  1.00 6.46  ? 139 VAL A CG1 1 
ATOM   744  C CG2 . VAL A 1 98  ? -5.844  -0.021  -9.935  1.00 5.79  ? 139 VAL A CG2 1 
ATOM   745  N N   . LEU A 1 99  ? -3.084  1.034   -6.461  1.00 3.69  ? 140 LEU A N   1 
ATOM   746  C CA  . LEU A 1 99  ? -2.719  1.320   -5.075  1.00 4.25  ? 140 LEU A CA  1 
ATOM   747  C C   . LEU A 1 99  ? -3.886  2.066   -4.419  1.00 4.13  ? 140 LEU A C   1 
ATOM   748  O O   . LEU A 1 99  ? -4.286  3.111   -4.874  1.00 5.26  ? 140 LEU A O   1 
ATOM   749  C CB  . LEU A 1 99  ? -1.437  2.147   -5.029  1.00 4.13  ? 140 LEU A CB  1 
ATOM   750  C CG  . LEU A 1 99  ? -0.945  2.595   -3.658  1.00 4.79  ? 140 LEU A CG  1 
ATOM   751  C CD1 . LEU A 1 99  ? -0.429  1.401   -2.839  1.00 5.19  ? 140 LEU A CD1 1 
ATOM   752  C CD2 . LEU A 1 99  ? 0.151   3.658   -3.861  1.00 5.18  ? 140 LEU A CD2 1 
ATOM   753  N N   . SER A 1 100 ? -4.388  1.500   -3.320  1.00 4.02  ? 141 SER A N   1 
ATOM   754  C CA  . SER A 1 100 ? -5.633  1.959   -2.685  1.00 4.60  ? 141 SER A CA  1 
ATOM   755  C C   . SER A 1 100 ? -5.540  1.859   -1.167  1.00 4.69  ? 141 SER A C   1 
ATOM   756  O O   . SER A 1 100 ? -4.772  1.077   -0.644  1.00 4.82  ? 141 SER A O   1 
ATOM   757  C CB  . SER A 1 100 ? -6.781  1.103   -3.215  1.00 5.64  ? 141 SER A CB  1 
ATOM   758  O OG  . SER A 1 100 ? -8.040  1.573   -2.758  1.00 6.24  ? 141 SER A OG  1 
ATOM   759  N N   . MET A 1 101 ? -6.315  2.696   -0.465  1.00 4.78  ? 142 MET A N   1 
ATOM   760  C CA  . MET A 1 101 ? -6.294  2.678   1.006   1.00 5.32  ? 142 MET A CA  1 
ATOM   761  C C   . MET A 1 101 ? -7.183  1.609   1.584   1.00 5.12  ? 142 MET A C   1 
ATOM   762  O O   . MET A 1 101 ? -8.362  1.508   1.247   1.00 5.93  ? 142 MET A O   1 
ATOM   763  C CB  . MET A 1 101 ? -6.733  4.016   1.595   1.00 5.69  ? 142 MET A CB  1 
ATOM   764  C CG  . MET A 1 101 ? -5.774  5.122   1.344   1.00 5.76  ? 142 MET A CG  1 
ATOM   765  S SD  . MET A 1 101 ? -4.117  4.893   2.038   1.00 6.78  ? 142 MET A SD  1 
ATOM   766  C CE  . MET A 1 101 ? -4.380  5.032   3.829   1.00 7.74  ? 142 MET A CE  1 
ATOM   767  N N   . ALA A 1 102 ? -6.631  0.777   2.471   1.00 5.09  ? 143 ALA A N   1 
ATOM   768  C CA  . ALA A 1 102 ? -7.433  -0.107  3.273   1.00 5.37  ? 143 ALA A CA  1 
ATOM   769  C C   . ALA A 1 102 ? -8.177  0.731   4.285   1.00 5.98  ? 143 ALA A C   1 
ATOM   770  O O   . ALA A 1 102 ? -7.763  1.855   4.584   1.00 6.03  ? 143 ALA A O   1 
ATOM   771  C CB  . ALA A 1 102 ? -6.514  -1.140  3.971   1.00 6.22  ? 143 ALA A CB  1 
ATOM   772  N N   . ASN A 1 103 ? -9.301  0.208   4.775   1.00 5.46  ? 144 ASN A N   1 
ATOM   773  C CA  . ASN A 1 103 ? -10.040 0.919   5.807   1.00 5.82  ? 144 ASN A CA  1 
ATOM   774  C C   . ASN A 1 103 ? -10.935 -0.022  6.617   1.00 6.45  ? 144 ASN A C   1 
ATOM   775  O O   . ASN A 1 103 ? -10.978 -1.218  6.369   1.00 7.31  ? 144 ASN A O   1 
ATOM   776  C CB  . ASN A 1 103 ? -10.817 2.094   5.199   1.00 5.58  ? 144 ASN A CB  1 
ATOM   777  C CG  . ASN A 1 103 ? -11.952 1.649   4.290   1.00 5.64  ? 144 ASN A CG  1 
ATOM   778  O OD1 . ASN A 1 103 ? -12.752 0.776   4.659   1.00 8.29  ? 144 ASN A OD1 1 
ATOM   779  N ND2 . ASN A 1 103 ? -12.044 2.238   3.112   1.00 6.24  ? 144 ASN A ND2 1 
ATOM   780  N N   . ALA A 1 104 ? -11.618 0.557   7.613   1.00 6.26  ? 145 ALA A N   1 
ATOM   781  C CA  . ALA A 1 104 ? -12.563 -0.186  8.453   1.00 7.90  ? 145 ALA A CA  1 
ATOM   782  C C   . ALA A 1 104 ? -13.920 0.476   8.384   1.00 7.99  ? 145 ALA A C   1 
ATOM   783  O O   . ALA A 1 104 ? -14.679 0.501   9.372   1.00 8.09  ? 145 ALA A O   1 
ATOM   784  C CB  . ALA A 1 104 ? -12.058 -0.231  9.877   1.00 8.95  ? 145 ALA A CB  1 
ATOM   785  N N   . GLY A 1 105 ? -14.280 0.925   7.183   1.00 5.79  ? 146 GLY A N   1 
ATOM   786  C CA  . GLY A 1 105 ? -15.525 1.624   6.961   1.00 6.53  ? 146 GLY A CA  1 
ATOM   787  C C   . GLY A 1 105 ? -15.264 3.044   6.500   1.00 6.26  ? 146 GLY A C   1 
ATOM   788  O O   . GLY A 1 105 ? -14.101 3.458   6.344   1.00 6.22  ? 146 GLY A O   1 
ATOM   789  N N   . PRO A 1 106 ? -16.329 3.821   6.294   1.00 6.54  ? 147 PRO A N   1 
ATOM   790  C CA  . PRO A 1 106 ? -16.144 5.160   5.831   1.00 6.24  ? 147 PRO A CA  1 
ATOM   791  C C   . PRO A 1 106 ? -15.242 5.990   6.735   1.00 6.56  ? 147 PRO A C   1 
ATOM   792  O O   . PRO A 1 106 ? -15.313 5.887   7.970   1.00 6.93  ? 147 PRO A O   1 
ATOM   793  C CB  . PRO A 1 106 ? -17.574 5.717   5.784   1.00 7.05  ? 147 PRO A CB  1 
ATOM   794  C CG  . PRO A 1 106 ? -18.411 4.504   5.509   1.00 7.02  ? 147 PRO A CG  1 
ATOM   795  C CD  . PRO A 1 106 ? -17.753 3.416   6.314   1.00 7.01  ? 147 PRO A CD  1 
ATOM   796  N N   . ASN A 1 107 ? -14.404 6.801   6.102   1.00 6.40  ? 148 ASN A N   1 
ATOM   797  C CA  . ASN A 1 107 ? -13.562 7.772   6.785   1.00 5.66  ? 148 ASN A CA  1 
ATOM   798  C C   . ASN A 1 107 ? -12.702 7.162   7.884   1.00 5.68  ? 148 ASN A C   1 
ATOM   799  O O   . ASN A 1 107 ? -12.605 7.704   8.999   1.00 6.09  ? 148 ASN A O   1 
ATOM   800  C CB  . ASN A 1 107 ? -14.404 8.927   7.320   1.00 5.77  ? 148 ASN A CB  1 
ATOM   801  C CG  . ASN A 1 107 ? -15.257 9.525   6.246   1.00 7.02  ? 148 ASN A CG  1 
ATOM   802  O OD1 . ASN A 1 107 ? -14.748 10.042  5.236   1.00 5.75  ? 148 ASN A OD1 1 
ATOM   803  N ND2 . ASN A 1 107 ? -16.572 9.433   6.434   1.00 5.66  ? 148 ASN A ND2 1 
ATOM   804  N N   . THR A 1 108 ? -12.032 6.044   7.567   1.00 5.28  ? 149 THR A N   1 
ATOM   805  C CA  . THR A 1 108 ? -11.125 5.401   8.521   1.00 5.47  ? 149 THR A CA  1 
ATOM   806  C C   . THR A 1 108 ? -9.783  5.069   7.860   1.00 5.64  ? 149 THR A C   1 
ATOM   807  O O   . THR A 1 108 ? -9.175  4.053   8.152   1.00 6.68  ? 149 THR A O   1 
ATOM   808  C CB  . THR A 1 108 ? -11.722 4.138   9.166   1.00 6.26  ? 149 THR A CB  1 
ATOM   809  O OG1 . THR A 1 108 ? -12.047 3.189   8.145   1.00 6.13  ? 149 THR A OG1 1 
ATOM   810  C CG2 . THR A 1 108 ? -12.984 4.510   9.963   1.00 6.66  ? 149 THR A CG2 1 
ATOM   811  N N   . ASN A 1 109 ? -9.328  5.951   6.974   1.00 5.17  ? 150 ASN A N   1 
ATOM   812  C CA  . ASN A 1 109 ? -7.976  5.829   6.409   1.00 4.81  ? 150 ASN A CA  1 
ATOM   813  C C   . ASN A 1 109 ? -6.932  6.113   7.467   1.00 5.16  ? 150 ASN A C   1 
ATOM   814  O O   . ASN A 1 109 ? -7.068  7.015   8.263   1.00 5.83  ? 150 ASN A O   1 
ATOM   815  C CB  . ASN A 1 109 ? -7.809  6.802   5.260   1.00 4.09  ? 150 ASN A CB  1 
ATOM   816  C CG  . ASN A 1 109 ? -8.844  6.584   4.182   1.00 4.29  ? 150 ASN A CG  1 
ATOM   817  O OD1 . ASN A 1 109 ? -8.763  5.607   3.437   1.00 6.56  ? 150 ASN A OD1 1 
ATOM   818  N ND2 . ASN A 1 109 ? -9.867  7.461   4.148   1.00 6.29  ? 150 ASN A ND2 1 
ATOM   819  N N   . GLY A 1 110 ? -5.874  5.325   7.473   1.00 5.16  ? 151 GLY A N   1 
ATOM   820  C CA  . GLY A 1 110 ? -4.773  5.539   8.399   1.00 5.28  ? 151 GLY A CA  1 
ATOM   821  C C   . GLY A 1 110 ? -3.464  5.444   7.658   1.00 5.22  ? 151 GLY A C   1 
ATOM   822  O O   . GLY A 1 110 ? -3.037  6.414   7.048   1.00 5.84  ? 151 GLY A O   1 
ATOM   823  N N   . SER A 1 111 ? -2.833  4.270   7.738   1.00 5.61  ? 152 SER A N   1 
ATOM   824  C CA  . SER A 1 111 ? -1.627  3.987   6.964   1.00 5.12  ? 152 SER A CA  1 
ATOM   825  C C   . SER A 1 111 ? -1.720  2.700   6.144   1.00 5.54  ? 152 SER A C   1 
ATOM   826  O O   . SER A 1 111 ? -0.864  2.454   5.290   1.00 6.76  ? 152 SER A O   1 
ATOM   827  C CB  . SER A 1 111 ? -0.425  3.912   7.884   1.00 5.25  ? 152 SER A CB  1 
ATOM   828  O OG  . SER A 1 111 ? -0.627  2.940   8.899   1.00 5.98  ? 152 SER A OG  1 
ATOM   829  N N   . GLN A 1 112 ? -2.746  1.883   6.349   1.00 5.91  ? 153 GLN A N   1 
ATOM   830  C CA  . GLN A 1 112 ? -2.805  0.622   5.648   1.00 5.90  ? 153 GLN A CA  1 
ATOM   831  C C   . GLN A 1 112 ? -3.254  0.827   4.210   1.00 5.86  ? 153 GLN A C   1 
ATOM   832  O O   . GLN A 1 112 ? -4.120  1.654   3.909   1.00 6.05  ? 153 GLN A O   1 
ATOM   833  C CB  . GLN A 1 112 ? -3.716  -0.370  6.371   1.00 5.96  ? 153 GLN A CB  1 
ATOM   834  C CG  . GLN A 1 112 ? -3.146  -0.854  7.696   1.00 6.58  ? 153 GLN A CG  1 
ATOM   835  C CD  . GLN A 1 112 ? -4.035  -1.905  8.302   1.00 6.92  ? 153 GLN A CD  1 
ATOM   836  O OE1 . GLN A 1 112 ? -4.273  -2.932  7.691   1.00 6.40  ? 153 GLN A OE1 1 
ATOM   837  N NE2 . GLN A 1 112 ? -4.560  -1.640  9.504   1.00 8.49  ? 153 GLN A NE2 1 
ATOM   838  N N   . PHE A 1 113 ? -2.647  0.016   3.336   1.00 4.98  ? 154 PHE A N   1 
ATOM   839  C CA  . PHE A 1 113 ? -2.876  0.109   1.900   1.00 5.48  ? 154 PHE A CA  1 
ATOM   840  C C   . PHE A 1 113 ? -2.827  -1.253  1.279   1.00 5.55  ? 154 PHE A C   1 
ATOM   841  O O   . PHE A 1 113 ? -2.379  -2.200  1.898   1.00 6.05  ? 154 PHE A O   1 
ATOM   842  C CB  . PHE A 1 113 ? -1.822  1.004   1.240   1.00 5.11  ? 154 PHE A CB  1 
ATOM   843  C CG  . PHE A 1 113 ? -0.388  0.491   1.340   1.00 6.36  ? 154 PHE A CG  1 
ATOM   844  C CD1 . PHE A 1 113 ? 0.168   -0.233  0.304   1.00 5.31  ? 154 PHE A CD1 1 
ATOM   845  C CD2 . PHE A 1 113 ? 0.385   0.716   2.464   1.00 5.68  ? 154 PHE A CD2 1 
ATOM   846  C CE1 . PHE A 1 113 ? 1.486   -0.695  0.385   1.00 5.22  ? 154 PHE A CE1 1 
ATOM   847  C CE2 . PHE A 1 113 ? 1.709   0.286   2.522   1.00 5.94  ? 154 PHE A CE2 1 
ATOM   848  C CZ  . PHE A 1 113 ? 2.247   -0.424  1.466   1.00 5.59  ? 154 PHE A CZ  1 
ATOM   849  N N   . PHE A 1 114 ? -3.306  -1.329  0.042   1.00 5.07  ? 155 PHE A N   1 
ATOM   850  C CA  . PHE A 1 114 ? -3.204  -2.554  -0.725  1.00 5.11  ? 155 PHE A CA  1 
ATOM   851  C C   . PHE A 1 114 ? -2.860  -2.289  -2.185  1.00 4.75  ? 155 PHE A C   1 
ATOM   852  O O   . PHE A 1 114 ? -3.143  -1.228  -2.719  1.00 5.17  ? 155 PHE A O   1 
ATOM   853  C CB  . PHE A 1 114 ? -4.439  -3.454  -0.548  1.00 5.73  ? 155 PHE A CB  1 
ATOM   854  C CG  . PHE A 1 114 ? -5.742  -2.850  -0.999  1.00 5.60  ? 155 PHE A CG  1 
ATOM   855  C CD1 . PHE A 1 114 ? -6.415  -1.949  -0.182  1.00 6.18  ? 155 PHE A CD1 1 
ATOM   856  C CD2 . PHE A 1 114 ? -6.337  -3.211  -2.216  1.00 5.93  ? 155 PHE A CD2 1 
ATOM   857  C CE1 . PHE A 1 114 ? -7.610  -1.392  -0.571  1.00 7.09  ? 155 PHE A CE1 1 
ATOM   858  C CE2 . PHE A 1 114 ? -7.568  -2.641  -2.608  1.00 5.56  ? 155 PHE A CE2 1 
ATOM   859  C CZ  . PHE A 1 114 ? -8.180  -1.737  -1.790  1.00 5.88  ? 155 PHE A CZ  1 
ATOM   860  N N   . ILE A 1 115 ? -2.194  -3.263  -2.791  1.00 4.17  ? 156 ILE A N   1 
ATOM   861  C CA  . ILE A 1 115 ? -1.903  -3.245  -4.212  1.00 5.27  ? 156 ILE A CA  1 
ATOM   862  C C   . ILE A 1 115 ? -2.713  -4.373  -4.815  1.00 5.50  ? 156 ILE A C   1 
ATOM   863  O O   . ILE A 1 115 ? -2.564  -5.541  -4.417  1.00 5.79  ? 156 ILE A O   1 
ATOM   864  C CB  . ILE A 1 115 ? -0.426  -3.443  -4.473  1.00 4.88  ? 156 ILE A CB  1 
ATOM   865  C CG1 . ILE A 1 115 ? 0.403   -2.348  -3.776  1.00 6.59  ? 156 ILE A CG1 1 
ATOM   866  C CG2 . ILE A 1 115 ? -0.161  -3.448  -5.992  1.00 6.92  ? 156 ILE A CG2 1 
ATOM   867  C CD1 . ILE A 1 115 ? 1.916   -2.561  -3.810  1.00 7.48  ? 156 ILE A CD1 1 
ATOM   868  N N   . CYS A 1 116 ? -3.570  -4.038  -5.766  1.00 5.05  ? 157 CYS A N   1 
ATOM   869  C CA  . CYS A 1 116 ? -4.423  -5.038  -6.393  1.00 5.60  ? 157 CYS A CA  1 
ATOM   870  C C   . CYS A 1 116 ? -3.638  -5.860  -7.400  1.00 6.07  ? 157 CYS A C   1 
ATOM   871  O O   . CYS A 1 116 ? -2.733  -5.343  -8.068  1.00 6.13  ? 157 CYS A O   1 
ATOM   872  C CB  . CYS A 1 116 ? -5.571  -4.369  -7.127  1.00 5.68  ? 157 CYS A CB  1 
ATOM   873  S SG  . CYS A 1 116 ? -6.622  -3.386  -6.038  1.00 7.87  ? 157 CYS A SG  1 
ATOM   874  N N   . THR A 1 117 ? -4.011  -7.131  -7.529  1.00 5.93  ? 158 THR A N   1 
ATOM   875  C CA  . THR A 1 117 ? -3.448  -7.974  -8.575  1.00 6.63  ? 158 THR A CA  1 
ATOM   876  C C   . THR A 1 117 ? -4.482  -8.375  -9.653  1.00 7.71  ? 158 THR A C   1 
ATOM   877  O O   . THR A 1 117 ? -4.173  -9.152  -10.549 1.00 7.55  ? 158 THR A O   1 
ATOM   878  C CB  . THR A 1 117 ? -2.816  -9.207  -7.943  1.00 7.19  ? 158 THR A CB  1 
ATOM   879  O OG1 . THR A 1 117 ? -3.816  -9.931  -7.237  1.00 7.06  ? 158 THR A OG1 1 
ATOM   880  C CG2 . THR A 1 117 ? -1.670  -8.850  -6.991  1.00 6.67  ? 158 THR A CG2 1 
ATOM   881  N N   . ILE A 1 118 ? -5.655  -7.742  -9.582  1.00 7.30  ? 159 ILE A N   1 
ATOM   882  C CA  . ILE A 1 118 ? -6.773  -7.937  -10.496 1.00 7.01  ? 159 ILE A CA  1 
ATOM   883  C C   . ILE A 1 118 ? -7.645  -6.694  -10.396 1.00 7.25  ? 159 ILE A C   1 
ATOM   884  O O   . ILE A 1 118 ? -7.504  -5.939  -9.457  1.00 6.02  ? 159 ILE A O   1 
ATOM   885  C CB  A ILE A 1 118 ? -7.645  -9.166  -10.120 0.40 6.92  ? 159 ILE A CB  1 
ATOM   886  C CB  B ILE A 1 118 ? -7.571  -9.194  -10.092 0.50 7.09  ? 159 ILE A CB  1 
ATOM   887  C CG1 A ILE A 1 118 ? -8.125  -9.086  -8.667  0.40 7.20  ? 159 ILE A CG1 1 
ATOM   888  C CG1 B ILE A 1 118 ? -8.432  -9.717  -11.246 0.50 8.08  ? 159 ILE A CG1 1 
ATOM   889  C CG2 A ILE A 1 118 ? -6.880  -10.458 -10.327 0.40 8.00  ? 159 ILE A CG2 1 
ATOM   890  C CG2 B ILE A 1 118 ? -8.425  -8.911  -8.878  0.50 7.23  ? 159 ILE A CG2 1 
ATOM   891  C CD1 A ILE A 1 118 ? -9.436  -9.829  -8.387  0.40 6.28  ? 159 ILE A CD1 1 
ATOM   892  C CD1 B ILE A 1 118 ? -8.968  -11.102 -10.997 0.50 10.16 ? 159 ILE A CD1 1 
ATOM   893  N N   . LYS A 1 119 ? -8.550  -6.507  -11.336 1.00 6.72  ? 160 LYS A N   1 
ATOM   894  C CA  . LYS A 1 119 ? -9.588  -5.494  -11.240 1.00 6.96  ? 160 LYS A CA  1 
ATOM   895  C C   . LYS A 1 119 ? -10.502 -5.820  -10.066 1.00 6.81  ? 160 LYS A C   1 
ATOM   896  O O   . LYS A 1 119 ? -11.000 -6.938  -9.988  1.00 8.22  ? 160 LYS A O   1 
ATOM   897  C CB  . LYS A 1 119 ? -10.405 -5.498  -12.542 1.00 7.29  ? 160 LYS A CB  1 
ATOM   898  C CG  . LYS A 1 119 ? -11.574 -4.516  -12.552 1.00 7.72  ? 160 LYS A CG  1 
ATOM   899  C CD  . LYS A 1 119 ? -12.286 -4.522  -13.910 1.00 9.88  ? 160 LYS A CD  1 
ATOM   900  C CE  . LYS A 1 119 ? -13.577 -3.798  -13.869 0.80 10.62 ? 160 LYS A CE  1 
ATOM   901  N NZ  . LYS A 1 119 ? -14.331 -3.918  -15.157 0.60 11.09 ? 160 LYS A NZ  1 
ATOM   902  N N   . THR A 1 120 ? -10.726 -4.865  -9.157  1.00 6.85  ? 161 THR A N   1 
ATOM   903  C CA  . THR A 1 120 ? -11.575 -5.111  -8.015  1.00 6.47  ? 161 THR A CA  1 
ATOM   904  C C   . THR A 1 120 ? -12.693 -4.046  -7.979  1.00 6.29  ? 161 THR A C   1 
ATOM   905  O O   . THR A 1 120 ? -12.706 -3.168  -7.128  1.00 6.26  ? 161 THR A O   1 
ATOM   906  C CB  . THR A 1 120 ? -10.766 -5.123  -6.718  1.00 6.51  ? 161 THR A CB  1 
ATOM   907  O OG1 . THR A 1 120 ? -10.119 -3.863  -6.531  1.00 6.57  ? 161 THR A OG1 1 
ATOM   908  C CG2 . THR A 1 120 ? -9.672  -6.196  -6.736  1.00 6.59  ? 161 THR A CG2 1 
ATOM   909  N N   . ASP A 1 121 ? -13.634 -4.139  -8.911  1.00 7.26  ? 162 ASP A N   1 
ATOM   910  C CA  . ASP A 1 121 ? -14.590 -3.057  -9.111  1.00 7.08  ? 162 ASP A CA  1 
ATOM   911  C C   . ASP A 1 121 ? -15.549 -2.826  -7.940  1.00 7.09  ? 162 ASP A C   1 
ATOM   912  O O   . ASP A 1 121 ? -16.048 -1.718  -7.723  1.00 8.02  ? 162 ASP A O   1 
ATOM   913  C CB  . ASP A 1 121 ? -15.323 -3.218  -10.457 1.00 7.91  ? 162 ASP A CB  1 
ATOM   914  C CG  . ASP A 1 121 ? -16.311 -4.393  -10.509 1.00 9.88  ? 162 ASP A CG  1 
ATOM   915  O OD1 . ASP A 1 121 ? -17.018 -4.474  -11.540 1.00 12.52 ? 162 ASP A OD1 1 
ATOM   916  O OD2 . ASP A 1 121 ? -16.397 -5.201  -9.592  1.00 9.79  ? 162 ASP A OD2 1 
ATOM   917  N N   . TRP A 1 122 ? -15.763 -3.859  -7.135  1.00 6.35  ? 163 TRP A N   1 
ATOM   918  C CA  . TRP A 1 122 ? -16.691 -3.732  -6.008  1.00 7.39  ? 163 TRP A CA  1 
ATOM   919  C C   . TRP A 1 122 ? -16.144 -2.837  -4.896  1.00 7.66  ? 163 TRP A C   1 
ATOM   920  O O   . TRP A 1 122 ? -16.884 -2.451  -3.998  1.00 7.73  ? 163 TRP A O   1 
ATOM   921  C CB  . TRP A 1 122 ? -17.064 -5.110  -5.453  1.00 8.00  ? 163 TRP A CB  1 
ATOM   922  C CG  . TRP A 1 122 ? -15.921 -5.851  -4.766  1.00 7.99  ? 163 TRP A CG  1 
ATOM   923  C CD1 . TRP A 1 122 ? -15.675 -5.890  -3.424  1.00 9.11  ? 163 TRP A CD1 1 
ATOM   924  C CD2 . TRP A 1 122 ? -14.899 -6.667  -5.375  1.00 7.22  ? 163 TRP A CD2 1 
ATOM   925  N NE1 . TRP A 1 122 ? -14.564 -6.641  -3.163  1.00 9.03  ? 163 TRP A NE1 1 
ATOM   926  C CE2 . TRP A 1 122 ? -14.070 -7.142  -4.330  1.00 7.20  ? 163 TRP A CE2 1 
ATOM   927  C CE3 . TRP A 1 122 ? -14.613 -7.054  -6.687  1.00 6.53  ? 163 TRP A CE3 1 
ATOM   928  C CZ2 . TRP A 1 122 ? -12.979 -7.977  -4.560  1.00 8.42  ? 163 TRP A CZ2 1 
ATOM   929  C CZ3 . TRP A 1 122 ? -13.514 -7.884  -6.911  1.00 6.20  ? 163 TRP A CZ3 1 
ATOM   930  C CH2 . TRP A 1 122 ? -12.723 -8.338  -5.852  1.00 6.89  ? 163 TRP A CH2 1 
ATOM   931  N N   . LEU A 1 123 ? -14.854 -2.521  -4.949  1.00 7.02  ? 164 LEU A N   1 
ATOM   932  C CA  . LEU A 1 123 ? -14.281 -1.582  -4.000  1.00 6.73  ? 164 LEU A CA  1 
ATOM   933  C C   . LEU A 1 123 ? -14.397 -0.119  -4.439  1.00 6.20  ? 164 LEU A C   1 
ATOM   934  O O   . LEU A 1 123 ? -14.101 0.787   -3.653  1.00 6.03  ? 164 LEU A O   1 
ATOM   935  C CB  . LEU A 1 123 ? -12.805 -1.929  -3.744  1.00 7.26  ? 164 LEU A CB  1 
ATOM   936  C CG  . LEU A 1 123 ? -12.586 -3.359  -3.238  1.00 7.35  ? 164 LEU A CG  1 
ATOM   937  C CD1 . LEU A 1 123 ? -11.107 -3.664  -3.025  1.00 7.44  ? 164 LEU A CD1 1 
ATOM   938  C CD2 . LEU A 1 123 ? -13.327 -3.587  -1.955  1.00 8.44  ? 164 LEU A CD2 1 
ATOM   939  N N   . ASP A 1 124 ? -14.824 0.115   -5.671  1.00 6.35  ? 165 ASP A N   1 
ATOM   940  C CA  . ASP A 1 124 ? -15.054 1.468   -6.129  1.00 6.22  ? 165 ASP A CA  1 
ATOM   941  C C   . ASP A 1 124 ? -16.123 2.144   -5.264  1.00 6.67  ? 165 ASP A C   1 
ATOM   942  O O   . ASP A 1 124 ? -17.187 1.564   -4.991  1.00 6.89  ? 165 ASP A O   1 
ATOM   943  C CB  . ASP A 1 124 ? -15.516 1.477   -7.592  1.00 6.42  ? 165 ASP A CB  1 
ATOM   944  C CG  . ASP A 1 124 ? -14.432 1.057   -8.565  1.00 7.23  ? 165 ASP A CG  1 
ATOM   945  O OD1 . ASP A 1 124 ? -13.255 0.945   -8.163  1.00 7.03  ? 165 ASP A OD1 1 
ATOM   946  O OD2 . ASP A 1 124 ? -14.776 0.840   -9.759  1.00 7.35  ? 165 ASP A OD2 1 
ATOM   947  N N   . GLY A 1 125 ? -15.844 3.346   -4.808  1.00 5.86  ? 166 GLY A N   1 
ATOM   948  C CA  . GLY A 1 125 ? -16.766 4.053   -3.937  1.00 5.94  ? 166 GLY A CA  1 
ATOM   949  C C   . GLY A 1 125 ? -16.628 3.712   -2.460  1.00 6.61  ? 166 GLY A C   1 
ATOM   950  O O   . GLY A 1 125 ? -17.305 4.316   -1.617  1.00 7.31  ? 166 GLY A O   1 
ATOM   951  N N   . LYS A 1 126 ? -15.763 2.741   -2.145  1.00 5.51  ? 167 LYS A N   1 
ATOM   952  C CA  . LYS A 1 126 ? -15.543 2.300   -0.772  1.00 6.62  ? 167 LYS A CA  1 
ATOM   953  C C   . LYS A 1 126 ? -14.110 2.514   -0.300  1.00 6.08  ? 167 LYS A C   1 
ATOM   954  O O   . LYS A 1 126 ? -13.898 2.822   0.869   1.00 6.08  ? 167 LYS A O   1 
ATOM   955  C CB  . LYS A 1 126 ? -15.970 0.832   -0.585  1.00 7.46  ? 167 LYS A CB  1 
ATOM   956  C CG  . LYS A 1 126 ? -17.475 0.672   -0.681  0.80 9.44  ? 167 LYS A CG  1 
ATOM   957  C CD  . LYS A 1 126 ? -17.876 -0.768  -0.524  0.80 11.72 ? 167 LYS A CD  1 
ATOM   958  C CE  . LYS A 1 126 ? -19.411 -0.961  -0.511  0.50 13.00 ? 167 LYS A CE  1 
ATOM   959  N NZ  . LYS A 1 126 ? -20.046 -0.499  -1.771  0.50 15.10 ? 167 LYS A NZ  1 
ATOM   960  N N   . HIS A 1 127 ? -13.134 2.351   -1.206  1.00 5.47  ? 168 HIS A N   1 
ATOM   961  C CA  . HIS A 1 127 ? -11.716 2.561   -0.914  1.00 4.98  ? 168 HIS A CA  1 
ATOM   962  C C   . HIS A 1 127 ? -11.148 3.625   -1.823  1.00 5.49  ? 168 HIS A C   1 
ATOM   963  O O   . HIS A 1 127 ? -11.480 3.671   -3.022  1.00 5.36  ? 168 HIS A O   1 
ATOM   964  C CB  . HIS A 1 127 ? -10.940 1.238   -1.065  1.00 5.03  ? 168 HIS A CB  1 
ATOM   965  C CG  . HIS A 1 127 ? -11.385 0.208   -0.090  1.00 5.86  ? 168 HIS A CG  1 
ATOM   966  N ND1 . HIS A 1 127 ? -10.733 -0.021  1.098   1.00 4.71  ? 168 HIS A ND1 1 
ATOM   967  C CD2 . HIS A 1 127 ? -12.481 -0.588  -0.085  1.00 6.52  ? 168 HIS A CD2 1 
ATOM   968  C CE1 . HIS A 1 127 ? -11.394 -0.945  1.781   1.00 5.65  ? 168 HIS A CE1 1 
ATOM   969  N NE2 . HIS A 1 127 ? -12.476 -1.275  1.102   1.00 7.29  ? 168 HIS A NE2 1 
ATOM   970  N N   . VAL A 1 128 ? -10.305 4.486   -1.261  1.00 4.88  ? 169 VAL A N   1 
ATOM   971  C CA  . VAL A 1 128 ? -9.717  5.610   -1.979  1.00 4.82  ? 169 VAL A CA  1 
ATOM   972  C C   . VAL A 1 128 ? -8.479  5.118   -2.723  1.00 5.01  ? 169 VAL A C   1 
ATOM   973  O O   . VAL A 1 128 ? -7.461  4.768   -2.129  1.00 4.08  ? 169 VAL A O   1 
ATOM   974  C CB  . VAL A 1 128 ? -9.363  6.780   -1.028  1.00 4.26  ? 169 VAL A CB  1 
ATOM   975  C CG1 . VAL A 1 128 ? -8.676  7.910   -1.818  1.00 6.22  ? 169 VAL A CG1 1 
ATOM   976  C CG2 . VAL A 1 128 ? -10.632 7.281   -0.323  1.00 6.68  ? 169 VAL A CG2 1 
ATOM   977  N N   . VAL A 1 129 ? -8.594  5.110   -4.051  1.00 4.29  ? 170 VAL A N   1 
ATOM   978  C CA  . VAL A 1 129 ? -7.464  4.822   -4.931  1.00 4.61  ? 170 VAL A CA  1 
ATOM   979  C C   . VAL A 1 129 ? -6.596  6.074   -5.036  1.00 4.44  ? 170 VAL A C   1 
ATOM   980  O O   . VAL A 1 129 ? -7.097  7.159   -5.196  1.00 4.94  ? 170 VAL A O   1 
ATOM   981  C CB  . VAL A 1 129 ? -7.939  4.417   -6.316  1.00 4.81  ? 170 VAL A CB  1 
ATOM   982  C CG1 . VAL A 1 129 ? -6.773  4.237   -7.280  1.00 5.60  ? 170 VAL A CG1 1 
ATOM   983  C CG2 . VAL A 1 129 ? -8.783  3.141   -6.193  1.00 5.56  ? 170 VAL A CG2 1 
ATOM   984  N N   . PHE A 1 130 ? -5.283  5.910   -4.887  1.00 4.66  ? 171 PHE A N   1 
ATOM   985  C CA  . PHE A 1 130 ? -4.409  7.054   -4.867  1.00 5.25  ? 171 PHE A CA  1 
ATOM   986  C C   . PHE A 1 130 ? -3.081  6.865   -5.623  1.00 5.49  ? 171 PHE A C   1 
ATOM   987  O O   . PHE A 1 130 ? -2.245  7.746   -5.595  1.00 5.88  ? 171 PHE A O   1 
ATOM   988  C CB  . PHE A 1 130 ? -4.171  7.492   -3.413  1.00 5.18  ? 171 PHE A CB  1 
ATOM   989  C CG  . PHE A 1 130 ? -3.377  6.512   -2.596  1.00 4.67  ? 171 PHE A CG  1 
ATOM   990  C CD1 . PHE A 1 130 ? -3.989  5.421   -1.969  1.00 4.88  ? 171 PHE A CD1 1 
ATOM   991  C CD2 . PHE A 1 130 ? -2.029  6.715   -2.402  1.00 5.06  ? 171 PHE A CD2 1 
ATOM   992  C CE1 . PHE A 1 130 ? -3.222  4.525   -1.222  1.00 4.28  ? 171 PHE A CE1 1 
ATOM   993  C CE2 . PHE A 1 130 ? -1.270  5.829   -1.679  1.00 5.17  ? 171 PHE A CE2 1 
ATOM   994  C CZ  . PHE A 1 130 ? -1.865  4.741   -1.090  1.00 4.59  ? 171 PHE A CZ  1 
ATOM   995  N N   . GLY A 1 131 ? -2.900  5.760   -6.328  1.00 5.87  ? 172 GLY A N   1 
ATOM   996  C CA  . GLY A 1 131 ? -1.673  5.566   -7.088  1.00 6.18  ? 172 GLY A CA  1 
ATOM   997  C C   . GLY A 1 131 ? -1.684  4.268   -7.866  1.00 5.80  ? 172 GLY A C   1 
ATOM   998  O O   . GLY A 1 131 ? -2.715  3.580   -7.955  1.00 5.43  ? 172 GLY A O   1 
ATOM   999  N N   . HIS A 1 132 ? -0.534  3.933   -8.426  1.00 5.03  ? 173 HIS A N   1 
ATOM   1000 C CA  . HIS A 1 132 ? -0.390  2.748   -9.253  1.00 5.26  ? 173 HIS A CA  1 
ATOM   1001 C C   . HIS A 1 132 ? 1.070   2.345   -9.353  1.00 5.34  ? 173 HIS A C   1 
ATOM   1002 O O   . HIS A 1 132 ? 1.972   3.172   -9.203  1.00 5.84  ? 173 HIS A O   1 
ATOM   1003 C CB  A HIS A 1 132 ? -0.885  3.104   -10.663 0.60 5.35  ? 173 HIS A CB  1 
ATOM   1004 C CB  B HIS A 1 132 ? -1.110  2.823   -10.615 0.40 5.77  ? 173 HIS A CB  1 
ATOM   1005 C CG  A HIS A 1 132 ? -1.423  1.948   -11.431 0.60 4.40  ? 173 HIS A CG  1 
ATOM   1006 C CG  B HIS A 1 132 ? -0.373  3.552   -11.691 0.40 6.86  ? 173 HIS A CG  1 
ATOM   1007 N ND1 A HIS A 1 132 ? -2.758  1.610   -11.420 0.60 4.04  ? 173 HIS A ND1 1 
ATOM   1008 N ND1 B HIS A 1 132 ? -0.474  4.914   -11.864 0.40 8.60  ? 173 HIS A ND1 1 
ATOM   1009 C CD2 A HIS A 1 132 ? -0.808  1.047   -12.230 0.60 4.72  ? 173 HIS A CD2 1 
ATOM   1010 C CD2 B HIS A 1 132 ? 0.420   3.101   -12.691 0.40 7.58  ? 173 HIS A CD2 1 
ATOM   1011 C CE1 A HIS A 1 132 ? -2.937  0.539   -12.172 0.60 3.93  ? 173 HIS A CE1 1 
ATOM   1012 C CE1 B HIS A 1 132 ? 0.258   5.279   -12.901 0.40 9.21  ? 173 HIS A CE1 1 
ATOM   1013 N NE2 A HIS A 1 132 ? -1.773  0.174   -12.675 0.60 5.08  ? 173 HIS A NE2 1 
ATOM   1014 N NE2 B HIS A 1 132 ? 0.780   4.192   -13.446 0.40 4.78  ? 173 HIS A NE2 1 
ATOM   1015 N N   . VAL A 1 133 ? 1.275   1.056   -9.598  1.00 5.20  ? 174 VAL A N   1 
ATOM   1016 C CA  . VAL A 1 133 ? 2.606   0.514   -9.776  1.00 5.58  ? 174 VAL A CA  1 
ATOM   1017 C C   . VAL A 1 133 ? 3.181   0.953   -11.122 1.00 5.59  ? 174 VAL A C   1 
ATOM   1018 O O   . VAL A 1 133 ? 2.614   0.663   -12.182 1.00 6.59  ? 174 VAL A O   1 
ATOM   1019 C CB  . VAL A 1 133 ? 2.577   -1.026  -9.706  1.00 5.38  ? 174 VAL A CB  1 
ATOM   1020 C CG1 . VAL A 1 133 ? 3.938   -1.622  -10.062 1.00 7.02  ? 174 VAL A CG1 1 
ATOM   1021 C CG2 . VAL A 1 133 ? 2.129   -1.479  -8.311  1.00 6.44  ? 174 VAL A CG2 1 
ATOM   1022 N N   . ILE A 1 134 ? 4.321   1.632   -11.065 1.00 6.12  ? 175 ILE A N   1 
ATOM   1023 C CA  . ILE A 1 134 ? 5.097   2.079   -12.231 1.00 6.70  ? 175 ILE A CA  1 
ATOM   1024 C C   . ILE A 1 134 ? 6.081   1.004   -12.674 1.00 5.95  ? 175 ILE A C   1 
ATOM   1025 O O   . ILE A 1 134 ? 6.276   0.792   -13.881 1.00 6.39  ? 175 ILE A O   1 
ATOM   1026 C CB  . ILE A 1 134 ? 5.941   3.351   -11.881 1.00 7.18  ? 175 ILE A CB  1 
ATOM   1027 C CG1 . ILE A 1 134 ? 5.028   4.546   -11.617 1.00 8.48  ? 175 ILE A CG1 1 
ATOM   1028 C CG2 . ILE A 1 134 ? 6.993   3.647   -12.972 1.00 8.36  ? 175 ILE A CG2 1 
ATOM   1029 C CD1 . ILE A 1 134 ? 4.349   5.108   -12.850 1.00 9.68  ? 175 ILE A CD1 1 
ATOM   1030 N N   . GLU A 1 135 ? 6.696   0.321   -11.703 1.00 6.22  ? 176 GLU A N   1 
ATOM   1031 C CA  . GLU A 1 135 ? 7.704   -0.705  -11.923 1.00 6.55  ? 176 GLU A CA  1 
ATOM   1032 C C   . GLU A 1 135 ? 7.628   -1.708  -10.784 1.00 6.00  ? 176 GLU A C   1 
ATOM   1033 O O   . GLU A 1 135 ? 7.313   -1.329  -9.659  1.00 5.26  ? 176 GLU A O   1 
ATOM   1034 C CB  . GLU A 1 135 ? 9.087   -0.067  -11.869 0.80 7.22  ? 176 GLU A CB  1 
ATOM   1035 C CG  . GLU A 1 135 ? 10.254  -0.907  -12.196 0.80 8.81  ? 176 GLU A CG  1 
ATOM   1036 C CD  . GLU A 1 135 ? 11.550  -0.200  -11.827 1.00 9.64  ? 176 GLU A CD  1 
ATOM   1037 O OE1 . GLU A 1 135 ? 11.833  0.892   -12.390 1.00 7.81  ? 176 GLU A OE1 1 
ATOM   1038 O OE2 . GLU A 1 135 ? 12.306  -0.774  -11.013 1.00 9.30  ? 176 GLU A OE2 1 
ATOM   1039 N N   . GLY A 1 136 ? 7.920   -2.974  -11.065 1.00 6.00  ? 177 GLY A N   1 
ATOM   1040 C CA  . GLY A 1 136 ? 7.988   -3.944  -10.009 1.00 5.24  ? 177 GLY A CA  1 
ATOM   1041 C C   . GLY A 1 136 ? 6.771   -4.841  -9.891  1.00 5.78  ? 177 GLY A C   1 
ATOM   1042 O O   . GLY A 1 136 ? 6.567   -5.457  -8.846  1.00 5.79  ? 177 GLY A O   1 
ATOM   1043 N N   . MET A 1 137 ? 5.915   -4.931  -10.911 1.00 6.06  ? 178 MET A N   1 
ATOM   1044 C CA  A MET A 1 137 ? 4.806   -5.888  -10.825 0.50 7.05  ? 178 MET A CA  1 
ATOM   1045 C CA  B MET A 1 137 ? 4.807   -5.871  -10.778 0.50 6.57  ? 178 MET A CA  1 
ATOM   1046 C C   . MET A 1 137 ? 5.337   -7.308  -10.598 1.00 6.87  ? 178 MET A C   1 
ATOM   1047 O O   . MET A 1 137 ? 4.665   -8.146  -9.980  1.00 7.00  ? 178 MET A O   1 
ATOM   1048 C CB  A MET A 1 137 ? 3.926   -5.857  -12.071 0.50 7.94  ? 178 MET A CB  1 
ATOM   1049 C CB  B MET A 1 137 ? 3.812   -5.746  -11.927 0.50 7.07  ? 178 MET A CB  1 
ATOM   1050 C CG  A MET A 1 137 ? 2.547   -6.472  -11.839 0.50 10.05 ? 178 MET A CG  1 
ATOM   1051 C CG  B MET A 1 137 ? 2.793   -4.616  -11.721 0.50 7.32  ? 178 MET A CG  1 
ATOM   1052 S SD  A MET A 1 137 ? 1.600   -5.529  -10.620 0.50 14.84 ? 178 MET A SD  1 
ATOM   1053 S SD  B MET A 1 137 ? 1.761   -4.835  -10.260 0.50 7.46  ? 178 MET A SD  1 
ATOM   1054 C CE  A MET A 1 137 ? 0.333   -6.674  -10.102 0.50 7.63  ? 178 MET A CE  1 
ATOM   1055 C CE  B MET A 1 137 ? 1.284   -6.518  -10.680 0.50 6.73  ? 178 MET A CE  1 
ATOM   1056 N N   . ASP A 1 138 ? 6.549   -7.588  -11.086 1.00 7.21  ? 179 ASP A N   1 
ATOM   1057 C CA  . ASP A 1 138 ? 7.150   -8.904  -10.831 1.00 7.59  ? 179 ASP A CA  1 
ATOM   1058 C C   . ASP A 1 138 ? 7.268   -9.168  -9.341  1.00 6.49  ? 179 ASP A C   1 
ATOM   1059 O O   . ASP A 1 138 ? 7.030   -10.269 -8.882  1.00 7.61  ? 179 ASP A O   1 
ATOM   1060 C CB  . ASP A 1 138 ? 8.513   -9.115  -11.520 1.00 7.63  ? 179 ASP A CB  1 
ATOM   1061 C CG  . ASP A 1 138 ? 9.602   -8.154  -11.053 1.00 9.70  ? 179 ASP A CG  1 
ATOM   1062 O OD1 . ASP A 1 138 ? 9.327   -6.932  -10.937 1.00 9.72  ? 179 ASP A OD1 1 
ATOM   1063 O OD2 . ASP A 1 138 ? 10.759  -8.633  -10.836 1.00 8.94  ? 179 ASP A OD2 1 
ATOM   1064 N N   . VAL A 1 139 ? 7.653   -8.142  -8.592  1.00 6.18  ? 180 VAL A N   1 
ATOM   1065 C CA  . VAL A 1 139 ? 7.794   -8.277  -7.141  1.00 6.43  ? 180 VAL A CA  1 
ATOM   1066 C C   . VAL A 1 139 ? 6.424   -8.445  -6.476  1.00 6.13  ? 180 VAL A C   1 
ATOM   1067 O O   . VAL A 1 139 ? 6.265   -9.243  -5.563  1.00 6.61  ? 180 VAL A O   1 
ATOM   1068 C CB  . VAL A 1 139 ? 8.508   -7.035  -6.565  1.00 6.51  ? 180 VAL A CB  1 
ATOM   1069 C CG1 . VAL A 1 139 ? 8.557   -7.105  -5.035  1.00 7.00  ? 180 VAL A CG1 1 
ATOM   1070 C CG2 . VAL A 1 139 ? 9.905   -6.836  -7.220  1.00 6.78  ? 180 VAL A CG2 1 
ATOM   1071 N N   . VAL A 1 140 ? 5.447   -7.658  -6.938  1.00 6.62  ? 181 VAL A N   1 
ATOM   1072 C CA  . VAL A 1 140 ? 4.071   -7.814  -6.469  1.00 5.78  ? 181 VAL A CA  1 
ATOM   1073 C C   . VAL A 1 140 ? 3.563   -9.244  -6.704  1.00 6.03  ? 181 VAL A C   1 
ATOM   1074 O O   . VAL A 1 140 ? 2.910   -9.808  -5.822  1.00 6.69  ? 181 VAL A O   1 
ATOM   1075 C CB  . VAL A 1 140 ? 3.156   -6.752  -7.104  1.00 5.96  ? 181 VAL A CB  1 
ATOM   1076 C CG1 . VAL A 1 140 ? 1.705   -6.890  -6.627  1.00 6.24  ? 181 VAL A CG1 1 
ATOM   1077 C CG2 . VAL A 1 140 ? 3.673   -5.352  -6.746  1.00 5.86  ? 181 VAL A CG2 1 
ATOM   1078 N N   . LYS A 1 141 ? 3.857   -9.825  -7.865  1.00 6.73  ? 182 LYS A N   1 
ATOM   1079 C CA  . LYS A 1 141 ? 3.405   -11.184 -8.145  1.00 6.45  ? 182 LYS A CA  1 
ATOM   1080 C C   . LYS A 1 141 ? 4.095   -12.201 -7.225  1.00 5.67  ? 182 LYS A C   1 
ATOM   1081 O O   . LYS A 1 141 ? 3.496   -13.218 -6.832  1.00 5.56  ? 182 LYS A O   1 
ATOM   1082 C CB  . LYS A 1 141 ? 3.556   -11.556 -9.636  1.00 7.00  ? 182 LYS A CB  1 
ATOM   1083 C CG  . LYS A 1 141 ? 2.782   -10.684 -10.623 1.00 8.44  ? 182 LYS A CG  1 
ATOM   1084 C CD  . LYS A 1 141 ? 1.287   -10.845 -10.488 1.00 8.59  ? 182 LYS A CD  1 
ATOM   1085 C CE  . LYS A 1 141 ? 0.762   -12.123 -11.122 1.00 8.26  ? 182 LYS A CE  1 
ATOM   1086 N NZ  . LYS A 1 141 ? -0.703  -12.244 -10.900 1.00 7.65  ? 182 LYS A NZ  1 
ATOM   1087 N N   . LYS A 1 142 ? 5.354   -11.935 -6.875  1.00 6.45  ? 183 LYS A N   1 
ATOM   1088 C CA  . LYS A 1 142 ? 6.031   -12.802 -5.921  1.00 6.05  ? 183 LYS A CA  1 
ATOM   1089 C C   . LYS A 1 142 ? 5.325   -12.704 -4.580  1.00 6.23  ? 183 LYS A C   1 
ATOM   1090 O O   . LYS A 1 142 ? 5.005   -13.707 -3.964  1.00 6.53  ? 183 LYS A O   1 
ATOM   1091 C CB  . LYS A 1 142 ? 7.515   -12.447 -5.764  1.00 6.33  ? 183 LYS A CB  1 
ATOM   1092 C CG  . LYS A 1 142 ? 8.400   -12.848 -6.932  1.00 7.41  ? 183 LYS A CG  1 
ATOM   1093 C CD  . LYS A 1 142 ? 8.501   -14.370 -7.143  0.60 8.61  ? 183 LYS A CD  1 
ATOM   1094 C CE  . LYS A 1 142 ? 9.242   -15.089 -6.033  0.60 10.09 ? 183 LYS A CE  1 
ATOM   1095 N NZ  . LYS A 1 142 ? 9.385   -16.564 -6.334  0.60 10.23 ? 183 LYS A NZ  1 
ATOM   1096 N N   . ILE A 1 143 ? 5.079   -11.469 -4.129  1.00 6.53  ? 184 ILE A N   1 
ATOM   1097 C CA  . ILE A 1 143 ? 4.403   -11.301 -2.851  1.00 6.65  ? 184 ILE A CA  1 
ATOM   1098 C C   . ILE A 1 143 ? 3.066   -12.050 -2.854  1.00 5.78  ? 184 ILE A C   1 
ATOM   1099 O O   . ILE A 1 143 ? 2.759   -12.816 -1.928  1.00 6.35  ? 184 ILE A O   1 
ATOM   1100 C CB  . ILE A 1 143 ? 4.177   -9.814  -2.521  1.00 6.83  ? 184 ILE A CB  1 
ATOM   1101 C CG1 . ILE A 1 143 ? 5.506   -9.081  -2.337  1.00 6.87  ? 184 ILE A CG1 1 
ATOM   1102 C CG2 . ILE A 1 143 ? 3.247   -9.688  -1.291  1.00 6.62  ? 184 ILE A CG2 1 
ATOM   1103 C CD1 . ILE A 1 143 ? 5.337   -7.529  -2.312  1.00 8.55  ? 184 ILE A CD1 1 
ATOM   1104 N N   . GLU A 1 144 ? 2.296   -11.841 -3.915  1.00 5.62  ? 185 GLU A N   1 
ATOM   1105 C CA  . GLU A 1 144 ? 0.992   -12.498 -4.093  1.00 5.88  ? 185 GLU A CA  1 
ATOM   1106 C C   . GLU A 1 144 ? 1.084   -14.008 -3.956  1.00 6.63  ? 185 GLU A C   1 
ATOM   1107 O O   . GLU A 1 144 ? 0.225   -14.646 -3.319  1.00 6.65  ? 185 GLU A O   1 
ATOM   1108 C CB  . GLU A 1 144 ? 0.428   -12.133 -5.479  1.00 5.61  ? 185 GLU A CB  1 
ATOM   1109 C CG  . GLU A 1 144 ? -0.992  -12.600 -5.736  1.00 5.62  ? 185 GLU A CG  1 
ATOM   1110 C CD  . GLU A 1 144 ? -1.415  -12.469 -7.186  1.00 6.88  ? 185 GLU A CD  1 
ATOM   1111 O OE1 . GLU A 1 144 ? -0.508  -12.406 -8.082  1.00 6.68  ? 185 GLU A OE1 1 
ATOM   1112 O OE2 . GLU A 1 144 ? -2.667  -12.413 -7.403  1.00 6.73  ? 185 GLU A OE2 1 
ATOM   1113 N N   . SER A 1 145 ? 2.134   -14.581 -4.540  1.00 6.71  ? 186 SER A N   1 
ATOM   1114 C CA  . SER A 1 145 ? 2.336   -16.034 -4.523  1.00 7.55  ? 186 SER A CA  1 
ATOM   1115 C C   . SER A 1 145 ? 2.587   -16.589 -3.119  1.00 7.89  ? 186 SER A C   1 
ATOM   1116 O O   . SER A 1 145 ? 2.473   -17.802 -2.902  1.00 8.62  ? 186 SER A O   1 
ATOM   1117 C CB  . SER A 1 145 ? 3.475   -16.432 -5.474  1.00 7.33  ? 186 SER A CB  1 
ATOM   1118 O OG  . SER A 1 145 ? 4.743   -16.219 -4.899  1.00 8.53  ? 186 SER A OG  1 
ATOM   1119 N N   . PHE A 1 146 ? 2.921   -15.711 -2.173  1.00 7.76  ? 187 PHE A N   1 
ATOM   1120 C CA  . PHE A 1 146 ? 3.110   -16.122 -0.774  1.00 8.03  ? 187 PHE A CA  1 
ATOM   1121 C C   . PHE A 1 146 ? 1.889   -15.864 0.109   1.00 8.52  ? 187 PHE A C   1 
ATOM   1122 O O   . PHE A 1 146 ? 1.956   -16.027 1.324   1.00 8.62  ? 187 PHE A O   1 
ATOM   1123 C CB  . PHE A 1 146 ? 4.377   -15.470 -0.169  1.00 8.60  ? 187 PHE A CB  1 
ATOM   1124 C CG  . PHE A 1 146 ? 5.609   -15.666 -1.003  1.00 10.73 ? 187 PHE A CG  1 
ATOM   1125 C CD1 . PHE A 1 146 ? 5.919   -16.904 -1.524  1.00 12.59 ? 187 PHE A CD1 1 
ATOM   1126 C CD2 . PHE A 1 146 ? 6.437   -14.591 -1.299  1.00 10.72 ? 187 PHE A CD2 1 
ATOM   1127 C CE1 . PHE A 1 146 ? 7.047   -17.077 -2.320  1.00 13.42 ? 187 PHE A CE1 1 
ATOM   1128 C CE2 . PHE A 1 146 ? 7.572   -14.769 -2.102  1.00 11.24 ? 187 PHE A CE2 1 
ATOM   1129 C CZ  . PHE A 1 146 ? 7.852   -16.013 -2.607  1.00 12.11 ? 187 PHE A CZ  1 
ATOM   1130 N N   . GLY A 1 147 ? 0.749   -15.554 -0.500  1.00 8.01  ? 188 GLY A N   1 
ATOM   1131 C CA  . GLY A 1 147 ? -0.481  -15.444 0.252   1.00 7.31  ? 188 GLY A CA  1 
ATOM   1132 C C   . GLY A 1 147 ? -1.303  -16.717 0.264   1.00 8.30  ? 188 GLY A C   1 
ATOM   1133 O O   . GLY A 1 147 ? -0.826  -17.760 -0.141  1.00 8.86  ? 188 GLY A O   1 
ATOM   1134 N N   . SER A 1 148 ? -2.538  -16.603 0.729   1.00 7.87  ? 189 SER A N   1 
ATOM   1135 C CA  . SER A 1 148 ? -3.452  -17.740 0.823   1.00 8.47  ? 189 SER A CA  1 
ATOM   1136 C C   . SER A 1 148 ? -4.880  -17.208 0.826   1.00 9.33  ? 189 SER A C   1 
ATOM   1137 O O   . SER A 1 148 ? -5.089  -16.009 0.960   1.00 7.79  ? 189 SER A O   1 
ATOM   1138 C CB  . SER A 1 148 ? -3.184  -18.542 2.102   1.00 9.46  ? 189 SER A CB  1 
ATOM   1139 O OG  . SER A 1 148 ? -3.462  -17.785 3.242   1.00 9.40  ? 189 SER A OG  1 
ATOM   1140 N N   . LYS A 1 149 ? -5.867  -18.102 0.683   1.00 8.95  ? 190 LYS A N   1 
ATOM   1141 C CA  . LYS A 1 149 ? -7.265  -17.690 0.715   1.00 9.97  ? 190 LYS A CA  1 
ATOM   1142 C C   . LYS A 1 149 ? -7.641  -16.941 1.989   1.00 9.53  ? 190 LYS A C   1 
ATOM   1143 O O   . LYS A 1 149 ? -8.434  -15.987 1.947   1.00 10.41 ? 190 LYS A O   1 
ATOM   1144 C CB  . LYS A 1 149 ? -8.183  -18.907 0.539   0.80 10.32 ? 190 LYS A CB  1 
ATOM   1145 C CG  . LYS A 1 149 ? -8.181  -19.415 -0.878  0.60 10.07 ? 190 LYS A CG  1 
ATOM   1146 C CD  . LYS A 1 149 ? -9.167  -20.570 -1.056  0.60 12.23 ? 190 LYS A CD  1 
ATOM   1147 C CE  . LYS A 1 149 ? -8.578  -21.861 -0.547  0.60 13.07 ? 190 LYS A CE  1 
ATOM   1148 N NZ  . LYS A 1 149 ? -9.537  -22.990 -0.661  0.60 14.55 ? 190 LYS A NZ  1 
ATOM   1149 N N   . SER A 1 150 ? -7.045  -17.342 3.116   1.00 9.71  ? 191 SER A N   1 
ATOM   1150 C CA  . SER A 1 150 ? -7.323  -16.702 4.390   1.00 9.99  ? 191 SER A CA  1 
ATOM   1151 C C   . SER A 1 150 ? -6.619  -15.376 4.578   1.00 10.08 ? 191 SER A C   1 
ATOM   1152 O O   . SER A 1 150 ? -6.933  -14.668 5.524   1.00 11.43 ? 191 SER A O   1 
ATOM   1153 C CB  . SER A 1 150 ? -6.891  -17.598 5.548   1.00 10.83 ? 191 SER A CB  1 
ATOM   1154 O OG  . SER A 1 150 ? -5.484  -17.602 5.686   1.00 12.05 ? 191 SER A OG  1 
ATOM   1155 N N   . GLY A 1 151 ? -5.678  -15.034 3.691   1.00 8.83  ? 192 GLY A N   1 
ATOM   1156 C CA  . GLY A 1 151 ? -4.861  -13.838 3.869   1.00 8.20  ? 192 GLY A CA  1 
ATOM   1157 C C   . GLY A 1 151 ? -3.520  -14.125 4.541   1.00 7.86  ? 192 GLY A C   1 
ATOM   1158 O O   . GLY A 1 151 ? -2.585  -13.327 4.427   1.00 6.87  ? 192 GLY A O   1 
ATOM   1159 N N   . ARG A 1 152 ? -3.410  -15.239 5.269   1.00 8.37  ? 193 ARG A N   1 
ATOM   1160 C CA  . ARG A 1 152 ? -2.157  -15.571 5.960   1.00 8.40  ? 193 ARG A CA  1 
ATOM   1161 C C   . ARG A 1 152 ? -1.040  -15.758 4.947   1.00 8.84  ? 193 ARG A C   1 
ATOM   1162 O O   . ARG A 1 152 ? -1.211  -16.464 3.958   1.00 9.21  ? 193 ARG A O   1 
ATOM   1163 C CB  . ARG A 1 152 ? -2.334  -16.844 6.837   0.90 9.40  ? 193 ARG A CB  1 
ATOM   1164 C CG  . ARG A 1 152 ? -1.068  -17.361 7.511   0.70 9.36  ? 193 ARG A CG  1 
ATOM   1165 C CD  . ARG A 1 152 ? -0.538  -16.377 8.537   0.50 10.75 ? 193 ARG A CD  1 
ATOM   1166 N NE  . ARG A 1 152 ? 0.920   -16.452 8.663   0.50 11.05 ? 193 ARG A NE  1 
ATOM   1167 C CZ  . ARG A 1 152 ? 1.544   -16.964 9.717   0.50 13.12 ? 193 ARG A CZ  1 
ATOM   1168 N NH1 . ARG A 1 152 ? 0.835   -17.434 10.729  0.50 12.85 ? 193 ARG A NH1 1 
ATOM   1169 N NH2 . ARG A 1 152 ? 2.869   -16.989 9.764   0.50 12.98 ? 193 ARG A NH2 1 
ATOM   1170 N N   . THR A 1 153 ? 0.111   -15.139 5.220   1.00 8.49  ? 194 THR A N   1 
ATOM   1171 C CA  . THR A 1 153 ? 1.273   -15.304 4.377   1.00 8.62  ? 194 THR A CA  1 
ATOM   1172 C C   . THR A 1 153 ? 2.104   -16.507 4.785   1.00 8.41  ? 194 THR A C   1 
ATOM   1173 O O   . THR A 1 153 ? 2.189   -16.855 5.958   1.00 8.24  ? 194 THR A O   1 
ATOM   1174 C CB  . THR A 1 153 ? 2.166   -14.036 4.381   1.00 8.92  ? 194 THR A CB  1 
ATOM   1175 O OG1 . THR A 1 153 ? 2.624   -13.738 5.701   1.00 8.50  ? 194 THR A OG1 1 
ATOM   1176 C CG2 . THR A 1 153 ? 1.400   -12.859 3.800   1.00 8.74  ? 194 THR A CG2 1 
ATOM   1177 N N   . SER A 1 154 ? 2.735   -17.127 3.797   1.00 7.74  ? 195 SER A N   1 
ATOM   1178 C CA  . SER A 1 154 ? 3.551   -18.338 4.009   1.00 8.61  ? 195 SER A CA  1 
ATOM   1179 C C   . SER A 1 154 ? 5.041   -18.026 4.045   1.00 8.63  ? 195 SER A C   1 
ATOM   1180 O O   . SER A 1 154 ? 5.858   -18.921 4.266   1.00 9.94  ? 195 SER A O   1 
ATOM   1181 C CB  . SER A 1 154 ? 3.292   -19.342 2.906   1.00 9.34  ? 195 SER A CB  1 
ATOM   1182 O OG  . SER A 1 154 ? 3.675   -18.849 1.629   1.00 9.44  ? 195 SER A OG  1 
ATOM   1183 N N   . LYS A 1 155 ? 5.389   -16.762 3.789   1.00 8.39  ? 196 LYS A N   1 
ATOM   1184 C CA  . LYS A 1 155 ? 6.726   -16.213 4.039   1.00 8.44  ? 196 LYS A CA  1 
ATOM   1185 C C   . LYS A 1 155 ? 6.562   -14.880 4.766   1.00 8.69  ? 196 LYS A C   1 
ATOM   1186 O O   . LYS A 1 155 ? 5.521   -14.235 4.668   1.00 8.65  ? 196 LYS A O   1 
ATOM   1187 C CB  . LYS A 1 155 ? 7.518   -15.981 2.751   1.00 7.87  ? 196 LYS A CB  1 
ATOM   1188 C CG  . LYS A 1 155 ? 7.817   -17.244 1.956   1.00 9.08  ? 196 LYS A CG  1 
ATOM   1189 C CD  . LYS A 1 155 ? 8.901   -17.018 0.922   1.00 10.64 ? 196 LYS A CD  1 
ATOM   1190 C CE  . LYS A 1 155 ? 9.221   -18.296 0.155   1.00 12.42 ? 196 LYS A CE  1 
ATOM   1191 N NZ  . LYS A 1 155 ? 10.492  -18.170 -0.601  1.00 12.76 ? 196 LYS A NZ  1 
ATOM   1192 N N   . LYS A 1 156 ? 7.577   -14.460 5.507   1.00 7.96  ? 197 LYS A N   1 
ATOM   1193 C CA  . LYS A 1 156 ? 7.536   -13.184 6.155   1.00 8.97  ? 197 LYS A CA  1 
ATOM   1194 C C   . LYS A 1 156 ? 7.947   -12.125 5.152   1.00 7.70  ? 197 LYS A C   1 
ATOM   1195 O O   . LYS A 1 156 ? 9.100   -12.096 4.689   1.00 8.02  ? 197 LYS A O   1 
ATOM   1196 C CB  . LYS A 1 156 ? 8.470   -13.117 7.360   1.00 9.24  ? 197 LYS A CB  1 
ATOM   1197 C CG  . LYS A 1 156 ? 8.235   -11.796 8.134   0.90 11.76 ? 197 LYS A CG  1 
ATOM   1198 C CD  . LYS A 1 156 ? 8.866   -11.761 9.489   0.50 14.33 ? 197 LYS A CD  1 
ATOM   1199 C CE  . LYS A 1 156 ? 8.564   -10.434 10.157  0.50 15.00 ? 197 LYS A CE  1 
ATOM   1200 N NZ  . LYS A 1 156 ? 9.408   -10.250 11.364  0.50 17.03 ? 197 LYS A NZ  1 
ATOM   1201 N N   . ILE A 1 157 ? 7.002   -11.239 4.833   1.00 7.67  ? 198 ILE A N   1 
ATOM   1202 C CA  . ILE A 1 157 ? 7.172   -10.239 3.766   1.00 7.00  ? 198 ILE A CA  1 
ATOM   1203 C C   . ILE A 1 157 ? 7.398   -8.865  4.411   1.00 6.69  ? 198 ILE A C   1 
ATOM   1204 O O   . ILE A 1 157 ? 6.490   -8.337  5.058   1.00 6.74  ? 198 ILE A O   1 
ATOM   1205 C CB  . ILE A 1 157 ? 5.940   -10.205 2.826   1.00 7.60  ? 198 ILE A CB  1 
ATOM   1206 C CG1 A ILE A 1 157 ? 5.624   -11.614 2.318   0.30 7.28  ? 198 ILE A CG1 1 
ATOM   1207 C CG1 B ILE A 1 157 ? 5.568   -11.607 2.319   0.70 8.00  ? 198 ILE A CG1 1 
ATOM   1208 C CG2 . ILE A 1 157 ? 6.219   -9.252  1.657   1.00 6.30  ? 198 ILE A CG2 1 
ATOM   1209 C CD1 A ILE A 1 157 ? 4.262   -11.752 1.737   0.30 6.66  ? 198 ILE A CD1 1 
ATOM   1210 C CD1 B ILE A 1 157 ? 6.635   -12.267 1.458   0.70 8.93  ? 198 ILE A CD1 1 
ATOM   1211 N N   . VAL A 1 158 ? 8.603   -8.304  4.247   1.00 5.97  ? 199 VAL A N   1 
ATOM   1212 C CA  . VAL A 1 158 ? 9.025   -7.133  4.994   1.00 6.18  ? 199 VAL A CA  1 
ATOM   1213 C C   . VAL A 1 158 ? 9.461   -6.016  4.049   1.00 5.77  ? 199 VAL A C   1 
ATOM   1214 O O   . VAL A 1 158 ? 10.233  -6.251  3.124   1.00 6.61  ? 199 VAL A O   1 
ATOM   1215 C CB  . VAL A 1 158 ? 10.201  -7.497  5.942   1.00 6.46  ? 199 VAL A CB  1 
ATOM   1216 C CG1 . VAL A 1 158 ? 10.827  -6.264  6.589   1.00 5.64  ? 199 VAL A CG1 1 
ATOM   1217 C CG2 . VAL A 1 158 ? 9.729   -8.476  6.992   1.00 7.70  ? 199 VAL A CG2 1 
ATOM   1218 N N   . ILE A 1 159 ? 8.933   -4.806  4.268   1.00 6.58  ? 200 ILE A N   1 
ATOM   1219 C CA  . ILE A 1 159 ? 9.418   -3.617  3.574   1.00 6.06  ? 200 ILE A CA  1 
ATOM   1220 C C   . ILE A 1 159 ? 10.691  -3.172  4.287   1.00 6.76  ? 200 ILE A C   1 
ATOM   1221 O O   . ILE A 1 159 ? 10.603  -2.584  5.359   1.00 7.54  ? 200 ILE A O   1 
ATOM   1222 C CB  . ILE A 1 159 ? 8.369   -2.462  3.606   1.00 6.24  ? 200 ILE A CB  1 
ATOM   1223 C CG1 . ILE A 1 159 ? 7.108   -2.901  2.864   1.00 7.66  ? 200 ILE A CG1 1 
ATOM   1224 C CG2 . ILE A 1 159 ? 8.972   -1.163  2.985   1.00 7.72  ? 200 ILE A CG2 1 
ATOM   1225 C CD1 . ILE A 1 159 ? 5.871   -1.987  3.075   1.00 7.67  ? 200 ILE A CD1 1 
ATOM   1226 N N   . THR A 1 160 ? 11.866  -3.492  3.729   1.00 6.10  ? 201 THR A N   1 
ATOM   1227 C CA  . THR A 1 160 ? 13.118  -3.258  4.437   1.00 6.90  ? 201 THR A CA  1 
ATOM   1228 C C   . THR A 1 160 ? 13.509  -1.796  4.352   1.00 7.79  ? 201 THR A C   1 
ATOM   1229 O O   . THR A 1 160 ? 14.104  -1.245  5.281   1.00 8.87  ? 201 THR A O   1 
ATOM   1230 C CB  . THR A 1 160 ? 14.252  -4.132  3.886   1.00 8.48  ? 201 THR A CB  1 
ATOM   1231 O OG1 . THR A 1 160 ? 14.456  -3.839  2.495   1.00 7.72  ? 201 THR A OG1 1 
ATOM   1232 C CG2 . THR A 1 160 ? 13.935  -5.614  4.093   1.00 7.95  ? 201 THR A CG2 1 
ATOM   1233 N N   . ASP A 1 161 ? 13.172  -1.185  3.218   1.00 7.69  ? 202 ASP A N   1 
ATOM   1234 C CA  . ASP A 1 161 ? 13.555  0.181   2.892   1.00 7.38  ? 202 ASP A CA  1 
ATOM   1235 C C   . ASP A 1 161 ? 12.434  0.814   2.075   1.00 6.33  ? 202 ASP A C   1 
ATOM   1236 O O   . ASP A 1 161 ? 11.741  0.119   1.329   1.00 5.19  ? 202 ASP A O   1 
ATOM   1237 C CB  . ASP A 1 161 ? 14.851  0.216   2.074   1.00 7.27  ? 202 ASP A CB  1 
ATOM   1238 C CG  . ASP A 1 161 ? 16.000  -0.510  2.743   0.70 7.78  ? 202 ASP A CG  1 
ATOM   1239 O OD1 . ASP A 1 161 ? 16.743  0.177   3.503   0.70 9.15  ? 202 ASP A OD1 1 
ATOM   1240 O OD2 . ASP A 1 161 ? 16.198  -1.729  2.468   0.70 7.27  ? 202 ASP A OD2 1 
ATOM   1241 N N   . CYS A 1 162 ? 12.252  2.115   2.212   1.00 5.80  ? 203 CYS A N   1 
ATOM   1242 C CA  . CYS A 1 162 ? 11.262  2.817   1.387   1.00 5.65  ? 203 CYS A CA  1 
ATOM   1243 C C   . CYS A 1 162 ? 11.626  4.265   1.355   1.00 5.49  ? 203 CYS A C   1 
ATOM   1244 O O   . CYS A 1 162 ? 12.418  4.739   2.159   1.00 5.41  ? 203 CYS A O   1 
ATOM   1245 C CB  . CYS A 1 162 ? 9.834   2.601   1.911   1.00 5.74  ? 203 CYS A CB  1 
ATOM   1246 S SG  . CYS A 1 162 ? 9.625   2.746   3.708   1.00 6.14  ? 203 CYS A SG  1 
ATOM   1247 N N   . GLY A 1 163 ? 11.044  4.992   0.417   1.00 5.20  ? 204 GLY A N   1 
ATOM   1248 C CA  . GLY A 1 163 ? 11.363  6.412   0.289   1.00 5.75  ? 204 GLY A CA  1 
ATOM   1249 C C   . GLY A 1 163 ? 10.795  7.050   -0.953  1.00 5.98  ? 204 GLY A C   1 
ATOM   1250 O O   . GLY A 1 163 ? 9.949   6.458   -1.609  1.00 6.15  ? 204 GLY A O   1 
ATOM   1251 N N   . GLN A 1 164 ? 11.312  8.225   -1.271  1.00 5.36  ? 205 GLN A N   1 
ATOM   1252 C CA  . GLN A 1 164 ? 10.841  9.017   -2.392  1.00 5.41  ? 205 GLN A CA  1 
ATOM   1253 C C   . GLN A 1 164 ? 11.914  9.149   -3.445  1.00 5.64  ? 205 GLN A C   1 
ATOM   1254 O O   . GLN A 1 164 ? 13.051  9.446   -3.125  1.00 6.39  ? 205 GLN A O   1 
ATOM   1255 C CB  . GLN A 1 164 ? 10.381  10.387  -1.909  1.00 5.46  ? 205 GLN A CB  1 
ATOM   1256 C CG  . GLN A 1 164 ? 9.898   11.267  -3.052  1.00 4.98  ? 205 GLN A CG  1 
ATOM   1257 C CD  . GLN A 1 164 ? 9.166   12.479  -2.568  1.00 5.99  ? 205 GLN A CD  1 
ATOM   1258 O OE1 . GLN A 1 164 ? 9.240   12.824  -1.380  1.00 6.50  ? 205 GLN A OE1 1 
ATOM   1259 N NE2 . GLN A 1 164 ? 8.446   13.134  -3.472  1.00 6.10  ? 205 GLN A NE2 1 
ATOM   1260 N N   . LEU A 1 165 ? 11.545  8.883   -4.706  1.00 5.60  ? 206 LEU A N   1 
ATOM   1261 C CA  . LEU A 1 165 ? 12.441  9.036   -5.872  1.00 5.93  ? 206 LEU A CA  1 
ATOM   1262 C C   . LEU A 1 165 ? 12.365  10.419  -6.531  1.00 5.84  ? 206 LEU A C   1 
ATOM   1263 O O   . LEU A 1 165 ? 13.390  10.928  -7.021  1.00 5.31  ? 206 LEU A O   1 
ATOM   1264 C CB  . LEU A 1 165 ? 12.111  7.984   -6.915  1.00 6.89  ? 206 LEU A CB  1 
ATOM   1265 C CG  . LEU A 1 165 ? 12.375  6.554   -6.449  1.00 7.03  ? 206 LEU A CG  1 
ATOM   1266 C CD1 . LEU A 1 165 ? 11.905  5.549   -7.534  1.00 8.67  ? 206 LEU A CD1 1 
ATOM   1267 C CD2 . LEU A 1 165 ? 13.842  6.322   -6.086  1.00 9.62  ? 206 LEU A CD2 1 
ATOM   1268 N N   . SER A 1 166 ? 11.169  11.009  -6.569  1.00 5.77  ? 207 SER A N   1 
ATOM   1269 C CA  . SER A 1 166 ? 10.969  12.343  -7.153  1.00 5.82  ? 207 SER A CA  1 
ATOM   1270 C C   . SER A 1 166 ? 9.617   12.893  -6.727  1.00 6.24  ? 207 SER A C   1 
ATOM   1271 O O   . SER A 1 166 ? 9.343   14.080  -6.989  1.00 6.82  ? 207 SER A O   1 
ATOM   1272 C CB  . SER A 1 166 ? 11.042  12.295  -8.678  1.00 6.08  ? 207 SER A CB  1 
ATOM   1273 O OG  . SER A 1 166 ? 10.081  11.408  -9.210  1.00 5.49  ? 207 SER A OG  1 
ATOM   1274 O OXT . SER A 1 166 ? 8.850   12.123  -6.128  1.00 5.79  ? 207 SER A OXT 1 
HETATM 1275 O OAA A FP6 B 2 .   ? -9.565  -2.727  4.007   0.60 10.80 ? 301 FP6 A OAA 1 
HETATM 1276 C CAB A FP6 B 2 .   ? -8.717  -3.305  3.321   0.60 13.96 ? 301 FP6 A CAB 1 
HETATM 1277 C CAC A FP6 B 2 .   ? -10.419 -5.192  0.675   0.60 13.74 ? 301 FP6 A CAC 1 
HETATM 1278 C CAD A FP6 B 2 .   ? -9.012  -4.908  0.119   0.60 12.26 ? 301 FP6 A CAD 1 
HETATM 1279 C CAE A FP6 B 2 .   ? -10.483 -4.278  1.900   0.60 14.89 ? 301 FP6 A CAE 1 
HETATM 1280 C CAF A FP6 B 2 .   ? -8.154  -4.766  1.379   0.60 13.77 ? 301 FP6 A CAF 1 
HETATM 1281 N NAG A FP6 B 2 .   ? -9.067  -4.053  2.282   0.60 12.11 ? 301 FP6 A NAG 1 
HETATM 1282 O O   . HOH C 3 .   ? -6.724  18.335  -6.071  1.00 22.69 ? 401 HOH A O   1 
HETATM 1283 O O   . HOH C 3 .   ? -6.280  5.834   18.578  1.00 11.26 ? 402 HOH A O   1 
HETATM 1284 O O   A HOH C 3 .   ? -19.621 0.574   6.153   0.30 14.97 ? 403 HOH A O   1 
HETATM 1285 O O   B HOH C 3 .   ? -20.848 1.279   5.353   0.20 6.72  ? 403 HOH A O   1 
HETATM 1286 O O   . HOH C 3 .   ? 17.694  -5.127  -0.521  0.30 12.53 ? 404 HOH A O   1 
HETATM 1287 O O   . HOH C 3 .   ? -11.098 -18.313 -3.135  1.00 20.80 ? 405 HOH A O   1 
HETATM 1288 O O   . HOH C 3 .   ? 15.341  7.579   -0.353  1.00 13.16 ? 406 HOH A O   1 
HETATM 1289 O O   . HOH C 3 .   ? 13.861  -12.901 -6.987  0.80 13.61 ? 407 HOH A O   1 
HETATM 1290 O O   . HOH C 3 .   ? 19.614  -10.935 -4.590  1.00 10.57 ? 408 HOH A O   1 
HETATM 1291 O O   . HOH C 3 .   ? 13.690  -14.727 -4.869  1.00 17.45 ? 409 HOH A O   1 
HETATM 1292 O O   . HOH C 3 .   ? -21.471 3.484   3.866   1.00 13.78 ? 410 HOH A O   1 
HETATM 1293 O O   . HOH C 3 .   ? 17.090  0.753   -0.514  0.60 22.86 ? 411 HOH A O   1 
HETATM 1294 O O   . HOH C 3 .   ? 16.551  -5.090  -3.481  0.80 13.37 ? 412 HOH A O   1 
HETATM 1295 O O   . HOH C 3 .   ? 15.710  -3.065  -6.952  0.70 17.42 ? 413 HOH A O   1 
HETATM 1296 O O   . HOH C 3 .   ? -21.253 2.826   6.722   1.00 19.95 ? 414 HOH A O   1 
HETATM 1297 O O   . HOH C 3 .   ? 14.523  -5.733  0.471   1.00 9.33  ? 415 HOH A O   1 
HETATM 1298 O O   . HOH C 3 .   ? 13.524  -8.967  6.050   1.00 13.66 ? 416 HOH A O   1 
HETATM 1299 O O   . HOH C 3 .   ? -2.003  19.823  -4.519  0.70 23.40 ? 417 HOH A O   1 
HETATM 1300 O O   . HOH C 3 .   ? -1.348  18.845  -12.436 1.00 23.03 ? 418 HOH A O   1 
HETATM 1301 O O   . HOH C 3 .   ? 8.615   -17.302 7.655   1.00 10.69 ? 419 HOH A O   1 
HETATM 1302 O O   . HOH C 3 .   ? 14.697  -16.908 2.212   1.00 15.17 ? 420 HOH A O   1 
HETATM 1303 O O   . HOH C 3 .   ? 16.949  -15.187 5.293   1.00 19.42 ? 421 HOH A O   1 
HETATM 1304 O O   . HOH C 3 .   ? -11.669 -11.135 -4.003  0.60 14.98 ? 422 HOH A O   1 
HETATM 1305 O O   . HOH C 3 .   ? 0.200   18.093  -3.857  1.00 14.41 ? 423 HOH A O   1 
HETATM 1306 O O   . HOH C 3 .   ? -0.182  18.221  -0.258  1.00 18.83 ? 424 HOH A O   1 
HETATM 1307 O O   . HOH C 3 .   ? -4.328  20.572  -2.076  1.00 29.65 ? 425 HOH A O   1 
HETATM 1308 O O   . HOH C 3 .   ? 10.277  15.923  -8.859  0.80 12.71 ? 426 HOH A O   1 
HETATM 1309 O O   . HOH C 3 .   ? 12.459  -13.393 7.655   1.00 20.06 ? 427 HOH A O   1 
HETATM 1310 O O   . HOH C 3 .   ? 18.823  -9.854  3.146   1.00 27.51 ? 428 HOH A O   1 
HETATM 1311 O O   . HOH C 3 .   ? 19.167  -13.786 5.385   1.00 26.20 ? 429 HOH A O   1 
HETATM 1312 O O   . HOH C 3 .   ? 4.241   16.136  -3.456  1.00 15.53 ? 430 HOH A O   1 
HETATM 1313 O O   . HOH C 3 .   ? 1.859   19.089  1.271   1.00 29.52 ? 431 HOH A O   1 
HETATM 1314 O O   . HOH C 3 .   ? 4.156   18.408  -2.129  1.00 13.81 ? 432 HOH A O   1 
HETATM 1315 O O   . HOH C 3 .   ? 22.734  -11.792 1.491   1.00 28.83 ? 433 HOH A O   1 
HETATM 1316 O O   . HOH C 3 .   ? 14.863  -13.432 -2.955  1.00 16.45 ? 434 HOH A O   1 
HETATM 1317 O O   . HOH C 3 .   ? 17.021  -10.076 -5.333  1.00 11.10 ? 435 HOH A O   1 
HETATM 1318 O O   . HOH C 3 .   ? 13.797  7.600   9.025   1.00 12.99 ? 436 HOH A O   1 
HETATM 1319 O O   . HOH C 3 .   ? 14.404  -5.846  -2.237  1.00 8.36  ? 437 HOH A O   1 
HETATM 1320 O O   . HOH C 3 .   ? 7.983   19.461  6.375   0.70 16.38 ? 438 HOH A O   1 
HETATM 1321 O O   . HOH C 3 .   ? 2.095   -9.607  -14.078 1.00 18.29 ? 439 HOH A O   1 
HETATM 1322 O O   . HOH C 3 .   ? -0.200  -6.200  -14.850 1.00 21.37 ? 440 HOH A O   1 
HETATM 1323 O O   . HOH C 3 .   ? 14.138  3.094   -8.337  1.00 11.68 ? 441 HOH A O   1 
HETATM 1324 O O   . HOH C 3 .   ? 8.965   -3.839  -13.546 1.00 11.42 ? 442 HOH A O   1 
HETATM 1325 O O   . HOH C 3 .   ? 5.770   -3.284  -13.387 1.00 11.89 ? 443 HOH A O   1 
HETATM 1326 O O   . HOH C 3 .   ? 7.182   -12.588 -10.380 1.00 8.63  ? 444 HOH A O   1 
HETATM 1327 O O   . HOH C 3 .   ? 7.531   -6.347  -13.603 1.00 14.13 ? 445 HOH A O   1 
HETATM 1328 O O   . HOH C 3 .   ? 11.317  -11.181 -9.945  1.00 9.84  ? 446 HOH A O   1 
HETATM 1329 O O   . HOH C 3 .   ? 11.495  -16.655 -4.610  0.90 19.73 ? 447 HOH A O   1 
HETATM 1330 O O   . HOH C 3 .   ? 5.737   -14.598 -9.236  1.00 10.83 ? 448 HOH A O   1 
HETATM 1331 O O   . HOH C 3 .   ? 1.345   -14.361 -8.104  1.00 7.96  ? 449 HOH A O   1 
HETATM 1332 O O   . HOH C 3 .   ? 6.985   -17.650 -5.891  0.70 19.36 ? 450 HOH A O   1 
HETATM 1333 O O   . HOH C 3 .   ? 18.198  -5.455  3.879   1.00 20.18 ? 451 HOH A O   1 
HETATM 1334 O O   . HOH C 3 .   ? -9.870  -14.253 3.546   1.00 19.33 ? 452 HOH A O   1 
HETATM 1335 O O   . HOH C 3 .   ? -6.004  -20.145 3.401   0.70 11.80 ? 453 HOH A O   1 
HETATM 1336 O O   . HOH C 3 .   ? -0.398  -19.237 4.287   1.00 18.12 ? 454 HOH A O   1 
HETATM 1337 O O   . HOH C 3 .   ? 1.032   -20.137 6.464   1.00 23.37 ? 455 HOH A O   1 
HETATM 1338 O O   . HOH C 3 .   ? 4.367   -14.975 7.595   1.00 15.42 ? 456 HOH A O   1 
HETATM 1339 O O   . HOH C 3 .   ? 5.960   -17.130 7.236   1.00 16.61 ? 457 HOH A O   1 
HETATM 1340 O O   . HOH C 3 .   ? 1.457   -19.266 0.038   0.80 15.16 ? 458 HOH A O   1 
HETATM 1341 O O   . HOH C 3 .   ? 13.090  -19.265 -1.658  0.80 23.74 ? 459 HOH A O   1 
HETATM 1342 O O   . HOH C 3 .   ? 9.570   -20.556 -2.377  0.40 21.73 ? 460 HOH A O   1 
HETATM 1343 O O   . HOH C 3 .   ? 11.002  -15.812 -2.050  1.00 12.88 ? 461 HOH A O   1 
HETATM 1344 O O   . HOH C 3 .   ? 12.179  -18.588 1.745   1.00 10.35 ? 462 HOH A O   1 
HETATM 1345 O O   . HOH C 3 .   ? 4.998   -9.624  11.880  1.00 23.76 ? 463 HOH A O   1 
HETATM 1346 O O   . HOH C 3 .   ? 6.626   -7.565  12.547  0.80 26.20 ? 464 HOH A O   1 
HETATM 1347 O O   . HOH C 3 .   ? 14.287  -2.057  7.862   1.00 13.14 ? 465 HOH A O   1 
HETATM 1348 O O   . HOH C 3 .   ? 17.296  -2.349  0.030   0.80 21.01 ? 466 HOH A O   1 
HETATM 1349 O O   . HOH C 3 .   ? 15.577  8.484   -2.787  1.00 17.82 ? 467 HOH A O   1 
HETATM 1350 O O   . HOH C 3 .   ? 14.219  11.999  -3.510  0.80 9.14  ? 468 HOH A O   1 
HETATM 1351 O O   . HOH C 3 .   ? 11.484  13.512  0.085   1.00 9.21  ? 469 HOH A O   1 
HETATM 1352 O O   . HOH C 3 .   ? 13.353  9.196   0.619   1.00 7.29  ? 470 HOH A O   1 
HETATM 1353 O O   . HOH C 3 .   ? 15.617  12.539  -5.822  1.00 16.05 ? 471 HOH A O   1 
HETATM 1354 O O   . HOH C 3 .   ? 6.876   15.239  -6.739  1.00 11.85 ? 472 HOH A O   1 
HETATM 1355 O O   . HOH C 3 .   ? 1.198   17.688  -6.556  0.70 29.02 ? 473 HOH A O   1 
HETATM 1356 O O   . HOH C 3 .   ? -1.299  18.590  -8.678  1.00 20.08 ? 474 HOH A O   1 
HETATM 1357 O O   . HOH C 3 .   ? 16.137  -2.371  -4.312  1.00 21.35 ? 475 HOH A O   1 
HETATM 1358 O O   . HOH C 3 .   ? 17.323  -6.707  1.563   1.00 27.59 ? 476 HOH A O   1 
HETATM 1359 O O   . HOH C 3 .   ? 20.625  -12.050 3.693   0.40 14.22 ? 477 HOH A O   1 
HETATM 1360 O O   A HOH C 3 .   ? 0.368   10.804  -12.882 0.60 5.08  ? 478 HOH A O   1 
HETATM 1361 O O   A HOH C 3 .   ? -7.911  21.510  1.319   0.60 11.82 ? 479 HOH A O   1 
HETATM 1362 O O   B HOH C 3 .   ? -9.220  20.964  1.166   0.40 13.08 ? 479 HOH A O   1 
HETATM 1363 O O   . HOH C 3 .   ? 4.315   -11.107 8.647   1.00 29.61 ? 480 HOH A O   1 
HETATM 1364 O O   . HOH C 3 .   ? -1.406  -5.187  19.120  1.00 19.31 ? 481 HOH A O   1 
HETATM 1365 O O   . HOH C 3 .   ? -3.448  6.470   -15.962 0.80 16.78 ? 482 HOH A O   1 
HETATM 1366 O O   . HOH C 3 .   ? 4.091   14.758  13.541  1.00 20.60 ? 483 HOH A O   1 
HETATM 1367 O O   . HOH C 3 .   ? 2.538   13.384  12.106  1.00 24.90 ? 484 HOH A O   1 
HETATM 1368 O O   . HOH C 3 .   ? 20.549  -8.394  0.910   1.00 21.48 ? 485 HOH A O   1 
HETATM 1369 O O   . HOH C 3 .   ? -8.696  18.616  -3.134  1.00 26.55 ? 486 HOH A O   1 
HETATM 1370 O O   . HOH C 3 .   ? -18.567 0.862   3.413   0.70 27.31 ? 487 HOH A O   1 
HETATM 1371 O O   . HOH C 3 .   ? -16.455 -3.484  -13.838 0.50 14.37 ? 488 HOH A O   1 
HETATM 1372 O O   . HOH C 3 .   ? 1.389   -1.797  -12.829 1.00 23.53 ? 489 HOH A O   1 
HETATM 1373 O O   . HOH C 3 .   ? 0.245   0.262   -16.105 1.00 21.30 ? 490 HOH A O   1 
HETATM 1374 O O   . HOH C 3 .   ? -0.827  -1.600  -14.588 0.50 11.02 ? 491 HOH A O   1 
HETATM 1375 O O   . HOH C 3 .   ? -1.854  -4.099  -15.384 0.50 21.54 ? 492 HOH A O   1 
HETATM 1376 O O   . HOH C 3 .   ? -4.085  0.469   -15.492 0.70 26.47 ? 493 HOH A O   1 
HETATM 1377 O O   . HOH C 3 .   ? 3.191   -3.030  -14.323 0.50 10.84 ? 494 HOH A O   1 
HETATM 1378 O O   . HOH C 3 .   ? 4.015   -0.830  -15.886 1.00 27.00 ? 495 HOH A O   1 
HETATM 1379 O O   A HOH C 3 .   ? 6.437   -17.301 -8.601  0.50 8.30  ? 496 HOH A O   1 
HETATM 1380 O O   B HOH C 3 .   ? 6.154   -16.696 -7.466  0.50 11.17 ? 496 HOH A O   1 
HETATM 1381 O O   . HOH C 3 .   ? -4.900  -20.888 -0.072  1.00 22.15 ? 497 HOH A O   1 
HETATM 1382 O O   A HOH C 3 .   ? -6.100  -12.361 6.773   0.60 13.69 ? 498 HOH A O   1 
HETATM 1383 O O   . HOH C 3 .   ? 5.887   -20.514 0.782   0.50 15.64 ? 499 HOH A O   1 
HETATM 1384 O O   . HOH C 3 .   ? 7.874   12.996  -10.238 1.00 9.83  ? 500 HOH A O   1 
HETATM 1385 O O   . HOH C 3 .   ? 2.407   2.644   18.264  0.20 9.69  ? 501 HOH A O   1 
HETATM 1386 O O   . HOH C 3 .   ? 0.038   2.168   20.226  0.20 3.05  ? 502 HOH A O   1 
HETATM 1387 O O   . HOH C 3 .   ? -9.607  -2.906  8.486   0.60 18.23 ? 503 HOH A O   1 
HETATM 1388 O O   . HOH C 3 .   ? -19.074 3.077   -6.880  0.50 22.52 ? 504 HOH A O   1 
HETATM 1389 O O   A HOH C 3 .   ? 0.085   6.711   -12.948 0.60 4.18  ? 505 HOH A O   1 
HETATM 1390 O O   . HOH C 3 .   ? 4.365   -20.180 -2.511  0.30 15.44 ? 506 HOH A O   1 
HETATM 1391 O O   . HOH C 3 .   ? 1.523   -3.822  -18.048 0.30 13.70 ? 507 HOH A O   1 
HETATM 1392 O O   A HOH C 3 .   ? -8.998  -12.322 5.276   0.50 21.20 ? 508 HOH A O   1 
HETATM 1393 O O   B HOH C 3 .   ? -10.694 -8.515  2.181   0.30 12.97 ? 508 HOH A O   1 
HETATM 1394 O O   A HOH C 3 .   ? -6.047  -15.472 8.096   0.50 13.22 ? 509 HOH A O   1 
HETATM 1395 O O   B HOH C 3 .   ? -5.961  -15.993 9.268   0.50 12.53 ? 509 HOH A O   1 
HETATM 1396 O O   . HOH C 3 .   ? -8.793  -25.386 0.618   0.40 22.79 ? 510 HOH A O   1 
HETATM 1397 O O   . HOH C 3 .   ? -8.026  -2.650  6.815   0.30 11.43 ? 511 HOH A O   1 
HETATM 1398 O O   . HOH C 3 .   ? -10.639 -13.210 -3.045  0.50 17.13 ? 512 HOH A O   1 
HETATM 1399 O O   . HOH C 3 .   ? 6.486   17.541  11.863  0.30 15.48 ? 513 HOH A O   1 
HETATM 1400 O O   . HOH C 3 .   ? 1.521   -4.468  -20.652 0.30 18.84 ? 514 HOH A O   1 
HETATM 1401 O O   . HOH C 3 .   ? 9.227   20.350  10.572  0.30 14.19 ? 515 HOH A O   1 
HETATM 1402 O O   . HOH C 3 .   ? 1.785   0.377   20.324  0.30 11.53 ? 516 HOH A O   1 
HETATM 1403 O O   . HOH C 3 .   ? 19.903  -2.122  -0.104  0.30 12.39 ? 517 HOH A O   1 
HETATM 1404 O O   . HOH C 3 .   ? 0.433   -14.408 11.947  0.30 10.23 ? 518 HOH A O   1 
HETATM 1405 O O   B HOH C 3 .   ? -9.587  -2.574  3.951   0.40 10.45 ? 519 HOH A O   1 
HETATM 1406 O O   B HOH C 3 .   ? -8.853  -5.946  1.015   0.40 15.68 ? 520 HOH A O   1 
HETATM 1407 O O   . HOH C 3 .   ? 2.135   19.840  -3.095  0.40 9.55  ? 521 HOH A O   1 
HETATM 1408 O O   . HOH C 3 .   ? 17.695  -2.874  4.500   0.50 8.15  ? 522 HOH A O   1 
HETATM 1409 O O   . HOH C 3 .   ? -10.115 0.764   -17.048 1.00 21.06 ? 523 HOH A O   1 
HETATM 1410 O O   . HOH C 3 .   ? -8.328  17.167  -8.891  0.40 17.89 ? 524 HOH A O   1 
HETATM 1411 O O   . HOH C 3 .   ? 1.205   -10.538 13.374  0.50 16.89 ? 525 HOH A O   1 
HETATM 1412 O O   . HOH C 3 .   ? -6.724  20.101  -4.093  0.30 12.55 ? 526 HOH A O   1 
HETATM 1413 O O   . HOH C 3 .   ? 18.078  -11.688 6.374   1.00 25.40 ? 527 HOH A O   1 
HETATM 1414 O O   . HOH C 3 .   ? -10.204 -15.663 -0.123  1.00 16.55 ? 528 HOH A O   1 
HETATM 1415 O O   . HOH C 3 .   ? 3.022   -4.160  17.928  1.00 18.20 ? 529 HOH A O   1 
HETATM 1416 O O   . HOH C 3 .   ? -8.977  -14.555 -4.622  1.00 14.54 ? 530 HOH A O   1 
HETATM 1417 O O   . HOH C 3 .   ? -11.614 -3.635  8.088   0.50 12.87 ? 531 HOH A O   1 
HETATM 1418 O O   A HOH C 3 .   ? -16.299 -4.458  0.253   0.40 16.48 ? 532 HOH A O   1 
HETATM 1419 O O   B HOH C 3 .   ? -18.014 -5.071  0.165   0.30 14.10 ? 533 HOH A O   1 
HETATM 1420 O O   . HOH C 3 .   ? 11.536  -9.681  -13.314 1.00 21.15 ? 534 HOH A O   1 
HETATM 1421 O O   . HOH C 3 .   ? -5.924  -8.809  -14.985 1.00 30.53 ? 535 HOH A O   1 
HETATM 1422 O O   . HOH C 3 .   ? 8.525   0.927   15.217  0.50 18.89 ? 536 HOH A O   1 
HETATM 1423 O O   . HOH C 3 .   ? 4.381   -22.724 1.114   0.50 24.17 ? 537 HOH A O   1 
HETATM 1424 O O   . HOH C 3 .   ? 6.838   18.431  2.086   1.00 28.55 ? 538 HOH A O   1 
HETATM 1425 O O   . HOH C 3 .   ? -6.035  -5.377  -16.925 0.30 9.50  ? 539 HOH A O   1 
HETATM 1426 O O   . HOH C 3 .   ? -8.048  -7.550  -14.042 1.00 15.34 ? 540 HOH A O   1 
HETATM 1427 O O   A HOH C 3 .   ? 5.504   -18.840 -4.363  0.60 16.72 ? 541 HOH A O   1 
HETATM 1428 O O   B HOH C 3 .   ? 6.547   -20.148 -4.873  0.40 14.57 ? 542 HOH A O   1 
HETATM 1429 O O   . HOH C 3 .   ? -9.215  1.649   9.279   0.30 10.32 ? 543 HOH A O   1 
HETATM 1430 O O   . HOH C 3 .   ? 12.484  -2.901  11.845  1.00 22.80 ? 544 HOH A O   1 
HETATM 1431 O O   . HOH C 3 .   ? -5.382  14.090  -13.556 0.70 8.78  ? 545 HOH A O   1 
HETATM 1432 O O   . HOH C 3 .   ? 13.177  9.963   13.815  1.00 27.27 ? 546 HOH A O   1 
HETATM 1433 O O   . HOH C 3 .   ? -3.161  16.954  -13.426 1.00 19.64 ? 547 HOH A O   1 
HETATM 1434 O O   . HOH C 3 .   ? -9.244  -16.438 -2.671  0.50 9.66  ? 548 HOH A O   1 
HETATM 1435 O O   . HOH C 3 .   ? 9.735   -7.535  -14.874 1.00 22.66 ? 549 HOH A O   1 
HETATM 1436 O O   . HOH C 3 .   ? -8.875  0.463   11.287  0.50 19.79 ? 550 HOH A O   1 
HETATM 1437 O O   . HOH C 3 .   ? -4.137  5.130   16.779  1.00 16.88 ? 551 HOH A O   1 
HETATM 1438 O O   . HOH C 3 .   ? -4.486  3.506   -10.182 1.00 9.11  ? 552 HOH A O   1 
HETATM 1439 O O   . HOH C 3 .   ? -0.884  10.269  13.854  1.00 10.63 ? 553 HOH A O   1 
HETATM 1440 O O   . HOH C 3 .   ? -9.215  7.786   14.908  1.00 11.54 ? 554 HOH A O   1 
HETATM 1441 O O   . HOH C 3 .   ? 10.937  -4.946  -11.772 1.00 13.34 ? 555 HOH A O   1 
HETATM 1442 O O   . HOH C 3 .   ? 11.686  -10.961 5.251   1.00 11.48 ? 556 HOH A O   1 
HETATM 1443 O O   . HOH C 3 .   ? -3.754  18.510  -6.033  1.00 13.53 ? 557 HOH A O   1 
HETATM 1444 O O   . HOH C 3 .   ? -1.988  17.211  3.198   1.00 14.71 ? 558 HOH A O   1 
HETATM 1445 O O   . HOH C 3 .   ? 8.058   -0.909  11.127  1.00 14.08 ? 559 HOH A O   1 
HETATM 1446 O O   . HOH C 3 .   ? -1.392  8.053   -14.942 1.00 11.76 ? 560 HOH A O   1 
HETATM 1447 O O   . HOH C 3 .   ? -16.257 1.752   3.595   1.00 16.58 ? 561 HOH A O   1 
HETATM 1448 O O   . HOH C 3 .   ? -7.045  2.125   8.662   1.00 14.98 ? 562 HOH A O   1 
HETATM 1449 O O   . HOH C 3 .   ? -4.824  18.233  4.850   1.00 18.56 ? 563 HOH A O   1 
HETATM 1450 O O   . HOH C 3 .   ? -1.514  -14.147 -12.797 1.00 16.76 ? 564 HOH A O   1 
HETATM 1451 O O   . HOH C 3 .   ? 0.499   16.696  -9.262  1.00 17.46 ? 565 HOH A O   1 
HETATM 1452 O O   A HOH C 3 .   ? -3.638  -12.101 -10.002 0.60 7.74  ? 566 HOH A O   1 
HETATM 1453 O O   B HOH C 3 .   ? -3.207  -13.299 -9.838  0.40 9.33  ? 567 HOH A O   1 
HETATM 1454 O O   . HOH C 3 .   ? -16.788 4.420   9.602   1.00 18.38 ? 568 HOH A O   1 
HETATM 1455 O O   . HOH C 3 .   ? -15.944 13.513  -4.291  1.00 17.55 ? 569 HOH A O   1 
HETATM 1456 O O   . HOH C 3 .   ? 4.620   -9.870  -13.435 1.00 19.11 ? 570 HOH A O   1 
HETATM 1457 O O   A HOH C 3 .   ? 6.714   15.560  -3.828  0.50 8.69  ? 571 HOH A O   1 
HETATM 1458 O O   B HOH C 3 .   ? 7.217   15.810  -2.678  0.50 11.39 ? 572 HOH A O   1 
HETATM 1459 O O   . HOH C 3 .   ? 13.604  8.029   3.007   1.00 18.02 ? 573 HOH A O   1 
HETATM 1460 O O   A HOH C 3 .   ? 12.715  13.068  4.751   0.50 8.64  ? 574 HOH A O   1 
HETATM 1461 O O   B HOH C 3 .   ? 12.265  14.362  3.705   0.50 12.45 ? 574 HOH A O   1 
HETATM 1462 O O   . HOH C 3 .   ? -1.378  17.199  -15.587 0.50 17.32 ? 575 HOH A O   1 
HETATM 1463 O O   . HOH C 3 .   ? -4.401  -1.816  -14.193 1.00 18.25 ? 576 HOH A O   1 
HETATM 1464 O O   . HOH C 3 .   ? 12.714  -7.729  -9.069  1.00 14.88 ? 577 HOH A O   1 
HETATM 1465 O O   A HOH C 3 .   ? 4.749   -0.869  17.294  0.70 17.51 ? 578 HOH A O   1 
HETATM 1466 O O   B HOH C 3 .   ? 3.773   -0.138  18.034  0.30 8.29  ? 578 HOH A O   1 
HETATM 1467 O O   . HOH C 3 .   ? 3.587   16.531  -6.227  0.70 13.88 ? 579 HOH A O   1 
HETATM 1468 O O   . HOH C 3 .   ? 14.893  5.767   2.914   1.00 20.02 ? 580 HOH A O   1 
HETATM 1469 O O   . HOH C 3 .   ? -2.477  4.474   18.913  0.50 9.63  ? 581 HOH A O   1 
HETATM 1470 O O   . HOH C 3 .   ? 4.402   -13.474 9.740   0.50 12.88 ? 582 HOH A O   1 
HETATM 1471 O O   . HOH C 3 .   ? 12.783  10.614  11.507  0.50 16.16 ? 583 HOH A O   1 
HETATM 1472 O O   . HOH C 3 .   ? -4.013  -20.147 5.275   1.00 29.33 ? 584 HOH A O   1 
HETATM 1473 O O   A HOH C 3 .   ? 0.223   -19.336 -3.592  0.40 15.12 ? 585 HOH A O   1 
HETATM 1474 O O   B HOH C 3 .   ? 1.395   -19.668 -4.740  0.40 15.27 ? 585 HOH A O   1 
HETATM 1475 O O   . HOH C 3 .   ? -5.102  -10.712 -12.786 0.30 10.31 ? 586 HOH A O   1 
HETATM 1476 O O   . HOH C 3 .   ? 13.319  -4.883  -8.607  1.00 12.74 ? 587 HOH A O   1 
HETATM 1477 O O   . HOH C 3 .   ? -0.716  -21.251 8.495   0.60 27.31 ? 588 HOH A O   1 
HETATM 1478 O O   . HOH C 3 .   ? 8.285   19.982  -0.400  0.60 23.24 ? 589 HOH A O   1 
HETATM 1479 O O   . HOH C 3 .   ? 0.197   18.719  4.057   0.80 26.28 ? 590 HOH A O   1 
HETATM 1480 O O   . HOH C 3 .   ? 12.901  -10.684 7.584   0.30 5.73  ? 591 HOH A O   1 
HETATM 1481 O O   . HOH C 3 .   ? 2.093   -4.940  -15.683 0.70 21.67 ? 592 HOH A O   1 
HETATM 1482 O O   . HOH C 3 .   ? -7.462  -20.806 -3.569  0.50 20.80 ? 593 HOH A O   1 
HETATM 1483 O O   . HOH C 3 .   ? -15.329 13.707  -1.762  0.60 21.89 ? 594 HOH A O   1 
HETATM 1484 O O   . HOH C 3 .   ? 17.144  4.441   -7.228  0.40 19.92 ? 595 HOH A O   1 
HETATM 1485 O O   A HOH C 3 .   ? 15.231  -5.185  -11.478 0.50 17.11 ? 596 HOH A O   1 
HETATM 1486 O O   B HOH C 3 .   ? 14.681  -6.855  -12.148 0.50 16.54 ? 596 HOH A O   1 
HETATM 1487 O O   . HOH C 3 .   ? 21.166  -15.399 -0.841  0.50 28.06 ? 597 HOH A O   1 
HETATM 1488 O O   . HOH C 3 .   ? -5.799  -18.988 -4.017  0.50 19.89 ? 598 HOH A O   1 
HETATM 1489 O O   . HOH C 3 .   ? -17.999 1.233   10.114  0.30 16.11 ? 599 HOH A O   1 
HETATM 1490 O O   . HOH C 3 .   ? 9.387   17.747  11.084  0.40 16.79 ? 600 HOH A O   1 
HETATM 1491 O O   . HOH C 3 .   ? -2.508  -21.951 1.118   0.50 20.56 ? 601 HOH A O   1 
HETATM 1492 O O   . HOH C 3 .   ? 9.518   16.170  -4.789  0.50 18.00 ? 602 HOH A O   1 
HETATM 1493 O O   . HOH C 3 .   ? 6.718   -11.667 12.396  0.40 13.70 ? 603 HOH A O   1 
HETATM 1494 O O   . HOH C 3 .   ? 21.449  -18.505 1.203   0.60 20.59 ? 604 HOH A O   1 
HETATM 1495 O O   . HOH C 3 .   ? -1.505  2.792   -15.222 0.60 23.20 ? 605 HOH A O   1 
HETATM 1496 O O   A HOH C 3 .   ? -18.787 -0.596  -4.600  0.30 16.48 ? 606 HOH A O   1 
HETATM 1497 O O   B HOH C 3 .   ? -19.577 -1.728  -4.710  0.30 12.95 ? 606 HOH A O   1 
HETATM 1498 O O   . HOH C 3 .   ? -20.964 1.830   -0.266  0.50 18.46 ? 607 HOH A O   1 
HETATM 1499 O O   . HOH C 3 .   ? -5.137  -3.147  -16.430 0.30 18.06 ? 608 HOH A O   1 
HETATM 1500 O O   . HOH C 3 .   ? -3.525  -19.602 -6.042  0.50 23.39 ? 609 HOH A O   1 
HETATM 1501 O O   A HOH C 3 .   ? 0.627   16.417  8.735   0.30 8.50  ? 610 HOH A O   1 
HETATM 1502 O O   B HOH C 3 .   ? 1.575   16.058  9.571   0.30 11.79 ? 610 HOH A O   1 
HETATM 1503 O O   . HOH C 3 .   ? -3.968  20.698  -4.335  0.30 9.71  ? 611 HOH A O   1 
HETATM 1504 O O   . HOH C 3 .   ? -8.166  -14.160 -11.466 0.30 18.13 ? 612 HOH A O   1 
HETATM 1505 O O   . HOH C 3 .   ? 16.168  2.798   3.780   0.30 10.79 ? 613 HOH A O   1 
HETATM 1506 O O   A HOH C 3 .   ? -8.060  -5.203  6.852   0.50 15.48 ? 614 HOH A O   1 
HETATM 1507 O O   B HOH C 3 .   ? -7.390  -4.391  8.070   0.50 18.40 ? 614 HOH A O   1 
HETATM 1508 O O   . HOH C 3 .   ? -19.578 -1.300  2.447   0.40 16.75 ? 615 HOH A O   1 
HETATM 1509 O O   . HOH C 3 .   ? 7.867   6.532   16.302  0.30 12.68 ? 616 HOH A O   1 
HETATM 1510 O O   . HOH C 3 .   ? 4.791   17.603  9.961   0.30 10.20 ? 617 HOH A O   1 
HETATM 1511 O O   . HOH C 3 .   ? 18.434  -1.089  -4.987  0.40 15.24 ? 618 HOH A O   1 
HETATM 1512 O O   . HOH C 3 .   ? 9.290   -15.590 10.100  0.30 17.67 ? 619 HOH A O   1 
HETATM 1513 O O   . HOH C 3 .   ? -1.629  20.335  -2.336  0.30 9.77  ? 620 HOH A O   1 
HETATM 1514 O O   . HOH C 3 .   ? 2.849   -15.376 13.650  0.30 14.32 ? 621 HOH A O   1 
HETATM 1515 O O   . HOH C 3 .   ? 3.565   16.393  11.496  0.30 14.30 ? 622 HOH A O   1 
HETATM 1516 O O   . HOH C 3 .   ? -6.648  -23.516 -3.027  0.40 16.20 ? 623 HOH A O   1 
HETATM 1517 O O   . HOH C 3 .   ? 2.583   19.378  -7.247  0.30 15.58 ? 624 HOH A O   1 
HETATM 1518 O O   . HOH C 3 .   ? 1.099   17.602  6.309   0.30 17.36 ? 625 HOH A O   1 
HETATM 1519 O O   . HOH C 3 .   ? 13.129  -14.371 -1.019  1.00 16.89 ? 626 HOH A O   1 
HETATM 1520 O O   . HOH C 3 .   ? 1.577   -8.674  15.194  0.50 20.00 ? 627 HOH A O   1 
HETATM 1521 O O   . HOH C 3 .   ? 11.715  -11.210 -7.190  1.00 12.08 ? 628 HOH A O   1 
HETATM 1522 O O   . HOH C 3 .   ? 16.862  -7.433  5.307   0.70 15.36 ? 629 HOH A O   1 
HETATM 1523 O O   . HOH C 3 .   ? -12.145 -3.643  4.744   1.00 20.24 ? 630 HOH A O   1 
HETATM 1524 O O   . HOH C 3 .   ? 14.029  -16.689 -0.318  1.00 26.23 ? 631 HOH A O   1 
HETATM 1525 O O   . HOH C 3 .   ? -10.220 -10.633 -6.426  0.50 13.36 ? 632 HOH A O   1 
HETATM 1526 O O   . HOH C 3 .   ? 17.142  -14.791 -3.035  1.00 20.64 ? 633 HOH A O   1 
HETATM 1527 O O   . HOH C 3 .   ? -9.822  -13.229 -8.916  1.00 19.05 ? 634 HOH A O   1 
HETATM 1528 O O   . HOH C 3 .   ? 17.197  6.408   -3.992  1.00 20.74 ? 635 HOH A O   1 
HETATM 1529 O O   . HOH C 3 .   ? 12.710  -19.010 -4.071  0.70 17.40 ? 636 HOH A O   1 
HETATM 1530 O O   . HOH C 3 .   ? 16.784  -17.137 -1.525  0.40 11.51 ? 637 HOH A O   1 
HETATM 1531 O O   . HOH C 3 .   ? 19.762  2.881   -4.635  0.70 23.66 ? 638 HOH A O   1 
HETATM 1532 O O   . HOH C 3 .   ? 0.866   12.006  14.573  1.00 19.64 ? 639 HOH A O   1 
HETATM 1533 O O   . HOH C 3 .   ? -0.819  -10.033 16.092  1.00 22.10 ? 640 HOH A O   1 
HETATM 1534 O O   . HOH C 3 .   ? -11.717 -8.806  -11.791 0.70 23.39 ? 641 HOH A O   1 
HETATM 1535 O O   . HOH C 3 .   ? 11.735  -7.605  11.299  0.70 20.43 ? 642 HOH A O   1 
HETATM 1536 O O   . HOH C 3 .   ? -11.896 -11.588 -8.229  0.70 18.42 ? 643 HOH A O   1 
HETATM 1537 O O   . HOH C 3 .   ? -18.414 -0.935  -8.797  1.00 21.32 ? 644 HOH A O   1 
HETATM 1538 O O   . HOH C 3 .   ? -1.592  -18.352 11.150  0.50 11.31 ? 645 HOH A O   1 
HETATM 1539 O O   . HOH C 3 .   ? 6.807   -1.801  15.657  1.00 20.72 ? 646 HOH A O   1 
HETATM 1540 O O   . HOH C 3 .   ? 18.766  1.988   -6.991  0.40 23.38 ? 647 HOH A O   1 
HETATM 1541 O O   . HOH C 3 .   ? 8.511   -4.917  13.926  0.60 22.16 ? 648 HOH A O   1 
HETATM 1542 O O   . HOH C 3 .   ? 4.848   11.923  16.509  1.00 22.07 ? 649 HOH A O   1 
HETATM 1543 O O   . HOH C 3 .   ? 22.852  -14.481 1.124   1.00 27.06 ? 650 HOH A O   1 
HETATM 1544 O O   . HOH C 3 .   ? 1.014   -5.945  17.961  1.00 22.28 ? 651 HOH A O   1 
HETATM 1545 O O   . HOH C 3 .   ? -10.509 -8.975  -14.017 0.30 10.62 ? 652 HOH A O   1 
HETATM 1546 O O   . HOH C 3 .   ? 1.035   -19.007 -7.315  0.50 19.78 ? 653 HOH A O   1 
HETATM 1547 O O   . HOH C 3 .   ? -0.689  -18.412 -5.799  1.00 19.19 ? 654 HOH A O   1 
HETATM 1548 O O   . HOH C 3 .   ? 8.130   15.536  -10.883 1.00 11.18 ? 655 HOH A O   1 
HETATM 1549 O O   . HOH C 3 .   ? -4.341  -7.301  -16.764 1.00 28.29 ? 656 HOH A O   1 
HETATM 1550 O O   . HOH C 3 .   ? -4.176  0.939   16.941  1.00 13.85 ? 657 HOH A O   1 
HETATM 1551 O O   . HOH C 3 .   ? 19.720  -12.168 -2.108  0.70 14.78 ? 658 HOH A O   1 
HETATM 1552 O O   . HOH C 3 .   ? 16.511  3.106   0.906   1.00 27.16 ? 659 HOH A O   1 
HETATM 1553 O O   . HOH C 3 .   ? -0.926  6.689   -10.344 0.70 9.41  ? 660 HOH A O   1 
HETATM 1554 O O   A HOH C 3 .   ? -5.373  -18.652 8.306   0.60 17.25 ? 661 HOH A O   1 
HETATM 1555 O O   B HOH C 3 .   ? -4.668  -20.054 7.805   0.40 14.30 ? 662 HOH A O   1 
HETATM 1556 O O   . HOH C 3 .   ? -17.477 -2.214  -12.963 0.50 9.09  ? 663 HOH A O   1 
HETATM 1557 O O   . HOH C 3 .   ? -8.240  -0.345  8.632   0.80 21.61 ? 664 HOH A O   1 
HETATM 1558 O O   . HOH C 3 .   ? 7.937   -5.708  11.555  0.70 18.87 ? 665 HOH A O   1 
HETATM 1559 O O   . HOH C 3 .   ? -6.728  1.125   -16.965 0.50 25.85 ? 666 HOH A O   1 
HETATM 1560 O O   . HOH C 3 .   ? -12.190 -3.166  -17.030 0.50 21.98 ? 667 HOH A O   1 
HETATM 1561 O O   A HOH C 3 .   ? 4.214   -18.384 12.876  0.50 25.16 ? 668 HOH A O   1 
HETATM 1562 O O   B HOH C 3 .   ? 2.812   -17.884 13.103  0.50 19.76 ? 668 HOH A O   1 
HETATM 1563 O O   . HOH C 3 .   ? 2.982   -19.149 7.605   0.80 25.69 ? 669 HOH A O   1 
HETATM 1564 O O   . HOH C 3 .   ? -16.082 2.464   10.843  0.70 20.53 ? 670 HOH A O   1 
HETATM 1565 O O   . HOH C 3 .   ? -10.603 -5.331  -17.317 1.00 30.95 ? 671 HOH A O   1 
HETATM 1566 O O   . HOH C 3 .   ? 18.410  6.248   -6.307  1.00 21.59 ? 672 HOH A O   1 
HETATM 1567 O O   . HOH C 3 .   ? 9.622   -2.317  12.675  1.00 23.79 ? 673 HOH A O   1 
HETATM 1568 O O   . HOH C 3 .   ? -20.795 -4.327  -5.139  1.00 26.51 ? 674 HOH A O   1 
HETATM 1569 O O   . HOH C 3 .   ? -0.029  -13.564 10.172  0.30 10.31 ? 675 HOH A O   1 
HETATM 1570 O O   . HOH C 3 .   ? -3.676  -14.421 9.091   1.00 18.18 ? 676 HOH A O   1 
HETATM 1571 O O   . HOH C 3 .   ? 12.641  -9.640  10.089  0.70 14.77 ? 677 HOH A O   1 
HETATM 1572 O O   . HOH C 3 .   ? 5.828   17.442  -13.893 0.80 12.07 ? 678 HOH A O   1 
HETATM 1573 O O   . HOH C 3 .   ? -1.846  12.980  -13.459 0.70 7.20  ? 679 HOH A O   1 
HETATM 1574 O O   . HOH C 3 .   ? -9.659  15.681  -7.075  1.00 11.34 ? 680 HOH A O   1 
HETATM 1575 O O   . HOH C 3 .   ? -7.297  4.976   -13.472 1.00 10.16 ? 681 HOH A O   1 
HETATM 1576 O O   . HOH C 3 .   ? -6.807  3.579   -15.879 0.70 15.02 ? 682 HOH A O   1 
HETATM 1577 O O   . HOH C 3 .   ? -10.651 3.489   -16.764 0.80 15.30 ? 683 HOH A O   1 
HETATM 1578 O O   . HOH C 3 .   ? -0.028  16.089  -2.031  1.00 9.45  ? 684 HOH A O   1 
HETATM 1579 O O   . HOH C 3 .   ? 5.007   3.871   14.920  1.00 22.10 ? 685 HOH A O   1 
HETATM 1580 O O   . HOH C 3 .   ? -2.630  17.988  0.763   1.00 15.13 ? 686 HOH A O   1 
HETATM 1581 O O   . HOH C 3 .   ? -4.785  19.468  0.187   1.00 15.69 ? 687 HOH A O   1 
HETATM 1582 O O   . HOH C 3 .   ? -2.429  7.587   2.341   1.00 7.83  ? 688 HOH A O   1 
HETATM 1583 O O   . HOH C 3 .   ? -8.702  9.438   1.612   1.00 5.61  ? 689 HOH A O   1 
HETATM 1584 O O   . HOH C 3 .   ? 4.679   17.669  0.354   1.00 15.68 ? 690 HOH A O   1 
HETATM 1585 O O   . HOH C 3 .   ? 2.401   14.819  -1.827  1.00 8.49  ? 691 HOH A O   1 
HETATM 1586 O O   . HOH C 3 .   ? 3.404   16.810  5.295   1.00 14.95 ? 692 HOH A O   1 
HETATM 1587 O O   . HOH C 3 .   ? -16.975 10.575  1.042   0.90 13.67 ? 693 HOH A O   1 
HETATM 1588 O O   . HOH C 3 .   ? -10.891 16.686  0.507   1.00 13.16 ? 694 HOH A O   1 
HETATM 1589 O O   . HOH C 3 .   ? -14.436 17.335  -0.051  0.70 22.53 ? 695 HOH A O   1 
HETATM 1590 O O   . HOH C 3 .   ? -11.900 4.375   -14.529 1.00 11.05 ? 696 HOH A O   1 
HETATM 1591 O O   . HOH C 3 .   ? -11.430 -15.036 5.498   0.60 32.40 ? 697 HOH A O   1 
HETATM 1592 O O   . HOH C 3 .   ? 10.363  16.011  0.521   0.70 16.21 ? 698 HOH A O   1 
HETATM 1593 O O   . HOH C 3 .   ? 7.503   17.244  -0.073  0.30 12.28 ? 699 HOH A O   1 
HETATM 1594 O O   . HOH C 3 .   ? 9.556   4.808   6.556   1.00 6.23  ? 700 HOH A O   1 
HETATM 1595 O O   . HOH C 3 .   ? 12.077  5.205   5.281   1.00 8.20  ? 701 HOH A O   1 
HETATM 1596 O O   . HOH C 3 .   ? -14.186 15.678  -5.178  1.00 20.26 ? 702 HOH A O   1 
HETATM 1597 O O   . HOH C 3 .   ? -17.923 -0.745  8.050   1.00 19.34 ? 703 HOH A O   1 
HETATM 1598 O O   . HOH C 3 .   ? -17.684 -3.675  4.802   0.60 21.19 ? 704 HOH A O   1 
HETATM 1599 O O   . HOH C 3 .   ? 13.050  10.901  6.588   1.00 9.74  ? 705 HOH A O   1 
HETATM 1600 O O   . HOH C 3 .   ? 14.079  6.555   6.546   1.00 13.56 ? 706 HOH A O   1 
HETATM 1601 O O   . HOH C 3 .   ? -20.493 8.122   5.860   1.00 11.05 ? 707 HOH A O   1 
HETATM 1602 O O   . HOH C 3 .   ? 17.682  3.900   -3.370  1.00 20.37 ? 708 HOH A O   1 
HETATM 1603 O O   . HOH C 3 .   ? 11.271  7.412   10.398  1.00 11.24 ? 709 HOH A O   1 
HETATM 1604 O O   . HOH C 3 .   ? 13.887  10.397  9.161   1.00 12.09 ? 710 HOH A O   1 
HETATM 1605 O O   . HOH C 3 .   ? 9.152   17.043  2.677   1.00 16.64 ? 711 HOH A O   1 
HETATM 1606 O O   . HOH C 3 .   ? 9.752   16.243  8.862   1.00 16.72 ? 712 HOH A O   1 
HETATM 1607 O O   . HOH C 3 .   ? 7.644   16.763  6.886   1.00 13.93 ? 713 HOH A O   1 
HETATM 1608 O O   . HOH C 3 .   ? 7.392   11.148  15.476  1.00 25.38 ? 714 HOH A O   1 
HETATM 1609 O O   . HOH C 3 .   ? 6.731   14.553  13.510  1.00 27.15 ? 715 HOH A O   1 
HETATM 1610 O O   . HOH C 3 .   ? -0.272  -8.237  -13.192 1.00 15.65 ? 716 HOH A O   1 
HETATM 1611 O O   . HOH C 3 .   ? -3.405  -10.538 -14.361 1.00 25.98 ? 717 HOH A O   1 
HETATM 1612 O O   . HOH C 3 .   ? 8.859   4.892   14.438  1.00 21.63 ? 718 HOH A O   1 
HETATM 1613 O O   . HOH C 3 .   ? 12.584  7.224   12.733  1.00 26.41 ? 719 HOH A O   1 
HETATM 1614 O O   . HOH C 3 .   ? 6.713   9.989   8.319   1.00 6.80  ? 720 HOH A O   1 
HETATM 1615 O O   . HOH C 3 .   ? 8.557   -21.271 2.687   1.00 26.22 ? 721 HOH A O   1 
HETATM 1616 O O   . HOH C 3 .   ? 17.001  -18.347 2.380   1.00 20.07 ? 722 HOH A O   1 
HETATM 1617 O O   . HOH C 3 .   ? 7.454   3.560   12.352  1.00 12.87 ? 723 HOH A O   1 
HETATM 1618 O O   . HOH C 3 .   ? 9.932   5.324   9.245   1.00 8.43  ? 724 HOH A O   1 
HETATM 1619 O O   . HOH C 3 .   ? -10.561 -18.772 3.804   0.70 25.17 ? 725 HOH A O   1 
HETATM 1620 O O   . HOH C 3 .   ? -19.702 2.730   1.835   0.80 16.73 ? 726 HOH A O   1 
HETATM 1621 O O   . HOH C 3 .   ? 9.694   2.855   10.527  1.00 10.87 ? 727 HOH A O   1 
HETATM 1622 O O   . HOH C 3 .   ? 13.828  3.163   4.384   1.00 10.72 ? 728 HOH A O   1 
HETATM 1623 O O   . HOH C 3 .   ? 16.431  4.723   7.168   1.00 31.76 ? 729 HOH A O   1 
HETATM 1624 O O   . HOH C 3 .   ? 11.729  -5.197  10.186  1.00 17.86 ? 730 HOH A O   1 
HETATM 1625 O O   . HOH C 3 .   ? -4.997  6.697   -13.540 1.00 12.02 ? 731 HOH A O   1 
HETATM 1626 O O   . HOH C 3 .   ? 3.649   -2.482  5.893   1.00 12.82 ? 732 HOH A O   1 
HETATM 1627 O O   . HOH C 3 .   ? 15.790  -1.049  -8.675  1.00 21.68 ? 733 HOH A O   1 
HETATM 1628 O O   . HOH C 3 .   ? 3.597   -4.725  9.532   1.00 8.57  ? 734 HOH A O   1 
HETATM 1629 O O   . HOH C 3 .   ? 3.015   -9.216  9.967   1.00 14.25 ? 735 HOH A O   1 
HETATM 1630 O O   . HOH C 3 .   ? 1.129   -4.361  7.856   1.00 6.60  ? 736 HOH A O   1 
HETATM 1631 O O   . HOH C 3 .   ? 9.728   -13.023 -11.201 1.00 7.59  ? 737 HOH A O   1 
HETATM 1632 O O   . HOH C 3 .   ? 14.511  -8.638  -8.421  0.50 15.53 ? 738 HOH A O   1 
HETATM 1633 O O   . HOH C 3 .   ? 5.753   -7.644  -15.128 1.00 21.27 ? 739 HOH A O   1 
HETATM 1634 O O   . HOH C 3 .   ? 4.275   -11.354 5.907   1.00 8.41  ? 740 HOH A O   1 
HETATM 1635 O O   . HOH C 3 .   ? 0.399   -13.080 7.404   1.00 12.64 ? 741 HOH A O   1 
HETATM 1636 O O   . HOH C 3 .   ? -5.983  -6.784  7.719   1.00 9.22  ? 742 HOH A O   1 
HETATM 1637 O O   . HOH C 3 .   ? -3.500  -12.013 7.804   0.80 13.79 ? 743 HOH A O   1 
HETATM 1638 O O   . HOH C 3 .   ? -0.659  -15.976 -6.837  1.00 12.22 ? 744 HOH A O   1 
HETATM 1639 O O   . HOH C 3 .   ? -1.757  -19.906 -1.716  0.50 16.41 ? 745 HOH A O   1 
HETATM 1640 O O   . HOH C 3 .   ? -8.718  -20.650 4.047   0.50 17.65 ? 746 HOH A O   1 
HETATM 1641 O O   . HOH C 3 .   ? -0.113  -20.999 2.195   1.00 22.87 ? 747 HOH A O   1 
HETATM 1642 O O   . HOH C 3 .   ? -13.917 2.493   -14.558 1.00 14.58 ? 748 HOH A O   1 
HETATM 1643 O O   . HOH C 3 .   ? -13.170 -0.070  -14.026 1.00 12.55 ? 749 HOH A O   1 
HETATM 1644 O O   . HOH C 3 .   ? 2.720   -22.096 5.650   1.00 19.51 ? 750 HOH A O   1 
HETATM 1645 O O   . HOH C 3 .   ? 1.715   -22.838 3.128   1.00 30.18 ? 751 HOH A O   1 
HETATM 1646 O O   . HOH C 3 .   ? -6.768  -16.787 -3.179  1.00 17.86 ? 752 HOH A O   1 
HETATM 1647 O O   . HOH C 3 .   ? 12.904  -20.850 0.634   1.00 26.53 ? 753 HOH A O   1 
HETATM 1648 O O   . HOH C 3 .   ? -2.807  -15.936 -8.663  1.00 21.66 ? 754 HOH A O   1 
HETATM 1649 O O   . HOH C 3 .   ? -5.353  -13.785 -11.201 1.00 22.93 ? 755 HOH A O   1 
HETATM 1650 O O   . HOH C 3 .   ? -7.125  -17.379 -9.687  0.40 24.04 ? 756 HOH A O   1 
HETATM 1651 O O   . HOH C 3 .   ? 13.669  -4.663  8.123   1.00 19.04 ? 757 HOH A O   1 
HETATM 1652 O O   . HOH C 3 .   ? 13.530  -0.812  10.319  1.00 18.98 ? 758 HOH A O   1 
HETATM 1653 O O   . HOH C 3 .   ? 12.272  13.653  -4.090  0.70 18.52 ? 759 HOH A O   1 
HETATM 1654 O O   . HOH C 3 .   ? -10.453 -5.757  6.017   0.50 17.35 ? 760 HOH A O   1 
HETATM 1655 O O   . HOH C 3 .   ? 5.540   1.517   16.245  0.50 15.64 ? 761 HOH A O   1 
HETATM 1656 O O   . HOH C 3 .   ? 7.015   0.887   12.912  1.00 14.34 ? 762 HOH A O   1 
HETATM 1657 O O   . HOH C 3 .   ? -1.387  0.687   17.376  1.00 14.12 ? 763 HOH A O   1 
HETATM 1658 O O   . HOH C 3 .   ? 0.964   -1.851  19.627  1.00 11.90 ? 764 HOH A O   1 
HETATM 1659 O O   . HOH C 3 .   ? -10.482 2.521   12.420  1.00 11.86 ? 765 HOH A O   1 
HETATM 1660 O O   . HOH C 3 .   ? -3.206  -1.398  19.672  1.00 11.74 ? 766 HOH A O   1 
HETATM 1661 O O   . HOH C 3 .   ? -1.417  -2.941  20.651  1.00 15.48 ? 767 HOH A O   1 
HETATM 1662 O O   . HOH C 3 .   ? 0.278   -10.528 10.962  1.00 19.97 ? 768 HOH A O   1 
HETATM 1663 O O   . HOH C 3 .   ? -4.366  -10.102 9.328   0.60 11.91 ? 769 HOH A O   1 
HETATM 1664 O O   . HOH C 3 .   ? -2.591  -10.527 10.922  1.00 20.94 ? 770 HOH A O   1 
HETATM 1665 O O   . HOH C 3 .   ? -5.505  -8.726  13.255  1.00 9.84  ? 771 HOH A O   1 
HETATM 1666 O O   . HOH C 3 .   ? -3.707  -6.165  17.880  1.00 12.87 ? 772 HOH A O   1 
HETATM 1667 O O   . HOH C 3 .   ? -8.537  -2.163  10.687  1.00 16.01 ? 773 HOH A O   1 
HETATM 1668 O O   . HOH C 3 .   ? -8.472  -0.640  14.821  1.00 21.02 ? 774 HOH A O   1 
HETATM 1669 O O   . HOH C 3 .   ? -5.051  11.221  -13.202 0.70 8.20  ? 775 HOH A O   1 
HETATM 1670 O O   . HOH C 3 .   ? -4.199  2.191   9.279   1.00 7.30  ? 776 HOH A O   1 
HETATM 1671 O O   . HOH C 3 .   ? -4.395  2.771   15.043  1.00 16.51 ? 777 HOH A O   1 
HETATM 1672 O O   . HOH C 3 .   ? 5.326   6.190   16.245  1.00 16.45 ? 778 HOH A O   1 
HETATM 1673 O O   . HOH C 3 .   ? 2.379   10.527  16.093  1.00 16.95 ? 779 HOH A O   1 
HETATM 1674 O O   . HOH C 3 .   ? 3.204   13.889  -12.919 1.00 9.71  ? 780 HOH A O   1 
HETATM 1675 O O   . HOH C 3 .   ? -2.242  9.234   15.984  1.00 9.48  ? 781 HOH A O   1 
HETATM 1676 O O   . HOH C 3 .   ? -7.165  3.409   15.852  1.00 18.88 ? 782 HOH A O   1 
HETATM 1677 O O   . HOH C 3 .   ? -8.749  13.054  2.958   1.00 6.49  ? 783 HOH A O   1 
HETATM 1678 O O   . HOH C 3 .   ? -16.948 8.406   2.770   1.00 8.80  ? 784 HOH A O   1 
HETATM 1679 O O   . HOH C 3 .   ? -14.992 11.367  -0.428  1.00 22.48 ? 785 HOH A O   1 
HETATM 1680 O O   . HOH C 3 .   ? -13.584 14.382  2.265   1.00 20.84 ? 786 HOH A O   1 
HETATM 1681 O O   . HOH C 3 .   ? -12.140 4.881   4.979   1.00 5.59  ? 787 HOH A O   1 
HETATM 1682 O O   . HOH C 3 .   ? -8.560  17.044  -1.041  1.00 8.85  ? 788 HOH A O   1 
HETATM 1683 O O   . HOH C 3 .   ? -12.806 15.959  -1.097  0.50 14.59 ? 789 HOH A O   1 
HETATM 1684 O O   . HOH C 3 .   ? -11.703 15.675  -3.603  0.70 11.77 ? 790 HOH A O   1 
HETATM 1685 O O   . HOH C 3 .   ? -9.458  8.730   -5.995  1.00 5.54  ? 791 HOH A O   1 
HETATM 1686 O O   . HOH C 3 .   ? -15.857 10.969  -5.049  1.00 14.01 ? 792 HOH A O   1 
HETATM 1687 O O   . HOH C 3 .   ? -15.725 11.227  -7.949  1.00 26.30 ? 793 HOH A O   1 
HETATM 1688 O O   . HOH C 3 .   ? -11.946 14.460  -8.200  1.00 15.93 ? 794 HOH A O   1 
HETATM 1689 O O   . HOH C 3 .   ? -14.731 9.068   -11.637 1.00 13.37 ? 795 HOH A O   1 
HETATM 1690 O O   . HOH C 3 .   ? -10.815 6.373   -5.381  1.00 6.12  ? 796 HOH A O   1 
HETATM 1691 O O   . HOH C 3 .   ? -17.797 6.404   -6.701  1.00 28.22 ? 797 HOH A O   1 
HETATM 1692 O O   . HOH C 3 .   ? -7.004  3.964   -10.991 1.00 8.65  ? 798 HOH A O   1 
HETATM 1693 O O   . HOH C 3 .   ? -17.657 4.130   -8.953  1.00 17.65 ? 799 HOH A O   1 
HETATM 1694 O O   . HOH C 3 .   ? -16.547 9.074   -9.333  1.00 20.12 ? 800 HOH A O   1 
HETATM 1695 O O   . HOH C 3 .   ? -9.994  5.441   -12.771 1.00 7.59  ? 801 HOH A O   1 
HETATM 1696 O O   . HOH C 3 .   ? -11.092 -1.311  -15.588 1.00 14.48 ? 802 HOH A O   1 
HETATM 1697 O O   . HOH C 3 .   ? -8.354  -4.981  -15.569 0.90 20.90 ? 803 HOH A O   1 
HETATM 1698 O O   . HOH C 3 .   ? -3.601  6.051   -11.034 1.00 12.53 ? 804 HOH A O   1 
HETATM 1699 O O   . HOH C 3 .   ? -5.691  2.702   6.217   1.00 8.71  ? 805 HOH A O   1 
HETATM 1700 O O   . HOH C 3 .   ? -13.849 -1.783  4.924   1.00 25.39 ? 806 HOH A O   1 
HETATM 1701 O O   . HOH C 3 .   ? -14.788 -0.125  3.221   0.80 24.58 ? 807 HOH A O   1 
HETATM 1702 O O   . HOH C 3 .   ? -15.025 -0.713  11.658  1.00 17.03 ? 808 HOH A O   1 
HETATM 1703 O O   . HOH C 3 .   ? -15.811 -2.185  6.775   1.00 21.82 ? 809 HOH A O   1 
HETATM 1704 O O   . HOH C 3 .   ? -15.420 12.344  4.089   1.00 15.13 ? 810 HOH A O   1 
HETATM 1705 O O   . HOH C 3 .   ? -18.577 9.763   4.477   1.00 12.36 ? 811 HOH A O   1 
HETATM 1706 O O   . HOH C 3 .   ? -10.352 4.261   1.703   1.00 9.81  ? 812 HOH A O   1 
HETATM 1707 O O   . HOH C 3 .   ? -1.915  -9.917  -11.943 1.00 14.09 ? 813 HOH A O   1 
HETATM 1708 O O   . HOH C 3 .   ? -8.063  -2.999  -9.168  1.00 9.92  ? 814 HOH A O   1 
HETATM 1709 O O   . HOH C 3 .   ? -13.806 -6.649  -10.556 1.00 10.86 ? 815 HOH A O   1 
HETATM 1710 O O   . HOH C 3 .   ? -16.853 -7.098  -12.917 1.00 24.41 ? 816 HOH A O   1 
HETATM 1711 O O   . HOH C 3 .   ? -18.336 -6.816  -8.657  1.00 9.13  ? 817 HOH A O   1 
HETATM 1712 O O   . HOH C 3 .   ? -19.561 -5.486  -11.588 1.00 13.81 ? 818 HOH A O   1 
HETATM 1713 O O   . HOH C 3 .   ? -18.130 -3.659  -1.783  1.00 22.04 ? 819 HOH A O   1 
HETATM 1714 O O   . HOH C 3 .   ? -13.383 -7.264  -0.473  1.00 11.12 ? 820 HOH A O   1 
HETATM 1715 O O   . HOH C 3 .   ? -13.220 -0.823  -11.484 1.00 10.22 ? 821 HOH A O   1 
HETATM 1716 O O   . HOH C 3 .   ? -19.518 1.590   -3.502  1.00 28.39 ? 822 HOH A O   1 
HETATM 1717 O O   . HOH C 3 .   ? -17.762 4.572   1.080   1.00 8.24  ? 823 HOH A O   1 
HETATM 1718 O O   . HOH C 3 .   ? -19.329 6.036   -2.490  0.80 9.68  ? 824 HOH A O   1 
HETATM 1719 O O   . HOH C 3 .   ? -15.409 4.361   2.456   1.00 7.80  ? 825 HOH A O   1 
HETATM 1720 O O   A HOH C 3 .   ? -14.663 -2.761  1.983   0.50 12.94 ? 826 HOH A O   1 
HETATM 1721 O O   B HOH C 3 .   ? -13.762 -3.751  1.601   0.50 16.11 ? 826 HOH A O   1 
HETATM 1722 O O   . HOH C 3 .   ? -13.006 4.134   -5.325  1.00 7.03  ? 827 HOH A O   1 
HETATM 1723 O O   . HOH C 3 .   ? -3.336  17.141  11.691  1.00 11.84 ? 828 HOH A O   1 
HETATM 1724 O O   . HOH C 3 .   ? 6.236   -1.442  -15.322 1.00 28.42 ? 829 HOH A O   1 
HETATM 1725 O O   . HOH C 3 .   ? 8.834   0.470   -15.530 1.00 11.97 ? 830 HOH A O   1 
HETATM 1726 O O   . HOH C 3 .   ? 14.445  1.432   -13.185 1.00 7.98  ? 831 HOH A O   1 
HETATM 1727 O O   . HOH C 3 .   ? 10.866  2.098   -14.588 1.00 7.71  ? 832 HOH A O   1 
HETATM 1728 O O   . HOH C 3 .   ? 11.574  -3.079  -9.876  1.00 9.37  ? 833 HOH A O   1 
HETATM 1729 O O   . HOH C 3 .   ? 14.483  -2.604  -11.752 1.00 18.99 ? 834 HOH A O   1 
HETATM 1730 O O   . HOH C 3 .   ? 14.241  0.683   -9.756  1.00 12.76 ? 835 HOH A O   1 
# 
